data_7W1F
#
_entry.id   7W1F
#
_cell.length_a   88.077
_cell.length_b   131.017
_cell.length_c   136.462
_cell.angle_alpha   90.000
_cell.angle_beta   90.000
_cell.angle_gamma   90.000
#
_symmetry.space_group_name_H-M   'P 21 21 2'
#
loop_
_entity.id
_entity.type
_entity.pdbx_description
1 polymer 'Probable deoxyguanosinetriphosphate triphosphohydrolase'
2 non-polymer 'NICKEL (II) ION'
#
_entity_poly.entity_id   1
_entity_poly.type   'polypeptide(L)'
_entity_poly.pdbx_seq_one_letter_code
;GSAKDPMPGAVDFKERISRQRPHDRETYGHAGNTDLQDIVYQLESDRGRIVNSAAVRRLQQKTQVFPLERNAAVRSRLTH
SLEVQQTGRFIVRTLFRQLGPRAAEVGLDGLEGALESLVEMACLMHDVGNPPFGHFGEYAINDWFERNLDALFERRVPPG
QGDGLLQQRMLTDLKHFEGNAQAIRLVVKLLRLNLTYTQTAGLLKYVRPAYEPKPDKAAANHYLNKKPGFYLSEEAFVDE
LRQVLGMRPGTRHPVAYIMEAADDISYCLADIEDSVEKGILDIRQLADLLVKKFAVHHSPDAPIPGDADNMSFQRMVDYS
LEKAEREPINKVSEFFIRLRVKMIHPLVQHAAQQFIDNLEAVHAGTLGRALMEDGSLPHAIVQTFKDVAMEWVFCHPEVE
TLELQGYRIIQGLLDFYAPLLRLPAEEFQALAEGRQAAAPHPQLLVRRLPSQQIKAYLEAMKGVAEDPLQRQWEFYHRCR
MLQDFVSGMTDQHAQDEYRALSAL
;
_entity_poly.pdbx_strand_id   A,B,C
#
# COMPACT_ATOMS: atom_id res chain seq x y z
N GLU A 15 13.46 54.73 7.88
CA GLU A 15 12.29 54.56 7.03
C GLU A 15 11.43 53.40 7.51
N ARG A 16 11.23 52.40 6.64
CA ARG A 16 10.49 51.20 6.98
C ARG A 16 11.36 50.12 7.62
N ILE A 17 12.38 50.52 8.40
CA ILE A 17 13.37 49.58 8.92
C ILE A 17 13.67 49.86 10.39
N SER A 18 13.02 49.09 11.28
CA SER A 18 13.24 49.15 12.72
C SER A 18 14.19 48.04 13.15
N ARG A 19 14.54 48.04 14.44
CA ARG A 19 15.35 46.97 15.02
C ARG A 19 14.59 46.20 16.09
N GLN A 20 13.28 46.44 16.23
CA GLN A 20 12.49 45.80 17.28
C GLN A 20 12.14 44.37 16.93
N ARG A 21 12.36 43.46 17.88
CA ARG A 21 12.01 42.05 17.87
C ARG A 21 10.78 41.80 18.74
N PRO A 22 10.03 40.72 18.49
CA PRO A 22 8.83 40.44 19.30
C PRO A 22 9.10 40.26 20.80
N HIS A 23 10.29 39.79 21.19
CA HIS A 23 10.62 39.71 22.62
C HIS A 23 11.13 41.05 23.15
N ASN A 33 16.00 58.17 14.08
CA ASN A 33 14.93 57.54 14.83
C ASN A 33 15.48 56.47 15.76
N THR A 34 16.64 55.92 15.40
CA THR A 34 17.33 54.90 16.19
C THR A 34 18.78 54.83 15.72
N ASP A 35 19.62 54.25 16.56
CA ASP A 35 21.02 54.08 16.20
C ASP A 35 21.13 53.15 15.00
N LEU A 36 21.76 53.62 13.93
CA LEU A 36 21.86 52.81 12.71
C LEU A 36 22.71 51.57 12.92
N GLN A 37 23.81 51.69 13.67
CA GLN A 37 24.67 50.53 13.90
C GLN A 37 23.97 49.48 14.73
N ASP A 38 23.08 49.90 15.63
CA ASP A 38 22.32 48.93 16.43
C ASP A 38 21.44 48.06 15.55
N ILE A 39 20.81 48.64 14.53
CA ILE A 39 20.02 47.85 13.59
C ILE A 39 20.90 46.88 12.82
N VAL A 40 22.07 47.36 12.37
CA VAL A 40 22.99 46.51 11.60
C VAL A 40 23.48 45.34 12.43
N TYR A 41 23.76 45.58 13.72
CA TYR A 41 24.11 44.46 14.59
C TYR A 41 22.92 43.54 14.78
N GLN A 42 21.73 44.10 15.01
CA GLN A 42 20.54 43.27 15.20
C GLN A 42 20.22 42.47 13.96
N LEU A 43 20.30 43.11 12.79
CA LEU A 43 20.07 42.40 11.53
C LEU A 43 21.17 41.39 11.25
N GLU A 44 22.40 41.65 11.71
CA GLU A 44 23.44 40.65 11.57
C GLU A 44 23.17 39.45 12.47
N SER A 45 22.59 39.70 13.65
CA SER A 45 22.16 38.58 14.48
C SER A 45 21.03 37.82 13.82
N ASP A 46 20.11 38.53 13.15
CA ASP A 46 19.06 37.84 12.40
C ASP A 46 19.65 36.95 11.32
N ARG A 47 20.75 37.38 10.71
CA ARG A 47 21.45 36.54 9.75
C ARG A 47 21.87 35.22 10.38
N GLY A 48 22.54 35.30 11.53
CA GLY A 48 22.97 34.08 12.21
C GLY A 48 21.81 33.21 12.64
N ARG A 49 20.73 33.83 13.13
CA ARG A 49 19.58 33.04 13.57
C ARG A 49 19.03 32.24 12.40
N ILE A 50 19.00 32.84 11.22
CA ILE A 50 18.43 32.18 10.05
C ILE A 50 19.35 31.06 9.55
N VAL A 51 20.65 31.35 9.40
CA VAL A 51 21.56 30.36 8.84
C VAL A 51 21.65 29.14 9.74
N ASN A 52 21.60 29.34 11.05
CA ASN A 52 21.68 28.26 12.02
C ASN A 52 20.35 27.56 12.25
N SER A 53 19.27 28.04 11.63
CA SER A 53 17.94 27.51 11.83
C SER A 53 17.75 26.19 11.10
N ALA A 54 16.81 25.39 11.60
CA ALA A 54 16.45 24.15 10.91
C ALA A 54 15.64 24.42 9.64
N ALA A 55 14.96 25.57 9.56
CA ALA A 55 14.19 25.87 8.37
C ALA A 55 15.08 25.88 7.14
N VAL A 56 16.28 26.44 7.26
CA VAL A 56 17.24 26.42 6.17
C VAL A 56 17.75 25.00 5.92
N ARG A 57 18.02 24.25 6.99
CA ARG A 57 18.54 22.90 6.83
C ARG A 57 17.58 21.99 6.07
N ARG A 58 16.28 22.16 6.28
CA ARG A 58 15.34 21.31 5.56
C ARG A 58 15.39 21.56 4.06
N LEU A 59 15.74 22.79 3.66
CA LEU A 59 15.77 23.11 2.25
C LEU A 59 16.80 22.29 1.49
N GLN A 60 17.83 21.78 2.17
CA GLN A 60 18.82 20.97 1.47
C GLN A 60 18.29 19.59 1.12
N GLN A 61 17.26 19.10 1.81
CA GLN A 61 16.69 17.78 1.63
C GLN A 61 15.32 17.84 0.96
N LYS A 62 14.95 19.00 0.42
CA LYS A 62 13.71 19.14 -0.34
C LYS A 62 14.09 19.41 -1.78
N THR A 63 13.61 18.57 -2.68
CA THR A 63 13.98 18.76 -4.07
C THR A 63 13.32 20.00 -4.66
N GLN A 64 14.05 20.63 -5.57
CA GLN A 64 13.58 21.81 -6.26
C GLN A 64 12.75 21.42 -7.48
N VAL A 65 13.34 20.63 -8.39
CA VAL A 65 12.66 20.14 -9.59
C VAL A 65 12.84 18.62 -9.75
N PHE A 66 14.11 18.16 -9.98
CA PHE A 66 14.48 16.76 -10.18
C PHE A 66 14.69 16.07 -8.84
N PRO A 67 14.11 14.89 -8.62
CA PRO A 67 14.17 14.27 -7.28
C PRO A 67 15.61 14.06 -6.82
N LEU A 68 15.89 14.51 -5.59
CA LEU A 68 17.24 14.45 -5.07
C LEU A 68 17.71 13.00 -4.88
N GLU A 69 16.79 12.06 -4.63
CA GLU A 69 17.19 10.67 -4.45
C GLU A 69 17.82 10.11 -5.72
N ARG A 70 17.41 10.61 -6.90
CA ARG A 70 17.86 10.12 -8.19
C ARG A 70 18.87 11.02 -8.89
N ASN A 71 19.11 12.24 -8.38
CA ASN A 71 20.03 13.16 -9.03
C ASN A 71 21.01 13.73 -8.01
N ALA A 72 22.30 13.68 -8.34
CA ALA A 72 23.31 14.07 -7.37
C ALA A 72 23.47 15.59 -7.29
N ALA A 73 24.01 16.20 -8.33
CA ALA A 73 24.38 17.61 -8.23
C ALA A 73 23.26 18.54 -8.65
N VAL A 74 22.05 18.17 -8.38
CA VAL A 74 20.90 18.93 -8.82
C VAL A 74 20.56 19.93 -7.73
N ARG A 75 20.00 21.08 -8.11
CA ARG A 75 19.64 22.09 -7.15
C ARG A 75 18.53 21.62 -6.23
N SER A 76 18.68 21.95 -4.94
CA SER A 76 17.65 21.71 -3.96
C SER A 76 17.00 23.04 -3.63
N ARG A 77 16.09 23.06 -2.67
CA ARG A 77 15.50 24.35 -2.36
C ARG A 77 16.59 25.26 -1.78
N LEU A 78 17.53 24.67 -1.06
CA LEU A 78 18.59 25.48 -0.47
C LEU A 78 19.51 26.06 -1.54
N THR A 79 19.93 25.24 -2.51
CA THR A 79 20.80 25.76 -3.58
C THR A 79 20.06 26.74 -4.49
N HIS A 80 18.77 26.51 -4.76
CA HIS A 80 17.97 27.54 -5.44
C HIS A 80 17.93 28.82 -4.61
N SER A 81 17.62 28.70 -3.33
CA SER A 81 17.50 29.87 -2.48
C SER A 81 18.83 30.62 -2.35
N LEU A 82 19.95 29.91 -2.38
CA LEU A 82 21.25 30.58 -2.28
C LEU A 82 21.53 31.47 -3.50
N GLU A 83 21.17 30.98 -4.70
CA GLU A 83 21.31 31.81 -5.90
C GLU A 83 20.41 33.04 -5.82
N VAL A 84 19.16 32.84 -5.41
CA VAL A 84 18.25 33.97 -5.27
C VAL A 84 18.82 34.97 -4.28
N GLN A 85 19.48 34.48 -3.22
CA GLN A 85 20.13 35.37 -2.27
C GLN A 85 21.18 36.24 -2.95
N GLN A 86 22.01 35.66 -3.81
CA GLN A 86 23.01 36.44 -4.52
C GLN A 86 22.36 37.40 -5.49
N THR A 87 21.39 36.92 -6.28
CA THR A 87 20.69 37.80 -7.21
C THR A 87 20.04 38.94 -6.46
N GLY A 88 19.45 38.66 -5.31
CA GLY A 88 18.87 39.71 -4.50
C GLY A 88 19.91 40.68 -4.00
N ARG A 89 21.09 40.17 -3.63
CA ARG A 89 22.20 41.03 -3.26
C ARG A 89 22.63 41.90 -4.43
N PHE A 90 22.79 41.29 -5.61
CA PHE A 90 23.17 42.04 -6.80
C PHE A 90 22.15 43.12 -7.13
N ILE A 91 20.87 42.87 -6.88
CA ILE A 91 19.86 43.89 -7.13
C ILE A 91 20.06 45.06 -6.19
N VAL A 92 20.20 44.77 -4.88
CA VAL A 92 20.36 45.83 -3.90
C VAL A 92 21.64 46.61 -4.17
N ARG A 93 22.74 45.91 -4.45
CA ARG A 93 24.00 46.58 -4.74
C ARG A 93 23.88 47.46 -5.97
N THR A 94 23.31 46.93 -7.06
CA THR A 94 23.10 47.73 -8.25
C THR A 94 22.14 48.89 -8.00
N LEU A 95 21.13 48.68 -7.15
CA LEU A 95 20.14 49.72 -6.89
C LEU A 95 20.77 50.99 -6.31
N PHE A 96 21.59 50.84 -5.27
CA PHE A 96 22.15 52.03 -4.63
C PHE A 96 23.08 52.78 -5.58
N ARG A 97 23.77 52.07 -6.47
CA ARG A 97 24.61 52.76 -7.45
C ARG A 97 23.78 53.69 -8.32
N GLN A 98 22.60 53.24 -8.75
CA GLN A 98 21.74 54.05 -9.60
C GLN A 98 21.22 55.28 -8.85
N LEU A 99 20.69 55.06 -7.64
CA LEU A 99 20.15 56.19 -6.88
C LEU A 99 21.24 57.19 -6.53
N GLY A 100 22.41 56.71 -6.12
CA GLY A 100 23.54 57.55 -5.82
C GLY A 100 23.26 58.57 -4.75
N PRO A 101 23.51 59.85 -5.06
CA PRO A 101 23.20 60.90 -4.07
C PRO A 101 21.72 61.08 -3.86
N ARG A 102 20.89 60.74 -4.87
CA ARG A 102 19.46 60.87 -4.72
C ARG A 102 18.89 59.85 -3.74
N ALA A 103 19.68 58.84 -3.35
CA ALA A 103 19.22 57.86 -2.38
C ALA A 103 18.89 58.52 -1.05
N ALA A 104 19.61 59.58 -0.69
CA ALA A 104 19.34 60.28 0.56
C ALA A 104 17.94 60.89 0.57
N GLU A 105 17.47 61.37 -0.59
CA GLU A 105 16.17 62.03 -0.65
C GLU A 105 15.03 61.08 -0.24
N VAL A 106 15.09 59.83 -0.68
CA VAL A 106 14.02 58.90 -0.35
C VAL A 106 14.08 58.46 1.11
N GLY A 107 15.26 58.51 1.72
CA GLY A 107 15.46 58.06 3.08
C GLY A 107 16.23 56.77 3.15
N LEU A 108 16.62 56.20 2.01
CA LEU A 108 17.45 55.01 1.96
C LEU A 108 18.92 55.41 2.08
N ASP A 109 19.20 56.45 2.85
CA ASP A 109 20.55 56.95 3.03
C ASP A 109 21.26 56.17 4.12
N GLY A 110 22.43 55.61 3.78
CA GLY A 110 23.18 54.84 4.76
C GLY A 110 22.56 53.50 5.10
N LEU A 111 21.66 53.00 4.26
CA LEU A 111 21.02 51.71 4.46
C LEU A 111 21.51 50.68 3.45
N GLU A 112 22.70 50.89 2.90
CA GLU A 112 23.24 49.99 1.89
C GLU A 112 23.42 48.59 2.46
N GLY A 113 24.12 48.49 3.60
CA GLY A 113 24.31 47.19 4.20
C GLY A 113 23.03 46.62 4.77
N ALA A 114 22.25 47.44 5.49
CA ALA A 114 21.05 46.95 6.16
C ALA A 114 20.02 46.43 5.17
N LEU A 115 19.75 47.18 4.10
CA LEU A 115 18.79 46.69 3.13
C LEU A 115 19.35 45.50 2.36
N GLU A 116 20.65 45.45 2.12
CA GLU A 116 21.27 44.28 1.51
C GLU A 116 21.04 43.03 2.36
N SER A 117 21.45 43.09 3.63
CA SER A 117 21.34 41.92 4.49
C SER A 117 19.88 41.54 4.68
N LEU A 118 19.00 42.53 4.75
CA LEU A 118 17.57 42.26 4.85
C LEU A 118 17.07 41.46 3.64
N VAL A 119 17.43 41.91 2.44
CA VAL A 119 16.99 41.25 1.21
C VAL A 119 17.60 39.86 1.08
N GLU A 120 18.88 39.73 1.42
CA GLU A 120 19.58 38.45 1.24
C GLU A 120 18.91 37.35 2.05
N MET A 121 18.62 37.63 3.31
CA MET A 121 17.98 36.63 4.17
C MET A 121 16.54 36.37 3.76
N ALA A 122 15.84 37.39 3.25
CA ALA A 122 14.49 37.16 2.74
C ALA A 122 14.53 36.17 1.58
N CYS A 123 15.56 36.27 0.74
CA CYS A 123 15.73 35.31 -0.34
C CYS A 123 16.01 33.92 0.20
N LEU A 124 16.88 33.83 1.21
CA LEU A 124 17.27 32.53 1.74
C LEU A 124 16.08 31.78 2.34
N MET A 125 15.16 32.49 2.98
CA MET A 125 14.00 31.85 3.57
C MET A 125 12.73 32.06 2.75
N HIS A 126 12.85 32.44 1.48
CA HIS A 126 11.64 32.65 0.68
C HIS A 126 10.88 31.36 0.44
N ASP A 127 11.49 30.21 0.69
CA ASP A 127 10.96 28.92 0.31
C ASP A 127 10.89 27.94 1.47
N VAL A 128 11.08 28.41 2.71
CA VAL A 128 11.05 27.55 3.88
C VAL A 128 9.64 27.06 4.20
N GLY A 129 8.62 27.80 3.78
CA GLY A 129 7.25 27.44 4.08
C GLY A 129 6.70 26.29 3.27
N ASN A 130 6.84 26.33 1.94
CA ASN A 130 6.11 25.41 1.08
C ASN A 130 6.57 23.96 1.31
N PRO A 131 5.67 22.99 1.17
CA PRO A 131 5.97 21.60 1.58
C PRO A 131 6.86 20.89 0.58
N PRO A 132 7.19 19.62 0.82
CA PRO A 132 7.96 18.87 -0.18
C PRO A 132 7.15 18.62 -1.44
N PHE A 133 7.85 18.15 -2.47
CA PHE A 133 7.25 17.69 -3.72
C PHE A 133 6.63 18.83 -4.52
N GLY A 134 7.43 19.87 -4.78
CA GLY A 134 7.02 20.96 -5.63
C GLY A 134 5.76 21.62 -5.13
N HIS A 135 4.87 21.94 -6.08
CA HIS A 135 3.58 22.53 -5.74
C HIS A 135 2.57 21.49 -5.31
N PHE A 136 2.80 20.22 -5.62
CA PHE A 136 1.85 19.18 -5.27
C PHE A 136 1.79 18.90 -3.78
N GLY A 137 2.84 19.23 -3.02
CA GLY A 137 2.70 19.22 -1.57
C GLY A 137 1.67 20.22 -1.09
N GLU A 138 1.69 21.42 -1.67
CA GLU A 138 0.63 22.41 -1.44
C GLU A 138 -0.70 21.90 -1.98
N TYR A 139 -0.70 21.44 -3.23
CA TYR A 139 -1.93 20.94 -3.84
C TYR A 139 -2.52 19.77 -3.06
N ALA A 140 -1.67 18.83 -2.61
CA ALA A 140 -2.17 17.67 -1.88
C ALA A 140 -2.86 18.06 -0.59
N ILE A 141 -2.32 19.04 0.13
CA ILE A 141 -2.90 19.44 1.41
C ILE A 141 -4.25 20.12 1.20
N ASN A 142 -4.30 21.13 0.32
CA ASN A 142 -5.56 21.83 0.05
C ASN A 142 -6.62 20.86 -0.47
N ASP A 143 -6.24 19.98 -1.38
CA ASP A 143 -7.19 19.00 -1.91
C ASP A 143 -7.72 18.11 -0.81
N TRP A 144 -6.85 17.70 0.12
CA TRP A 144 -7.31 16.86 1.22
C TRP A 144 -8.29 17.60 2.12
N PHE A 145 -7.96 18.83 2.50
CA PHE A 145 -8.86 19.58 3.38
C PHE A 145 -10.15 19.97 2.66
N GLU A 146 -10.08 20.33 1.39
CA GLU A 146 -11.30 20.60 0.65
C GLU A 146 -12.24 19.39 0.65
N ARG A 147 -11.68 18.18 0.68
CA ARG A 147 -12.52 16.99 0.58
C ARG A 147 -13.13 16.60 1.93
N ASN A 148 -12.33 16.59 3.00
CA ASN A 148 -12.81 16.04 4.26
C ASN A 148 -12.85 17.00 5.44
N LEU A 149 -12.47 18.27 5.27
CA LEU A 149 -12.49 19.21 6.39
C LEU A 149 -13.91 19.41 6.92
N ASP A 150 -14.90 19.58 6.04
CA ASP A 150 -16.24 19.98 6.48
C ASP A 150 -16.81 19.02 7.50
N ALA A 151 -16.82 17.71 7.19
CA ALA A 151 -17.41 16.74 8.10
C ALA A 151 -16.69 16.70 9.44
N LEU A 152 -15.36 16.81 9.42
CA LEU A 152 -14.59 16.77 10.66
C LEU A 152 -14.89 17.99 11.55
N PHE A 153 -14.96 19.17 10.95
CA PHE A 153 -15.21 20.39 11.71
C PHE A 153 -16.63 20.41 12.29
N GLU A 154 -17.59 19.85 11.55
CA GLU A 154 -18.96 19.82 12.03
C GLU A 154 -19.09 19.01 13.31
N ARG A 155 -18.36 17.90 13.42
CA ARG A 155 -18.39 17.12 14.65
C ARG A 155 -17.91 17.96 15.82
N ARG A 156 -16.96 18.86 15.59
CA ARG A 156 -16.45 19.71 16.64
C ARG A 156 -17.38 20.90 16.92
N VAL A 157 -17.96 21.49 15.87
CA VAL A 157 -18.90 22.60 16.06
C VAL A 157 -20.22 22.32 15.35
N PRO A 158 -21.21 21.77 16.05
CA PRO A 158 -22.47 21.38 15.40
C PRO A 158 -23.19 22.59 14.84
N PRO A 159 -24.13 22.39 13.91
CA PRO A 159 -24.85 23.54 13.35
C PRO A 159 -25.53 24.34 14.45
N GLY A 160 -25.42 25.67 14.34
CA GLY A 160 -25.94 26.56 15.35
C GLY A 160 -24.86 27.22 16.18
N GLN A 161 -24.22 26.46 17.05
CA GLN A 161 -23.14 26.99 17.89
C GLN A 161 -21.98 27.47 17.05
N GLY A 162 -21.36 28.56 17.48
CA GLY A 162 -20.17 29.09 16.84
C GLY A 162 -20.46 30.25 15.90
N ASP A 163 -19.52 31.19 15.86
CA ASP A 163 -19.62 32.35 14.98
C ASP A 163 -19.55 31.91 13.53
N GLY A 164 -20.63 32.16 12.77
CA GLY A 164 -20.66 31.74 11.39
C GLY A 164 -19.64 32.47 10.54
N LEU A 165 -19.43 33.76 10.81
CA LEU A 165 -18.40 34.51 10.08
C LEU A 165 -17.03 33.91 10.32
N LEU A 166 -16.70 33.63 11.58
CA LEU A 166 -15.43 33.01 11.91
C LEU A 166 -15.33 31.60 11.32
N GLN A 167 -16.44 30.84 11.37
CA GLN A 167 -16.42 29.48 10.82
C GLN A 167 -16.11 29.47 9.33
N GLN A 168 -16.85 30.26 8.55
CA GLN A 168 -16.55 30.31 7.12
C GLN A 168 -15.16 30.89 6.85
N ARG A 169 -14.68 31.78 7.71
CA ARG A 169 -13.34 32.34 7.53
C ARG A 169 -12.26 31.32 7.87
N MET A 170 -12.46 30.53 8.93
CA MET A 170 -11.51 29.49 9.29
C MET A 170 -11.45 28.42 8.21
N LEU A 171 -12.59 28.15 7.57
CA LEU A 171 -12.66 27.13 6.54
C LEU A 171 -11.74 27.47 5.36
N THR A 172 -11.89 28.67 4.80
CA THR A 172 -11.04 29.08 3.69
C THR A 172 -9.59 29.21 4.11
N ASP A 173 -9.33 29.59 5.37
CA ASP A 173 -7.95 29.64 5.85
C ASP A 173 -7.31 28.25 5.83
N LEU A 174 -7.99 27.27 6.42
CA LEU A 174 -7.44 25.91 6.46
C LEU A 174 -7.40 25.27 5.07
N LYS A 175 -8.40 25.57 4.22
CA LYS A 175 -8.43 24.99 2.89
C LYS A 175 -7.47 25.63 1.90
N HIS A 176 -6.96 26.83 2.16
CA HIS A 176 -6.03 27.49 1.25
C HIS A 176 -4.66 27.58 1.93
N PHE A 177 -3.86 26.52 1.79
CA PHE A 177 -2.52 26.49 2.35
C PHE A 177 -1.56 27.15 1.38
N GLU A 178 -0.66 27.98 1.89
CA GLU A 178 0.33 28.63 1.06
C GLU A 178 1.68 28.64 1.77
N GLY A 179 2.74 28.38 1.01
CA GLY A 179 4.06 28.32 1.60
C GLY A 179 4.49 29.64 2.23
N ASN A 180 4.27 30.74 1.52
CA ASN A 180 4.69 32.04 2.05
C ASN A 180 4.03 32.30 3.41
N ALA A 181 2.75 31.96 3.53
CA ALA A 181 2.06 32.10 4.81
C ALA A 181 2.69 31.19 5.86
N GLN A 182 2.98 29.95 5.49
CA GLN A 182 3.60 29.02 6.41
C GLN A 182 5.01 29.46 6.79
N ALA A 183 5.72 30.10 5.87
CA ALA A 183 7.06 30.59 6.20
C ALA A 183 7.02 31.60 7.33
N ILE A 184 6.04 32.51 7.32
CA ILE A 184 5.89 33.45 8.43
C ILE A 184 5.63 32.69 9.73
N ARG A 185 4.69 31.74 9.68
CA ARG A 185 4.31 30.99 10.86
C ARG A 185 5.45 30.14 11.40
N LEU A 186 6.24 29.53 10.52
CA LEU A 186 7.29 28.62 10.95
C LEU A 186 8.35 29.35 11.76
N VAL A 187 8.91 30.43 11.20
CA VAL A 187 10.01 31.13 11.86
C VAL A 187 9.53 31.80 13.14
N VAL A 188 8.31 32.31 13.14
CA VAL A 188 7.80 33.10 14.25
C VAL A 188 7.19 32.23 15.34
N LYS A 189 6.27 31.34 14.96
CA LYS A 189 5.45 30.64 15.94
C LYS A 189 5.83 29.17 16.11
N LEU A 190 6.71 28.62 15.29
CA LEU A 190 7.13 27.23 15.40
C LEU A 190 8.59 27.08 15.76
N LEU A 191 9.49 27.74 15.03
CA LEU A 191 10.91 27.67 15.38
C LEU A 191 11.30 28.71 16.43
N ARG A 192 10.42 29.70 16.69
CA ARG A 192 10.64 30.73 17.71
C ARG A 192 12.00 31.42 17.56
N LEU A 193 12.32 31.80 16.33
CA LEU A 193 13.58 32.47 16.05
C LEU A 193 13.64 33.89 16.62
N ASN A 194 12.49 34.51 16.87
CA ASN A 194 12.43 35.86 17.42
C ASN A 194 13.22 36.83 16.53
N LEU A 195 12.89 36.81 15.24
CA LEU A 195 13.51 37.72 14.28
C LEU A 195 12.84 39.08 14.29
N THR A 196 13.58 40.08 13.84
CA THR A 196 13.01 41.42 13.69
C THR A 196 11.82 41.36 12.74
N TYR A 197 10.87 42.26 12.97
CA TYR A 197 9.70 42.34 12.11
C TYR A 197 10.07 42.65 10.68
N THR A 198 11.16 43.41 10.47
CA THR A 198 11.59 43.76 9.13
C THR A 198 12.04 42.53 8.35
N GLN A 199 12.82 41.65 8.99
CA GLN A 199 13.26 40.43 8.31
C GLN A 199 12.06 39.55 7.97
N THR A 200 11.11 39.45 8.90
CA THR A 200 9.90 38.68 8.64
C THR A 200 9.03 39.37 7.58
N ALA A 201 9.05 40.69 7.54
CA ALA A 201 8.18 41.43 6.63
C ALA A 201 8.46 41.10 5.17
N GLY A 202 9.67 40.65 4.84
CA GLY A 202 9.98 40.29 3.47
C GLY A 202 9.16 39.14 2.95
N LEU A 203 8.77 38.21 3.83
CA LEU A 203 8.01 37.02 3.46
C LEU A 203 6.55 37.32 3.13
N LEU A 204 6.10 38.56 3.26
CA LEU A 204 4.73 38.93 2.90
C LEU A 204 4.62 39.23 1.41
N LYS A 205 4.94 38.21 0.59
CA LYS A 205 4.84 38.38 -0.85
C LYS A 205 3.39 38.60 -1.28
N TYR A 206 2.48 37.81 -0.74
CA TYR A 206 1.06 37.97 -1.04
C TYR A 206 0.28 38.44 0.18
N GLY A 229 -1.79 35.41 1.94
CA GLY A 229 -0.57 36.00 2.46
C GLY A 229 -0.23 35.58 3.89
N PHE A 230 -1.25 35.28 4.69
CA PHE A 230 -1.03 34.80 6.04
C PHE A 230 -2.20 33.95 6.47
N TYR A 231 -2.01 33.25 7.57
CA TYR A 231 -3.07 32.46 8.17
C TYR A 231 -3.79 33.29 9.23
N LEU A 232 -4.97 32.82 9.63
CA LEU A 232 -5.67 33.46 10.73
C LEU A 232 -4.82 33.41 12.00
N SER A 233 -4.01 32.37 12.15
CA SER A 233 -3.20 32.19 13.35
C SER A 233 -2.19 33.31 13.54
N GLU A 234 -1.78 33.97 12.45
CA GLU A 234 -0.76 35.01 12.52
C GLU A 234 -1.32 36.41 12.35
N GLU A 235 -2.64 36.59 12.39
CA GLU A 235 -3.21 37.93 12.20
C GLU A 235 -2.68 38.90 13.25
N ALA A 236 -2.70 38.49 14.52
CA ALA A 236 -2.20 39.36 15.59
C ALA A 236 -0.73 39.70 15.40
N PHE A 237 0.06 38.72 14.96
CA PHE A 237 1.48 38.98 14.70
C PHE A 237 1.66 39.92 13.52
N VAL A 238 0.88 39.74 12.45
CA VAL A 238 0.99 40.62 11.29
C VAL A 238 0.58 42.03 11.64
N ASP A 239 -0.46 42.18 12.46
CA ASP A 239 -0.91 43.51 12.89
C ASP A 239 0.19 44.25 13.65
N GLU A 240 0.86 43.58 14.58
CA GLU A 240 1.95 44.24 15.29
C GLU A 240 3.09 44.60 14.33
N LEU A 241 3.32 43.76 13.32
CA LEU A 241 4.37 44.03 12.34
C LEU A 241 4.04 45.25 11.50
N ARG A 242 2.79 45.36 11.05
CA ARG A 242 2.38 46.52 10.26
C ARG A 242 2.44 47.79 11.10
N GLN A 243 2.06 47.70 12.37
CA GLN A 243 2.13 48.86 13.25
C GLN A 243 3.58 49.24 13.53
N VAL A 244 4.41 48.26 13.91
CA VAL A 244 5.80 48.54 14.24
C VAL A 244 6.51 49.16 13.04
N LEU A 245 6.27 48.62 11.85
CA LEU A 245 6.87 49.13 10.63
C LEU A 245 6.07 50.27 9.99
N GLY A 246 4.91 50.60 10.53
CA GLY A 246 4.09 51.67 9.99
C GLY A 246 3.46 51.34 8.65
N MET A 247 2.86 50.17 8.53
CA MET A 247 2.25 49.72 7.29
C MET A 247 0.74 49.74 7.40
N ARG A 248 0.08 50.33 6.40
CA ARG A 248 -1.36 50.14 6.28
C ARG A 248 -1.64 48.69 5.93
N PRO A 249 -2.80 48.16 6.33
CA PRO A 249 -3.12 46.77 6.02
C PRO A 249 -3.26 46.55 4.51
N GLY A 250 -2.80 45.38 4.07
CA GLY A 250 -2.86 44.98 2.68
C GLY A 250 -1.70 45.39 1.80
N THR A 251 -0.58 45.83 2.37
CA THR A 251 0.54 46.31 1.57
C THR A 251 1.74 45.39 1.70
N ARG A 252 2.67 45.54 0.76
CA ARG A 252 3.88 44.75 0.70
C ARG A 252 5.02 45.49 1.39
N HIS A 253 6.19 44.86 1.42
CA HIS A 253 7.37 45.48 2.00
C HIS A 253 8.42 45.68 0.91
N PRO A 254 9.21 46.76 0.98
CA PRO A 254 10.20 47.00 -0.07
C PRO A 254 11.13 45.84 -0.32
N VAL A 255 11.46 45.08 0.73
CA VAL A 255 12.30 43.90 0.54
C VAL A 255 11.58 42.86 -0.32
N ALA A 256 10.27 42.73 -0.15
CA ALA A 256 9.53 41.70 -0.88
C ALA A 256 9.57 41.97 -2.38
N TYR A 257 9.44 43.24 -2.79
CA TYR A 257 9.55 43.55 -4.20
C TYR A 257 10.93 43.18 -4.74
N ILE A 258 11.98 43.48 -3.97
CA ILE A 258 13.33 43.15 -4.39
C ILE A 258 13.53 41.64 -4.41
N MET A 259 13.05 40.94 -3.38
CA MET A 259 13.16 39.48 -3.33
C MET A 259 12.40 38.81 -4.47
N GLU A 260 11.19 39.29 -4.76
CA GLU A 260 10.43 38.73 -5.86
C GLU A 260 11.19 38.85 -7.18
N ALA A 261 11.83 40.00 -7.41
CA ALA A 261 12.64 40.16 -8.61
C ALA A 261 13.82 39.21 -8.59
N ALA A 262 14.39 38.98 -7.41
CA ALA A 262 15.46 38.00 -7.28
C ALA A 262 14.98 36.62 -7.67
N ASP A 263 13.83 36.19 -7.11
CA ASP A 263 13.30 34.87 -7.43
C ASP A 263 12.94 34.77 -8.91
N ASP A 264 12.41 35.85 -9.48
CA ASP A 264 12.05 35.84 -10.91
C ASP A 264 13.28 35.64 -11.79
N ILE A 265 14.38 36.31 -11.47
CA ILE A 265 15.57 36.26 -12.33
C ILE A 265 16.16 34.85 -12.36
N SER A 266 16.36 34.26 -11.18
CA SER A 266 16.97 32.94 -11.08
C SER A 266 15.94 31.84 -10.94
N TYR A 267 14.68 32.13 -11.30
CA TYR A 267 13.59 31.16 -11.22
C TYR A 267 13.91 29.89 -11.99
N CYS A 268 14.36 30.01 -13.24
CA CYS A 268 14.43 28.86 -14.14
C CYS A 268 15.77 28.63 -14.80
N LEU A 269 16.61 29.65 -14.95
CA LEU A 269 17.88 29.44 -15.64
C LEU A 269 18.68 28.34 -14.95
N ALA A 270 18.59 28.29 -13.62
CA ALA A 270 19.26 27.24 -12.85
C ALA A 270 18.69 25.86 -13.16
N ASP A 271 17.36 25.74 -13.21
CA ASP A 271 16.75 24.44 -13.47
C ASP A 271 17.05 23.96 -14.89
N ILE A 272 17.13 24.88 -15.85
CA ILE A 272 17.45 24.52 -17.23
C ILE A 272 18.85 23.91 -17.31
N GLU A 273 19.82 24.47 -16.59
CA GLU A 273 21.17 23.90 -16.58
C GLU A 273 21.17 22.47 -16.06
N ASP A 274 20.37 22.17 -15.03
CA ASP A 274 20.28 20.80 -14.56
C ASP A 274 19.75 19.87 -15.64
N SER A 275 18.86 20.36 -16.51
CA SER A 275 18.35 19.52 -17.60
C SER A 275 19.45 19.15 -18.57
N VAL A 276 20.30 20.12 -18.95
CA VAL A 276 21.39 19.84 -19.88
C VAL A 276 22.32 18.79 -19.31
N GLU A 277 22.64 18.91 -18.02
CA GLU A 277 23.55 17.94 -17.41
C GLU A 277 22.95 16.55 -17.41
N LYS A 278 21.65 16.45 -17.11
CA LYS A 278 20.90 15.21 -17.10
C LYS A 278 20.64 14.64 -18.49
N GLY A 279 20.86 15.42 -19.54
CA GLY A 279 20.66 14.94 -20.88
C GLY A 279 19.34 15.31 -21.51
N ILE A 280 18.52 16.11 -20.83
CA ILE A 280 17.22 16.49 -21.35
C ILE A 280 17.38 17.37 -22.59
N LEU A 281 18.40 18.22 -22.59
CA LEU A 281 18.67 19.14 -23.69
C LEU A 281 20.16 19.15 -24.00
N ASP A 282 20.47 19.66 -25.19
CA ASP A 282 21.84 19.93 -25.62
C ASP A 282 22.08 21.44 -25.59
N ILE A 283 23.35 21.82 -25.54
CA ILE A 283 23.70 23.24 -25.54
C ILE A 283 23.20 23.90 -26.82
N ARG A 284 23.49 23.28 -27.96
CA ARG A 284 23.04 23.85 -29.23
C ARG A 284 21.53 23.83 -29.33
N GLN A 285 20.89 22.75 -28.88
CA GLN A 285 19.45 22.65 -28.98
C GLN A 285 18.77 23.70 -28.10
N LEU A 286 19.30 23.94 -26.90
CA LEU A 286 18.72 24.94 -26.02
C LEU A 286 18.82 26.34 -26.60
N ALA A 287 19.92 26.63 -27.29
CA ALA A 287 20.12 27.97 -27.84
C ALA A 287 19.05 28.34 -28.86
N ASP A 288 18.82 27.46 -29.85
CA ASP A 288 17.75 27.73 -30.81
C ASP A 288 16.40 27.79 -30.12
N LEU A 289 16.20 26.97 -29.09
CA LEU A 289 14.96 26.99 -28.32
C LEU A 289 14.78 28.32 -27.59
N LEU A 290 15.85 28.83 -26.97
CA LEU A 290 15.79 30.10 -26.27
C LEU A 290 15.42 31.23 -27.21
N VAL A 291 16.09 31.29 -28.37
CA VAL A 291 15.82 32.36 -29.33
C VAL A 291 14.41 32.22 -29.89
N LYS A 292 14.03 30.99 -30.27
CA LYS A 292 12.70 30.76 -30.84
C LYS A 292 11.60 31.08 -29.83
N LYS A 293 11.76 30.67 -28.57
CA LYS A 293 10.74 30.97 -27.57
C LYS A 293 10.75 32.45 -27.17
N PHE A 294 11.91 33.11 -27.27
CA PHE A 294 11.97 34.54 -26.99
C PHE A 294 11.23 35.36 -28.05
N ALA A 295 11.13 34.84 -29.27
CA ALA A 295 10.55 35.57 -30.39
C ALA A 295 9.08 35.92 -30.16
N VAL A 296 8.35 35.12 -29.37
CA VAL A 296 6.95 35.38 -29.13
C VAL A 296 6.75 36.71 -28.42
N HIS A 297 7.63 37.04 -27.47
CA HIS A 297 7.46 38.27 -26.68
C HIS A 297 8.01 39.50 -27.41
N HIS A 298 9.24 39.42 -27.90
CA HIS A 298 9.87 40.57 -28.58
C HIS A 298 10.76 40.04 -29.71
N SER A 299 11.46 40.96 -30.38
CA SER A 299 12.33 40.55 -31.48
C SER A 299 13.73 40.25 -30.95
N PRO A 300 14.33 39.13 -31.34
CA PRO A 300 15.62 38.75 -30.74
C PRO A 300 16.74 39.73 -31.02
N ASP A 301 16.76 40.34 -32.20
CA ASP A 301 17.81 41.28 -32.57
C ASP A 301 17.65 42.65 -31.93
N ALA A 302 16.56 42.90 -31.20
CA ALA A 302 16.42 44.17 -30.52
C ALA A 302 17.43 44.26 -29.40
N PRO A 303 18.09 45.40 -29.23
CA PRO A 303 19.11 45.52 -28.18
C PRO A 303 18.49 45.53 -26.80
N ILE A 304 19.23 44.97 -25.85
CA ILE A 304 18.76 44.79 -24.48
C ILE A 304 19.28 45.94 -23.64
N PRO A 305 18.44 46.61 -22.85
CA PRO A 305 18.94 47.72 -22.02
C PRO A 305 19.84 47.20 -20.91
N GLY A 306 20.92 47.94 -20.64
CA GLY A 306 21.83 47.61 -19.57
C GLY A 306 23.11 46.93 -20.00
N ASP A 307 23.22 46.54 -21.27
CA ASP A 307 24.45 45.95 -21.79
C ASP A 307 25.33 47.05 -22.33
N ALA A 308 26.56 47.15 -21.80
CA ALA A 308 27.47 48.19 -22.27
C ALA A 308 27.79 48.01 -23.75
N ASP A 309 27.90 46.77 -24.21
CA ASP A 309 28.22 46.45 -25.59
C ASP A 309 26.99 46.42 -26.49
N ASN A 310 25.82 46.81 -25.98
CA ASN A 310 24.62 46.92 -26.80
C ASN A 310 24.25 45.60 -27.48
N MET A 311 24.23 44.52 -26.70
CA MET A 311 23.92 43.19 -27.22
C MET A 311 22.43 42.91 -27.25
N SER A 312 21.99 42.22 -28.31
CA SER A 312 20.62 41.74 -28.43
C SER A 312 20.52 40.30 -27.92
N PHE A 313 19.28 39.80 -27.82
CA PHE A 313 19.08 38.44 -27.30
C PHE A 313 19.77 37.40 -28.16
N GLN A 314 19.65 37.50 -29.49
CA GLN A 314 20.33 36.56 -30.35
C GLN A 314 21.84 36.71 -30.23
N ARG A 315 22.32 37.95 -30.09
CA ARG A 315 23.74 38.20 -29.95
C ARG A 315 24.28 37.65 -28.63
N MET A 316 23.50 37.76 -27.56
CA MET A 316 23.91 37.22 -26.26
C MET A 316 24.00 35.70 -26.30
N VAL A 317 22.99 35.04 -26.89
CA VAL A 317 23.01 33.59 -26.99
C VAL A 317 24.17 33.13 -27.86
N ASP A 318 24.39 33.80 -29.00
CA ASP A 318 25.52 33.47 -29.86
C ASP A 318 26.85 33.72 -29.15
N TYR A 319 26.92 34.77 -28.33
CA TYR A 319 28.13 35.02 -27.55
C TYR A 319 28.39 33.88 -26.58
N SER A 320 27.34 33.43 -25.87
CA SER A 320 27.48 32.33 -24.93
C SER A 320 27.80 31.03 -25.63
N LEU A 321 27.12 30.74 -26.74
CA LEU A 321 27.43 29.52 -27.47
C LEU A 321 28.85 29.53 -28.03
N GLU A 322 29.34 30.69 -28.46
CA GLU A 322 30.69 30.75 -29.01
C GLU A 322 31.74 30.47 -27.94
N LYS A 323 31.55 30.99 -26.73
CA LYS A 323 32.51 30.71 -25.66
C LYS A 323 32.53 29.22 -25.33
N ALA A 324 31.36 28.59 -25.33
CA ALA A 324 31.28 27.13 -25.28
C ALA A 324 31.80 26.55 -26.60
N GLU A 325 32.25 25.30 -26.55
CA GLU A 325 32.90 24.61 -27.66
C GLU A 325 34.30 25.19 -27.90
N ARG A 326 34.46 26.51 -27.77
CA ARG A 326 35.80 27.06 -27.64
C ARG A 326 36.40 26.69 -26.29
N GLU A 327 35.60 26.71 -25.23
CA GLU A 327 36.05 26.25 -23.92
C GLU A 327 36.24 24.74 -23.98
N PRO A 328 37.38 24.22 -23.53
CA PRO A 328 37.67 22.81 -23.78
C PRO A 328 37.47 21.85 -22.63
N ILE A 329 37.15 22.31 -21.42
CA ILE A 329 36.98 21.42 -20.27
C ILE A 329 35.53 21.30 -19.84
N ASN A 330 34.86 22.45 -19.61
CA ASN A 330 33.53 22.49 -19.02
C ASN A 330 32.61 23.33 -19.92
N LYS A 331 32.19 22.73 -21.03
CA LYS A 331 31.34 23.47 -21.98
C LYS A 331 30.01 23.85 -21.36
N VAL A 332 29.40 22.95 -20.60
CA VAL A 332 28.09 23.24 -20.01
C VAL A 332 28.18 24.44 -19.08
N SER A 333 29.16 24.44 -18.16
CA SER A 333 29.28 25.53 -17.21
C SER A 333 29.54 26.85 -17.94
N GLU A 334 30.45 26.83 -18.91
CA GLU A 334 30.79 28.06 -19.62
C GLU A 334 29.58 28.66 -20.31
N PHE A 335 28.73 27.82 -20.91
CA PHE A 335 27.54 28.35 -21.57
C PHE A 335 26.73 29.19 -20.61
N PHE A 336 26.39 28.60 -19.46
CA PHE A 336 25.54 29.28 -18.49
C PHE A 336 26.30 30.36 -17.73
N ILE A 337 27.62 30.24 -17.59
CA ILE A 337 28.38 31.35 -17.02
C ILE A 337 28.36 32.54 -17.96
N ARG A 338 28.74 32.32 -19.22
CA ARG A 338 28.73 33.40 -20.20
C ARG A 338 27.33 33.95 -20.39
N LEU A 339 26.33 33.07 -20.38
CA LEU A 339 24.93 33.51 -20.48
C LEU A 339 24.54 34.35 -19.27
N ARG A 340 24.85 33.85 -18.06
CA ARG A 340 24.53 34.61 -16.86
C ARG A 340 25.24 35.96 -16.85
N VAL A 341 26.51 35.99 -17.25
CA VAL A 341 27.27 37.24 -17.20
C VAL A 341 26.60 38.31 -18.07
N LYS A 342 26.26 37.95 -19.31
CA LYS A 342 25.67 38.91 -20.23
C LYS A 342 24.24 39.26 -19.84
N MET A 343 23.47 38.27 -19.36
CA MET A 343 22.03 38.43 -19.18
C MET A 343 21.58 38.74 -17.75
N ILE A 344 22.33 38.36 -16.72
CA ILE A 344 21.89 38.70 -15.37
C ILE A 344 22.06 40.19 -15.10
N HIS A 345 23.13 40.79 -15.63
CA HIS A 345 23.39 42.21 -15.37
C HIS A 345 22.25 43.10 -15.88
N PRO A 346 21.71 42.92 -17.09
CA PRO A 346 20.55 43.75 -17.48
C PRO A 346 19.31 43.49 -16.66
N LEU A 347 19.06 42.23 -16.29
CA LEU A 347 17.88 41.90 -15.47
C LEU A 347 17.92 42.62 -14.12
N VAL A 348 19.06 42.55 -13.43
CA VAL A 348 19.20 43.21 -12.14
C VAL A 348 19.02 44.72 -12.28
N GLN A 349 19.60 45.31 -13.33
CA GLN A 349 19.44 46.74 -13.56
C GLN A 349 17.98 47.10 -13.78
N HIS A 350 17.23 46.26 -14.50
CA HIS A 350 15.82 46.50 -14.72
C HIS A 350 15.06 46.55 -13.40
N ALA A 351 15.30 45.56 -12.54
CA ALA A 351 14.59 45.47 -11.26
C ALA A 351 14.94 46.64 -10.35
N ALA A 352 16.21 47.03 -10.32
CA ALA A 352 16.58 48.22 -9.56
C ALA A 352 15.93 49.46 -10.17
N GLN A 353 16.05 49.61 -11.49
CA GLN A 353 15.46 50.76 -12.16
C GLN A 353 13.95 50.84 -11.92
N GLN A 354 13.26 49.69 -11.98
CA GLN A 354 11.82 49.69 -11.71
C GLN A 354 11.54 50.09 -10.27
N PHE A 355 12.41 49.67 -9.35
CA PHE A 355 12.22 50.02 -7.95
C PHE A 355 12.21 51.54 -7.78
N ILE A 356 13.18 52.22 -8.37
CA ILE A 356 13.20 53.68 -8.22
C ILE A 356 12.09 54.32 -9.03
N ASP A 357 11.74 53.75 -10.18
CA ASP A 357 10.64 54.30 -10.97
C ASP A 357 9.35 54.32 -10.17
N ASN A 358 9.09 53.26 -9.39
CA ASN A 358 7.89 53.17 -8.57
C ASN A 358 8.21 53.27 -7.09
N LEU A 359 9.32 53.96 -6.75
CA LEU A 359 9.72 54.11 -5.34
C LEU A 359 8.55 54.59 -4.50
N GLU A 360 7.79 55.57 -5.01
CA GLU A 360 6.64 56.08 -4.28
C GLU A 360 5.59 55.00 -4.07
N ALA A 361 5.27 54.25 -5.14
CA ALA A 361 4.34 53.14 -4.99
C ALA A 361 4.93 52.05 -4.11
N VAL A 362 6.24 51.82 -4.19
CA VAL A 362 6.86 50.74 -3.43
C VAL A 362 6.93 51.08 -1.94
N HIS A 363 7.51 52.23 -1.59
CA HIS A 363 7.59 52.62 -0.18
C HIS A 363 6.20 52.71 0.43
N ALA A 364 5.20 53.10 -0.37
CA ALA A 364 3.82 53.00 0.06
C ALA A 364 3.41 51.56 0.26
N GLY A 365 3.94 50.65 -0.56
CA GLY A 365 3.54 49.26 -0.51
C GLY A 365 2.33 48.95 -1.37
N THR A 366 1.98 49.83 -2.29
CA THR A 366 0.76 49.70 -3.07
C THR A 366 1.01 49.32 -4.53
N LEU A 367 2.26 49.10 -4.92
CA LEU A 367 2.54 48.70 -6.29
C LEU A 367 1.94 47.32 -6.55
N GLY A 368 1.05 47.24 -7.54
CA GLY A 368 0.28 46.04 -7.79
C GLY A 368 0.79 45.20 -8.93
N ARG A 369 2.08 45.30 -9.20
CA ARG A 369 2.74 44.45 -10.18
C ARG A 369 4.13 44.11 -9.68
N ALA A 370 4.69 43.05 -10.24
CA ALA A 370 6.07 42.71 -9.95
C ALA A 370 6.99 43.66 -10.72
N LEU A 371 8.13 43.97 -10.10
CA LEU A 371 9.10 44.88 -10.72
C LEU A 371 9.49 44.39 -12.11
N MET A 372 9.60 43.08 -12.28
CA MET A 372 10.03 42.53 -13.56
C MET A 372 8.96 42.71 -14.65
N GLU A 373 7.70 42.43 -14.31
CA GLU A 373 6.67 42.25 -15.35
C GLU A 373 6.11 43.60 -15.77
N ASP A 374 6.56 44.09 -16.93
CA ASP A 374 6.04 45.32 -17.50
C ASP A 374 6.00 45.26 -19.02
N GLY A 375 6.19 44.10 -19.62
CA GLY A 375 6.19 43.96 -21.07
C GLY A 375 7.47 44.40 -21.73
N SER A 376 8.53 44.61 -20.95
CA SER A 376 9.79 45.14 -21.46
C SER A 376 10.66 44.03 -22.04
N LEU A 377 11.85 44.45 -22.51
CA LEU A 377 12.81 43.48 -23.03
C LEU A 377 13.32 42.55 -21.95
N PRO A 378 13.79 43.04 -20.78
CA PRO A 378 14.22 42.09 -19.74
C PRO A 378 13.12 41.22 -19.20
N HIS A 379 11.87 41.70 -19.17
CA HIS A 379 10.75 40.84 -18.84
C HIS A 379 10.63 39.68 -19.83
N ALA A 380 10.83 39.97 -21.12
CA ALA A 380 10.80 38.90 -22.12
C ALA A 380 11.90 37.89 -21.87
N ILE A 381 13.03 38.34 -21.33
CA ILE A 381 14.08 37.42 -20.93
C ILE A 381 13.57 36.48 -19.85
N VAL A 382 12.94 37.03 -18.81
CA VAL A 382 12.44 36.23 -17.70
C VAL A 382 11.41 35.22 -18.19
N GLN A 383 10.48 35.66 -19.05
CA GLN A 383 9.43 34.75 -19.52
C GLN A 383 9.99 33.70 -20.48
N THR A 384 11.02 34.04 -21.25
CA THR A 384 11.63 33.08 -22.17
C THR A 384 12.19 31.88 -21.40
N PHE A 385 12.83 32.14 -20.26
CA PHE A 385 13.32 31.04 -19.44
C PHE A 385 12.17 30.22 -18.89
N LYS A 386 11.13 30.89 -18.39
CA LYS A 386 9.96 30.17 -17.90
C LYS A 386 9.31 29.38 -19.03
N ASP A 387 9.21 29.98 -20.22
CA ASP A 387 8.56 29.31 -21.34
C ASP A 387 9.32 28.05 -21.74
N VAL A 388 10.64 28.17 -21.93
CA VAL A 388 11.45 27.01 -22.29
C VAL A 388 11.38 25.95 -21.20
N ALA A 389 11.35 26.37 -19.93
CA ALA A 389 11.31 25.40 -18.84
C ALA A 389 10.01 24.61 -18.85
N MET A 390 8.88 25.28 -19.05
CA MET A 390 7.59 24.58 -19.04
C MET A 390 7.55 23.52 -20.14
N GLU A 391 8.16 23.82 -21.28
CA GLU A 391 8.10 22.91 -22.42
C GLU A 391 8.95 21.67 -22.21
N TRP A 392 10.11 21.80 -21.55
CA TRP A 392 11.09 20.72 -21.51
C TRP A 392 11.50 20.24 -20.13
N VAL A 393 11.29 21.03 -19.06
CA VAL A 393 11.85 20.71 -17.75
C VAL A 393 10.78 20.19 -16.78
N PHE A 394 9.80 21.03 -16.45
CA PHE A 394 8.81 20.66 -15.44
C PHE A 394 7.91 19.54 -15.93
N CYS A 395 7.75 19.43 -17.25
CA CYS A 395 6.96 18.39 -17.88
C CYS A 395 7.67 17.04 -17.93
N HIS A 396 8.91 16.95 -17.47
CA HIS A 396 9.67 15.71 -17.61
C HIS A 396 9.04 14.60 -16.77
N PRO A 397 8.95 13.38 -17.32
CA PRO A 397 8.29 12.28 -16.58
C PRO A 397 8.87 12.00 -15.21
N GLU A 398 10.19 12.14 -15.06
CA GLU A 398 10.79 11.96 -13.75
C GLU A 398 10.28 12.98 -12.76
N VAL A 399 10.04 14.20 -13.24
CA VAL A 399 9.50 15.27 -12.39
C VAL A 399 8.04 14.99 -12.07
N GLU A 400 7.25 14.64 -13.08
CA GLU A 400 5.83 14.42 -12.89
C GLU A 400 5.57 13.18 -12.05
N THR A 401 6.44 12.18 -12.14
CA THR A 401 6.30 11.04 -11.25
C THR A 401 6.55 11.45 -9.81
N LEU A 402 7.57 12.27 -9.58
CA LEU A 402 7.82 12.72 -8.22
C LEU A 402 6.65 13.53 -7.69
N GLU A 403 6.07 14.38 -8.55
CA GLU A 403 4.89 15.15 -8.13
C GLU A 403 3.73 14.22 -7.82
N LEU A 404 3.44 13.26 -8.69
CA LEU A 404 2.34 12.34 -8.44
C LEU A 404 2.59 11.53 -7.19
N GLN A 405 3.82 11.05 -7.01
CA GLN A 405 4.12 10.29 -5.80
C GLN A 405 4.02 11.16 -4.56
N GLY A 406 4.62 12.36 -4.61
CA GLY A 406 4.52 13.29 -3.50
C GLY A 406 3.10 13.69 -3.19
N TYR A 407 2.26 13.78 -4.22
CA TYR A 407 0.83 13.95 -3.99
C TYR A 407 0.27 12.79 -3.19
N ARG A 408 0.70 11.56 -3.51
CA ARG A 408 0.22 10.38 -2.79
C ARG A 408 0.69 10.39 -1.34
N ILE A 409 1.98 10.69 -1.13
CA ILE A 409 2.57 10.59 0.21
C ILE A 409 1.93 11.60 1.16
N ILE A 410 1.78 12.85 0.72
CA ILE A 410 1.21 13.87 1.59
C ILE A 410 -0.24 13.54 1.92
N GLN A 411 -1.03 13.13 0.92
CA GLN A 411 -2.42 12.80 1.18
C GLN A 411 -2.54 11.58 2.10
N GLY A 412 -1.70 10.57 1.87
CA GLY A 412 -1.71 9.40 2.75
C GLY A 412 -1.32 9.73 4.17
N LEU A 413 -0.31 10.60 4.33
CA LEU A 413 0.10 11.02 5.66
C LEU A 413 -1.03 11.72 6.40
N LEU A 414 -1.76 12.58 5.71
CA LEU A 414 -2.92 13.23 6.33
C LEU A 414 -3.99 12.21 6.71
N ASP A 415 -4.23 11.23 5.84
CA ASP A 415 -5.20 10.19 6.17
C ASP A 415 -4.76 9.38 7.38
N PHE A 416 -3.45 9.14 7.49
CA PHE A 416 -2.91 8.36 8.62
C PHE A 416 -3.12 9.09 9.94
N TYR A 417 -2.95 10.41 9.94
CA TYR A 417 -3.09 11.23 11.14
C TYR A 417 -4.46 11.88 11.26
N ALA A 418 -5.38 11.56 10.35
CA ALA A 418 -6.75 12.04 10.50
C ALA A 418 -7.43 11.57 11.78
N PRO A 419 -7.14 10.38 12.33
CA PRO A 419 -7.71 10.05 13.65
C PRO A 419 -7.54 11.13 14.70
N LEU A 420 -6.46 11.91 14.66
CA LEU A 420 -6.30 12.98 15.64
C LEU A 420 -7.36 14.07 15.48
N LEU A 421 -7.81 14.35 14.26
CA LEU A 421 -8.80 15.39 14.04
C LEU A 421 -10.18 14.97 14.55
N ARG A 422 -10.50 13.68 14.48
CA ARG A 422 -11.82 13.21 14.89
C ARG A 422 -12.00 13.20 16.41
N LEU A 423 -10.92 13.21 17.17
CA LEU A 423 -11.00 13.31 18.62
C LEU A 423 -11.64 14.64 19.06
N PRO A 424 -12.45 14.64 20.12
CA PRO A 424 -12.93 15.88 20.71
C PRO A 424 -11.85 16.58 21.54
N ALA A 425 -12.06 17.88 21.74
CA ALA A 425 -10.99 18.74 22.27
C ALA A 425 -10.44 18.24 23.60
N GLU A 426 -11.28 17.65 24.45
CA GLU A 426 -10.79 17.21 25.75
C GLU A 426 -9.77 16.09 25.61
N GLU A 427 -10.04 15.10 24.74
CA GLU A 427 -9.11 14.01 24.54
C GLU A 427 -7.75 14.52 24.06
N PHE A 428 -7.77 15.39 23.05
CA PHE A 428 -6.54 15.85 22.44
C PHE A 428 -5.72 16.68 23.42
N GLN A 429 -6.35 17.60 24.14
CA GLN A 429 -5.61 18.44 25.08
C GLN A 429 -4.89 17.58 26.10
N ALA A 430 -5.53 16.49 26.55
CA ALA A 430 -4.84 15.54 27.41
C ALA A 430 -3.68 14.88 26.67
N LEU A 431 -3.92 14.48 25.42
CA LEU A 431 -2.87 13.85 24.62
C LEU A 431 -1.70 14.81 24.39
N ALA A 432 -1.98 16.05 24.04
CA ALA A 432 -0.91 17.01 23.84
C ALA A 432 -0.14 17.25 25.14
N GLU A 433 -0.81 17.18 26.29
CA GLU A 433 -0.13 17.40 27.56
C GLU A 433 0.62 16.17 28.06
N GLY A 434 0.39 15.00 27.47
CA GLY A 434 1.02 13.78 27.93
C GLY A 434 0.24 13.00 28.98
N ARG A 435 -0.94 13.46 29.39
CA ARG A 435 -1.73 12.70 30.34
C ARG A 435 -2.23 11.42 29.67
N GLN A 436 -2.45 10.39 30.48
CA GLN A 436 -2.79 9.08 29.94
C GLN A 436 -4.29 9.03 29.67
N ALA A 437 -4.67 9.29 28.42
CA ALA A 437 -6.04 9.22 27.96
C ALA A 437 -6.39 7.81 27.49
N ALA A 438 -7.69 7.49 27.56
CA ALA A 438 -8.17 6.16 27.26
C ALA A 438 -7.87 5.71 25.84
N ALA A 439 -7.62 6.64 24.93
CA ALA A 439 -7.42 6.27 23.53
C ALA A 439 -6.05 5.60 23.36
N PRO A 440 -5.95 4.50 22.61
CA PRO A 440 -4.67 3.82 22.48
C PRO A 440 -3.93 4.09 21.17
N HIS A 441 -4.66 4.09 20.06
CA HIS A 441 -4.04 4.37 18.77
C HIS A 441 -3.67 5.85 18.62
N PRO A 442 -4.56 6.81 18.87
CA PRO A 442 -4.15 8.21 18.72
C PRO A 442 -2.97 8.61 19.58
N GLN A 443 -2.81 8.02 20.77
CA GLN A 443 -1.66 8.36 21.61
C GLN A 443 -0.35 7.96 20.93
N LEU A 444 -0.32 6.83 20.23
CA LEU A 444 0.84 6.53 19.43
C LEU A 444 1.03 7.57 18.34
N LEU A 445 -0.08 7.96 17.69
CA LEU A 445 0.00 8.95 16.63
C LEU A 445 0.50 10.28 17.16
N VAL A 446 0.01 10.69 18.33
CA VAL A 446 0.41 11.97 18.90
C VAL A 446 1.88 11.95 19.29
N ARG A 447 2.34 10.84 19.88
CA ARG A 447 3.73 10.75 20.31
C ARG A 447 4.69 10.82 19.13
N ARG A 448 4.18 10.64 17.89
CA ARG A 448 5.02 10.78 16.72
C ARG A 448 5.24 12.23 16.29
N LEU A 449 4.35 13.14 16.68
CA LEU A 449 4.42 14.52 16.22
C LEU A 449 5.60 15.27 16.85
N PRO A 450 6.17 16.24 16.14
CA PRO A 450 7.26 17.03 16.72
C PRO A 450 6.80 17.75 17.97
N SER A 451 7.71 17.92 18.93
CA SER A 451 7.37 18.63 20.16
C SER A 451 7.04 20.09 19.87
N GLN A 452 7.82 20.73 19.00
CA GLN A 452 7.61 22.15 18.71
C GLN A 452 6.19 22.40 18.26
N GLN A 453 5.67 21.54 17.39
CA GLN A 453 4.32 21.72 16.89
C GLN A 453 3.28 21.47 17.97
N ILE A 454 3.50 20.46 18.81
CA ILE A 454 2.61 20.20 19.93
C ILE A 454 2.68 21.34 20.93
N LYS A 455 3.89 21.76 21.29
CA LYS A 455 4.05 22.84 22.25
C LYS A 455 3.48 24.15 21.72
N ALA A 456 3.61 24.40 20.42
CA ALA A 456 3.00 25.58 19.81
C ALA A 456 1.48 25.56 19.94
N TYR A 457 0.89 24.37 19.85
CA TYR A 457 -0.56 24.23 20.04
C TYR A 457 -0.95 24.51 21.49
N LEU A 458 -0.22 23.92 22.43
CA LEU A 458 -0.54 24.13 23.85
C LEU A 458 -0.48 25.61 24.19
N GLU A 459 0.49 26.32 23.64
CA GLU A 459 0.63 27.75 23.91
C GLU A 459 -0.51 28.56 23.29
N ALA A 460 -0.95 28.18 22.09
CA ALA A 460 -2.09 28.87 21.48
C ALA A 460 -3.36 28.65 22.30
N MET A 461 -3.56 27.44 22.80
CA MET A 461 -4.77 27.18 23.59
C MET A 461 -4.69 27.88 24.95
N LYS A 462 -3.51 27.96 25.54
CA LYS A 462 -3.31 28.72 26.77
C LYS A 462 -3.63 30.20 26.54
N GLY A 463 -3.39 30.68 25.31
CA GLY A 463 -3.74 32.05 25.01
C GLY A 463 -5.24 32.26 24.95
N VAL A 464 -5.98 31.29 24.41
CA VAL A 464 -7.43 31.40 24.30
C VAL A 464 -8.11 30.35 25.19
N GLU A 466 -10.53 31.88 29.62
CA GLU A 466 -11.10 30.95 28.64
C GLU A 466 -12.05 31.67 27.70
N ASP A 467 -11.72 31.63 26.40
CA ASP A 467 -12.51 32.31 25.38
C ASP A 467 -13.86 31.61 25.19
N PRO A 468 -14.93 32.36 24.90
CA PRO A 468 -16.23 31.72 24.67
C PRO A 468 -16.26 30.80 23.46
N LEU A 469 -15.44 31.07 22.45
CA LEU A 469 -15.37 30.24 21.25
C LEU A 469 -14.09 29.43 21.20
N GLN A 470 -13.62 28.97 22.37
CA GLN A 470 -12.41 28.15 22.42
C GLN A 470 -12.57 26.90 21.57
N ARG A 471 -13.75 26.26 21.60
CA ARG A 471 -13.99 25.10 20.76
C ARG A 471 -13.76 25.42 19.28
N GLN A 472 -14.19 26.60 18.82
CA GLN A 472 -13.97 26.99 17.43
C GLN A 472 -12.49 27.13 17.11
N TRP A 473 -11.72 27.73 18.03
CA TRP A 473 -10.27 27.91 17.82
C TRP A 473 -9.47 26.64 18.03
N GLU A 474 -9.93 25.73 18.90
CA GLU A 474 -9.18 24.51 19.16
C GLU A 474 -9.02 23.68 17.89
N PHE A 475 -10.15 23.37 17.23
CA PHE A 475 -10.05 22.53 16.04
C PHE A 475 -9.31 23.23 14.91
N TYR A 476 -9.45 24.55 14.79
CA TYR A 476 -8.67 25.26 13.79
C TYR A 476 -7.17 25.09 14.04
N HIS A 477 -6.76 25.25 15.30
CA HIS A 477 -5.35 25.07 15.60
C HIS A 477 -4.93 23.61 15.56
N ARG A 478 -5.86 22.69 15.80
CA ARG A 478 -5.56 21.28 15.58
C ARG A 478 -5.24 21.03 14.12
N CYS A 479 -6.11 21.50 13.22
CA CYS A 479 -5.83 21.31 11.80
C CYS A 479 -4.54 22.01 11.40
N ARG A 480 -4.30 23.19 11.97
CA ARG A 480 -3.06 23.90 11.68
C ARG A 480 -1.81 23.10 12.09
N MET A 481 -1.84 22.45 13.26
CA MET A 481 -0.69 21.67 13.68
C MET A 481 -0.43 20.52 12.71
N LEU A 482 -1.49 19.87 12.23
CA LEU A 482 -1.32 18.79 11.26
C LEU A 482 -0.72 19.31 9.96
N GLN A 483 -1.07 20.53 9.57
CA GLN A 483 -0.47 21.14 8.39
C GLN A 483 0.98 21.52 8.66
N ASP A 484 1.31 21.91 9.89
CA ASP A 484 2.71 22.18 10.24
C ASP A 484 3.52 20.90 10.16
N PHE A 485 2.94 19.78 10.60
CA PHE A 485 3.64 18.51 10.61
C PHE A 485 4.00 18.08 9.21
N VAL A 486 3.00 18.03 8.34
CA VAL A 486 3.20 17.50 6.99
C VAL A 486 4.04 18.46 6.15
N SER A 487 3.80 19.76 6.27
CA SER A 487 4.54 20.69 5.44
C SER A 487 5.99 20.86 5.88
N GLY A 488 6.31 20.55 7.13
CA GLY A 488 7.68 20.63 7.61
C GLY A 488 8.58 19.48 7.20
N MET A 489 8.05 18.42 6.61
CA MET A 489 8.85 17.27 6.26
C MET A 489 9.74 17.55 5.06
N THR A 490 10.91 16.91 5.03
CA THR A 490 11.69 16.84 3.80
C THR A 490 11.08 15.78 2.90
N ASP A 491 11.59 15.68 1.67
CA ASP A 491 11.09 14.66 0.75
C ASP A 491 11.17 13.29 1.39
N GLN A 492 12.37 12.89 1.81
CA GLN A 492 12.56 11.55 2.33
C GLN A 492 11.88 11.38 3.67
N HIS A 493 11.82 12.45 4.47
CA HIS A 493 11.10 12.37 5.75
C HIS A 493 9.63 12.04 5.51
N ALA A 494 9.02 12.64 4.49
CA ALA A 494 7.64 12.34 4.17
C ALA A 494 7.49 10.91 3.68
N GLN A 495 8.35 10.49 2.74
CA GLN A 495 8.27 9.13 2.22
C GLN A 495 8.45 8.11 3.34
N ASP A 496 9.42 8.37 4.22
CA ASP A 496 9.72 7.41 5.28
C ASP A 496 8.53 7.23 6.21
N GLU A 497 7.97 8.34 6.73
CA GLU A 497 6.84 8.23 7.64
C GLU A 497 5.65 7.57 6.95
N TYR A 498 5.40 7.91 5.70
CA TYR A 498 4.36 7.24 4.94
C TYR A 498 4.64 5.74 4.84
N ARG A 499 5.88 5.37 4.49
CA ARG A 499 6.22 3.96 4.34
C ARG A 499 6.05 3.22 5.66
N ALA A 500 6.49 3.84 6.76
CA ALA A 500 6.45 3.18 8.05
C ALA A 500 5.02 2.86 8.46
N LEU A 501 4.15 3.86 8.42
CA LEU A 501 2.75 3.69 8.79
C LEU A 501 2.03 2.73 7.86
N SER A 502 2.40 2.71 6.58
CA SER A 502 1.81 1.74 5.68
C SER A 502 2.20 0.32 6.05
N ALA A 503 3.31 0.16 6.78
CA ALA A 503 3.77 -1.14 7.26
C ALA A 503 4.11 -2.08 6.11
N LEU A 504 4.55 -1.54 4.98
CA LEU A 504 4.98 -2.39 3.86
C LEU A 504 6.47 -2.20 3.60
N LYS B 14 -15.16 -22.74 -50.38
CA LYS B 14 -14.27 -22.28 -49.31
C LYS B 14 -13.33 -21.18 -49.76
N GLU B 15 -13.76 -20.42 -50.76
CA GLU B 15 -13.02 -19.25 -51.28
C GLU B 15 -13.41 -17.97 -50.54
N ARG B 16 -13.57 -18.04 -49.23
CA ARG B 16 -13.79 -16.83 -48.41
C ARG B 16 -12.44 -16.29 -47.90
N ILE B 17 -11.61 -15.89 -48.85
CA ILE B 17 -10.27 -15.38 -48.57
C ILE B 17 -10.04 -14.12 -49.40
N SER B 18 -10.16 -12.96 -48.77
CA SER B 18 -9.92 -11.69 -49.44
C SER B 18 -8.50 -11.18 -49.16
N ARG B 19 -8.12 -10.14 -49.91
CA ARG B 19 -6.87 -9.42 -49.68
C ARG B 19 -7.12 -7.95 -49.35
N GLN B 20 -8.39 -7.57 -49.19
CA GLN B 20 -8.74 -6.18 -48.95
C GLN B 20 -8.38 -5.80 -47.52
N ARG B 21 -7.74 -4.67 -47.37
CA ARG B 21 -7.40 -4.08 -46.09
C ARG B 21 -8.34 -2.94 -45.75
N PRO B 22 -8.48 -2.59 -44.47
CA PRO B 22 -9.33 -1.46 -44.09
C PRO B 22 -8.90 -0.14 -44.74
N HIS B 23 -7.63 0.01 -45.09
CA HIS B 23 -7.16 1.19 -45.81
C HIS B 23 -7.38 1.09 -47.31
N ASP B 35 -6.09 -12.85 -58.92
CA ASP B 35 -4.87 -13.64 -58.91
C ASP B 35 -4.51 -14.08 -57.49
N LEU B 36 -4.37 -15.39 -57.31
CA LEU B 36 -4.05 -15.92 -55.99
C LEU B 36 -2.67 -15.47 -55.51
N GLN B 37 -1.73 -15.28 -56.43
CA GLN B 37 -0.37 -14.88 -56.03
C GLN B 37 -0.36 -13.52 -55.35
N ASP B 38 -1.25 -12.61 -55.78
CA ASP B 38 -1.34 -11.30 -55.14
C ASP B 38 -1.84 -11.42 -53.71
N ILE B 39 -2.78 -12.33 -53.46
CA ILE B 39 -3.26 -12.56 -52.10
C ILE B 39 -2.13 -13.07 -51.21
N VAL B 40 -1.32 -13.99 -51.75
CA VAL B 40 -0.21 -14.56 -50.99
C VAL B 40 0.79 -13.47 -50.61
N TYR B 41 0.99 -12.50 -51.50
CA TYR B 41 1.86 -11.37 -51.17
C TYR B 41 1.28 -10.56 -50.02
N GLN B 42 -0.02 -10.26 -50.08
CA GLN B 42 -0.66 -9.51 -49.00
C GLN B 42 -0.66 -10.28 -47.70
N LEU B 43 -0.92 -11.59 -47.76
CA LEU B 43 -0.86 -12.41 -46.55
C LEU B 43 0.56 -12.54 -46.02
N GLU B 44 1.55 -12.47 -46.91
CA GLU B 44 2.94 -12.46 -46.44
C GLU B 44 3.24 -11.17 -45.70
N SER B 45 2.66 -10.05 -46.14
CA SER B 45 2.84 -8.79 -45.44
C SER B 45 2.24 -8.85 -44.05
N ASP B 46 1.10 -9.52 -43.91
CA ASP B 46 0.48 -9.69 -42.59
C ASP B 46 1.41 -10.44 -41.64
N ARG B 47 2.16 -11.42 -42.17
CA ARG B 47 3.08 -12.17 -41.32
C ARG B 47 4.15 -11.25 -40.73
N GLY B 48 4.80 -10.45 -41.56
CA GLY B 48 5.78 -9.51 -41.05
C GLY B 48 5.15 -8.46 -40.15
N ARG B 49 3.95 -8.00 -40.50
CA ARG B 49 3.28 -6.97 -39.71
C ARG B 49 2.96 -7.47 -38.31
N ILE B 50 2.54 -8.73 -38.17
CA ILE B 50 2.17 -9.28 -36.87
C ILE B 50 3.42 -9.56 -36.03
N VAL B 51 4.41 -10.25 -36.62
CA VAL B 51 5.58 -10.65 -35.83
C VAL B 51 6.30 -9.41 -35.31
N ASN B 52 6.31 -8.34 -36.11
CA ASN B 52 6.97 -7.09 -35.71
C ASN B 52 6.10 -6.23 -34.81
N SER B 53 4.84 -6.61 -34.59
CA SER B 53 3.93 -5.76 -33.84
C SER B 53 4.25 -5.79 -32.36
N ALA B 54 3.83 -4.72 -31.67
CA ALA B 54 4.04 -4.70 -30.23
C ALA B 54 3.16 -5.73 -29.52
N ALA B 55 2.04 -6.13 -30.11
CA ALA B 55 1.18 -7.11 -29.47
C ALA B 55 1.90 -8.43 -29.24
N VAL B 56 2.69 -8.87 -30.22
CA VAL B 56 3.47 -10.10 -30.04
C VAL B 56 4.52 -9.92 -28.95
N ARG B 57 5.18 -8.77 -28.93
CA ARG B 57 6.27 -8.57 -27.97
C ARG B 57 5.77 -8.64 -26.54
N ARG B 58 4.56 -8.17 -26.28
CA ARG B 58 4.07 -8.20 -24.90
C ARG B 58 3.90 -9.63 -24.42
N LEU B 59 3.67 -10.57 -25.34
CA LEU B 59 3.42 -11.97 -24.95
C LEU B 59 4.61 -12.60 -24.23
N GLN B 60 5.84 -12.15 -24.53
CA GLN B 60 7.03 -12.71 -23.90
C GLN B 60 7.18 -12.29 -22.44
N GLN B 61 6.55 -11.18 -22.05
CA GLN B 61 6.65 -10.66 -20.70
C GLN B 61 5.34 -10.84 -19.92
N LYS B 62 4.43 -11.66 -20.44
CA LYS B 62 3.20 -12.02 -19.73
C LYS B 62 3.30 -13.49 -19.38
N THR B 63 3.17 -13.80 -18.09
CA THR B 63 3.24 -15.18 -17.63
C THR B 63 2.00 -15.95 -18.08
N GLN B 64 2.20 -17.24 -18.37
CA GLN B 64 1.15 -18.16 -18.77
C GLN B 64 0.50 -18.85 -17.57
N VAL B 65 1.31 -19.54 -16.77
CA VAL B 65 0.83 -20.23 -15.58
C VAL B 65 1.75 -19.87 -14.43
N PHE B 66 3.00 -20.31 -14.51
CA PHE B 66 3.95 -20.04 -13.44
C PHE B 66 4.57 -18.66 -13.62
N PRO B 67 4.61 -17.83 -12.57
CA PRO B 67 5.11 -16.46 -12.75
C PRO B 67 6.56 -16.43 -13.24
N LEU B 68 6.79 -15.57 -14.24
CA LEU B 68 8.10 -15.52 -14.89
C LEU B 68 9.20 -15.03 -13.95
N GLU B 69 8.88 -14.16 -12.99
CA GLU B 69 9.92 -13.62 -12.12
C GLU B 69 10.59 -14.71 -11.29
N ARG B 70 9.88 -15.78 -10.96
CA ARG B 70 10.42 -16.82 -10.10
C ARG B 70 10.83 -18.07 -10.86
N ASN B 71 10.56 -18.15 -12.16
CA ASN B 71 10.85 -19.33 -12.95
C ASN B 71 11.63 -18.98 -14.20
N ALA B 72 12.72 -19.72 -14.44
CA ALA B 72 13.64 -19.42 -15.55
C ALA B 72 13.12 -19.94 -16.89
N ALA B 73 13.08 -21.25 -17.07
CA ALA B 73 12.75 -21.81 -18.37
C ALA B 73 11.27 -22.11 -18.54
N VAL B 74 10.38 -21.27 -17.98
CA VAL B 74 8.94 -21.54 -17.96
C VAL B 74 8.25 -20.90 -19.15
N ARG B 75 7.18 -21.54 -19.61
CA ARG B 75 6.45 -21.07 -20.79
C ARG B 75 5.81 -19.71 -20.53
N SER B 76 5.92 -18.81 -21.50
CA SER B 76 5.23 -17.53 -21.46
C SER B 76 4.09 -17.54 -22.47
N ARG B 77 3.39 -16.40 -22.59
CA ARG B 77 2.29 -16.32 -23.57
C ARG B 77 2.82 -16.46 -24.99
N LEU B 78 4.02 -15.93 -25.25
CA LEU B 78 4.59 -16.03 -26.59
C LEU B 78 5.03 -17.46 -26.89
N THR B 79 5.79 -18.08 -25.98
CA THR B 79 6.24 -19.45 -26.23
C THR B 79 5.07 -20.43 -26.26
N HIS B 80 4.02 -20.18 -25.48
CA HIS B 80 2.82 -20.98 -25.63
C HIS B 80 2.26 -20.83 -27.03
N SER B 81 2.19 -19.60 -27.53
CA SER B 81 1.64 -19.34 -28.84
C SER B 81 2.48 -19.96 -29.95
N LEU B 82 3.79 -20.00 -29.78
CA LEU B 82 4.63 -20.59 -30.81
C LEU B 82 4.36 -22.08 -30.96
N GLU B 83 4.16 -22.79 -29.85
CA GLU B 83 3.80 -24.20 -29.93
C GLU B 83 2.48 -24.38 -30.65
N VAL B 84 1.48 -23.57 -30.28
CA VAL B 84 0.19 -23.61 -30.94
C VAL B 84 0.36 -23.30 -32.42
N GLN B 85 1.26 -22.37 -32.75
CA GLN B 85 1.49 -22.00 -34.14
C GLN B 85 1.99 -23.20 -34.94
N GLN B 86 2.98 -23.93 -34.43
CA GLN B 86 3.46 -25.12 -35.14
C GLN B 86 2.41 -26.23 -35.14
N THR B 87 1.73 -26.43 -34.00
CA THR B 87 0.62 -27.37 -33.97
C THR B 87 -0.46 -26.98 -34.97
N GLY B 88 -0.73 -25.67 -35.09
CA GLY B 88 -1.67 -25.20 -36.09
C GLY B 88 -1.20 -25.47 -37.51
N ARG B 89 0.10 -25.29 -37.75
CA ARG B 89 0.68 -25.66 -39.04
C ARG B 89 0.54 -27.15 -39.28
N PHE B 90 0.80 -27.97 -38.24
CA PHE B 90 0.70 -29.41 -38.36
C PHE B 90 -0.70 -29.86 -38.77
N ILE B 91 -1.73 -29.17 -38.29
CA ILE B 91 -3.09 -29.54 -38.64
C ILE B 91 -3.38 -29.21 -40.10
N VAL B 92 -3.04 -27.99 -40.53
CA VAL B 92 -3.37 -27.55 -41.89
C VAL B 92 -2.70 -28.45 -42.92
N ARG B 93 -1.42 -28.77 -42.72
CA ARG B 93 -0.71 -29.63 -43.64
C ARG B 93 -1.30 -31.04 -43.64
N THR B 94 -1.53 -31.61 -42.46
CA THR B 94 -2.15 -32.93 -42.37
C THR B 94 -3.54 -32.91 -42.97
N LEU B 95 -4.25 -31.78 -42.81
CA LEU B 95 -5.59 -31.66 -43.36
C LEU B 95 -5.60 -31.82 -44.87
N PHE B 96 -4.77 -31.05 -45.57
CA PHE B 96 -4.76 -31.07 -47.03
C PHE B 96 -4.29 -32.41 -47.57
N ARG B 97 -3.39 -33.09 -46.89
CA ARG B 97 -3.02 -34.43 -47.32
C ARG B 97 -4.24 -35.33 -47.36
N GLN B 98 -5.14 -35.18 -46.38
CA GLN B 98 -6.37 -35.95 -46.34
C GLN B 98 -7.30 -35.56 -47.47
N LEU B 99 -7.50 -34.25 -47.68
CA LEU B 99 -8.42 -33.78 -48.71
C LEU B 99 -7.94 -34.22 -50.10
N GLY B 100 -6.65 -34.12 -50.37
CA GLY B 100 -6.09 -34.54 -51.64
C GLY B 100 -6.68 -33.79 -52.81
N PRO B 101 -7.21 -34.53 -53.79
CA PRO B 101 -7.78 -33.86 -54.97
C PRO B 101 -9.11 -33.16 -54.72
N ARG B 102 -9.90 -33.61 -53.73
CA ARG B 102 -11.23 -33.04 -53.52
C ARG B 102 -11.22 -31.61 -52.97
N ALA B 103 -10.07 -31.13 -52.49
CA ALA B 103 -10.01 -29.76 -51.97
C ALA B 103 -10.36 -28.73 -53.03
N ALA B 104 -10.01 -29.00 -54.30
CA ALA B 104 -10.31 -28.06 -55.37
C ALA B 104 -11.82 -27.85 -55.53
N GLU B 105 -12.60 -28.92 -55.38
CA GLU B 105 -14.05 -28.80 -55.52
C GLU B 105 -14.62 -27.84 -54.49
N VAL B 106 -14.13 -27.90 -53.26
CA VAL B 106 -14.58 -27.00 -52.20
C VAL B 106 -14.04 -25.60 -52.40
N GLY B 107 -12.93 -25.44 -53.11
CA GLY B 107 -12.29 -24.16 -53.29
C GLY B 107 -10.96 -24.01 -52.58
N LEU B 108 -10.47 -25.04 -51.92
CA LEU B 108 -9.20 -25.01 -51.22
C LEU B 108 -8.01 -25.17 -52.17
N ASP B 109 -8.23 -25.09 -53.47
CA ASP B 109 -7.15 -25.33 -54.41
C ASP B 109 -6.27 -24.10 -54.50
N GLY B 110 -4.97 -24.30 -54.30
CA GLY B 110 -4.03 -23.21 -54.27
C GLY B 110 -4.14 -22.36 -53.02
N LEU B 111 -4.78 -22.86 -51.97
CA LEU B 111 -4.90 -22.18 -50.70
C LEU B 111 -4.10 -22.88 -49.61
N GLU B 112 -3.10 -23.66 -50.00
CA GLU B 112 -2.30 -24.37 -49.01
C GLU B 112 -1.53 -23.40 -48.14
N GLY B 113 -0.79 -22.49 -48.77
CA GLY B 113 -0.05 -21.50 -48.02
C GLY B 113 -0.95 -20.49 -47.35
N ALA B 114 -1.98 -20.02 -48.07
CA ALA B 114 -2.84 -18.97 -47.52
C ALA B 114 -3.52 -19.46 -46.25
N LEU B 115 -4.06 -20.68 -46.28
CA LEU B 115 -4.66 -21.25 -45.07
C LEU B 115 -3.60 -21.57 -44.04
N GLU B 116 -2.41 -21.97 -44.48
CA GLU B 116 -1.29 -22.14 -43.57
C GLU B 116 -0.99 -20.81 -42.86
N SER B 117 -0.75 -19.76 -43.63
CA SER B 117 -0.37 -18.48 -43.05
C SER B 117 -1.50 -17.91 -42.19
N LEU B 118 -2.75 -18.09 -42.63
CA LEU B 118 -3.87 -17.65 -41.79
C LEU B 118 -3.89 -18.38 -40.46
N VAL B 119 -3.77 -19.71 -40.49
CA VAL B 119 -3.80 -20.44 -39.24
C VAL B 119 -2.58 -20.10 -38.40
N GLU B 120 -1.41 -20.01 -39.04
CA GLU B 120 -0.17 -19.76 -38.31
C GLU B 120 -0.20 -18.43 -37.58
N MET B 121 -0.57 -17.35 -38.28
CA MET B 121 -0.59 -16.04 -37.65
C MET B 121 -1.72 -15.91 -36.65
N ALA B 122 -2.86 -16.53 -36.93
CA ALA B 122 -3.99 -16.46 -35.99
C ALA B 122 -3.64 -17.10 -34.65
N CYS B 123 -2.89 -18.20 -34.68
CA CYS B 123 -2.47 -18.82 -33.44
C CYS B 123 -1.54 -17.91 -32.66
N LEU B 124 -0.62 -17.25 -33.36
CA LEU B 124 0.34 -16.38 -32.68
C LEU B 124 -0.35 -15.23 -31.98
N MET B 125 -1.37 -14.65 -32.58
CA MET B 125 -2.07 -13.55 -31.93
C MET B 125 -3.36 -14.00 -31.24
N HIS B 126 -3.48 -15.29 -30.93
CA HIS B 126 -4.69 -15.76 -30.26
C HIS B 126 -4.82 -15.20 -28.85
N ASP B 127 -3.76 -14.62 -28.31
CA ASP B 127 -3.71 -14.22 -26.91
C ASP B 127 -3.20 -12.80 -26.74
N VAL B 128 -3.14 -12.01 -27.81
CA VAL B 128 -2.63 -10.65 -27.68
C VAL B 128 -3.61 -9.79 -26.89
N GLY B 129 -4.90 -10.11 -26.95
CA GLY B 129 -5.89 -9.28 -26.29
C GLY B 129 -5.88 -9.42 -24.77
N ASN B 130 -5.83 -10.66 -24.28
CA ASN B 130 -6.12 -10.91 -22.87
C ASN B 130 -5.09 -10.23 -21.97
N PRO B 131 -5.51 -9.81 -20.77
CA PRO B 131 -4.65 -8.96 -19.90
C PRO B 131 -3.60 -9.78 -19.18
N PRO B 132 -2.75 -9.14 -18.38
CA PRO B 132 -1.82 -9.90 -17.54
C PRO B 132 -2.55 -10.67 -16.45
N PHE B 133 -1.81 -11.58 -15.83
CA PHE B 133 -2.25 -12.33 -14.65
C PHE B 133 -3.38 -13.30 -14.97
N GLY B 134 -3.17 -14.09 -16.02
CA GLY B 134 -4.10 -15.14 -16.38
C GLY B 134 -5.50 -14.60 -16.59
N HIS B 135 -6.48 -15.38 -16.14
CA HIS B 135 -7.84 -14.88 -16.25
C HIS B 135 -8.21 -13.92 -15.14
N PHE B 136 -7.42 -13.84 -14.08
CA PHE B 136 -7.73 -12.88 -13.03
C PHE B 136 -7.48 -11.44 -13.47
N GLY B 137 -6.66 -11.21 -14.49
CA GLY B 137 -6.65 -9.89 -15.10
C GLY B 137 -7.99 -9.53 -15.70
N GLU B 138 -8.64 -10.51 -16.34
CA GLU B 138 -9.99 -10.35 -16.84
C GLU B 138 -10.99 -10.13 -15.71
N TYR B 139 -10.93 -10.98 -14.68
CA TYR B 139 -11.88 -10.87 -13.57
C TYR B 139 -11.78 -9.52 -12.88
N ALA B 140 -10.56 -9.06 -12.64
CA ALA B 140 -10.37 -7.81 -11.91
C ALA B 140 -11.03 -6.63 -12.61
N ILE B 141 -10.96 -6.57 -13.94
CA ILE B 141 -11.51 -5.45 -14.69
C ILE B 141 -13.03 -5.46 -14.63
N ASN B 142 -13.64 -6.59 -14.98
CA ASN B 142 -15.10 -6.71 -14.95
C ASN B 142 -15.62 -6.45 -13.56
N ASP B 143 -14.95 -7.01 -12.56
CA ASP B 143 -15.33 -6.80 -11.18
C ASP B 143 -15.27 -5.32 -10.79
N TRP B 144 -14.22 -4.62 -11.23
CA TRP B 144 -14.13 -3.20 -10.89
C TRP B 144 -15.28 -2.42 -11.50
N PHE B 145 -15.53 -2.63 -12.79
CA PHE B 145 -16.60 -1.91 -13.47
C PHE B 145 -17.96 -2.38 -12.98
N GLU B 146 -18.10 -3.67 -12.69
CA GLU B 146 -19.35 -4.16 -12.14
C GLU B 146 -19.73 -3.38 -10.90
N ARG B 147 -18.72 -3.02 -10.10
CA ARG B 147 -18.91 -2.36 -8.82
C ARG B 147 -19.04 -0.85 -8.96
N ASN B 148 -18.21 -0.21 -9.81
CA ASN B 148 -18.15 1.25 -9.84
C ASN B 148 -18.60 1.90 -11.14
N LEU B 149 -18.89 1.14 -12.20
CA LEU B 149 -19.32 1.76 -13.45
C LEU B 149 -20.67 2.46 -13.31
N ASP B 150 -21.65 1.78 -12.70
CA ASP B 150 -23.02 2.30 -12.73
C ASP B 150 -23.09 3.69 -12.11
N ALA B 151 -22.47 3.88 -10.93
CA ALA B 151 -22.44 5.21 -10.33
C ALA B 151 -21.66 6.20 -11.20
N LEU B 152 -20.55 5.75 -11.80
CA LEU B 152 -19.74 6.65 -12.62
C LEU B 152 -20.47 7.09 -13.88
N PHE B 153 -21.13 6.16 -14.58
CA PHE B 153 -21.85 6.54 -15.80
C PHE B 153 -23.03 7.44 -15.48
N GLU B 154 -23.65 7.22 -14.32
CA GLU B 154 -24.81 8.01 -13.94
C GLU B 154 -24.49 9.50 -13.88
N ARG B 155 -23.31 9.84 -13.36
CA ARG B 155 -22.89 11.24 -13.33
C ARG B 155 -22.66 11.80 -14.74
N ARG B 156 -22.20 10.97 -15.67
CA ARG B 156 -21.90 11.43 -17.02
C ARG B 156 -23.16 11.53 -17.88
N VAL B 157 -24.10 10.62 -17.74
CA VAL B 157 -25.37 10.66 -18.46
C VAL B 157 -26.50 10.53 -17.44
N PRO B 158 -27.13 11.62 -17.03
CA PRO B 158 -28.08 11.56 -15.92
C PRO B 158 -29.25 10.64 -16.26
N PRO B 159 -29.84 10.00 -15.24
CA PRO B 159 -30.99 9.12 -15.49
C PRO B 159 -32.15 9.87 -16.10
N GLY B 160 -32.72 9.29 -17.15
CA GLY B 160 -33.75 9.96 -17.92
C GLY B 160 -33.21 10.38 -19.26
N GLN B 161 -32.36 11.41 -19.26
CA GLN B 161 -31.73 11.86 -20.50
C GLN B 161 -30.85 10.76 -21.08
N GLY B 162 -30.86 10.65 -22.39
CA GLY B 162 -29.99 9.71 -23.07
C GLY B 162 -30.69 8.42 -23.47
N ASP B 163 -30.27 7.89 -24.62
CA ASP B 163 -30.87 6.68 -25.20
C ASP B 163 -30.67 5.48 -24.28
N GLY B 164 -31.79 4.92 -23.82
CA GLY B 164 -31.74 3.83 -22.85
C GLY B 164 -31.23 2.49 -23.39
N LEU B 165 -31.60 2.12 -24.61
CA LEU B 165 -31.14 0.84 -25.15
C LEU B 165 -29.63 0.84 -25.34
N LEU B 166 -29.06 1.89 -25.95
CA LEU B 166 -27.62 1.96 -26.09
C LEU B 166 -26.95 2.03 -24.74
N GLN B 167 -27.58 2.70 -23.78
CA GLN B 167 -27.00 2.75 -22.44
C GLN B 167 -26.89 1.36 -21.84
N GLN B 168 -28.00 0.61 -21.83
CA GLN B 168 -27.93 -0.75 -21.31
C GLN B 168 -26.99 -1.61 -22.13
N ARG B 169 -26.83 -1.29 -23.42
CA ARG B 169 -25.84 -2.00 -24.23
C ARG B 169 -24.42 -1.58 -23.87
N MET B 170 -24.20 -0.28 -23.65
CA MET B 170 -22.85 0.17 -23.27
C MET B 170 -22.48 -0.34 -21.89
N LEU B 171 -23.44 -0.36 -20.97
CA LEU B 171 -23.14 -0.79 -19.61
C LEU B 171 -22.67 -2.23 -19.58
N THR B 172 -23.46 -3.14 -20.16
CA THR B 172 -23.05 -4.54 -20.16
C THR B 172 -21.81 -4.76 -21.01
N ASP B 173 -21.61 -3.94 -22.05
CA ASP B 173 -20.44 -4.06 -22.92
C ASP B 173 -19.16 -3.85 -22.11
N LEU B 174 -19.10 -2.74 -21.38
CA LEU B 174 -17.92 -2.42 -20.57
C LEU B 174 -17.71 -3.40 -19.42
N LYS B 175 -18.79 -3.95 -18.88
CA LYS B 175 -18.72 -4.88 -17.76
C LYS B 175 -18.26 -6.27 -18.19
N HIS B 176 -18.36 -6.61 -19.47
CA HIS B 176 -17.98 -7.92 -20.01
C HIS B 176 -16.72 -7.74 -20.84
N PHE B 177 -15.56 -7.78 -20.19
CA PHE B 177 -14.29 -7.70 -20.89
C PHE B 177 -13.88 -9.11 -21.31
N GLU B 178 -13.39 -9.23 -22.54
CA GLU B 178 -12.84 -10.49 -23.05
C GLU B 178 -11.61 -10.21 -23.91
N GLY B 179 -10.59 -11.07 -23.75
CA GLY B 179 -9.34 -10.87 -24.48
C GLY B 179 -9.51 -10.94 -25.99
N ASN B 180 -10.28 -11.92 -26.48
CA ASN B 180 -10.46 -12.06 -27.93
C ASN B 180 -11.02 -10.78 -28.55
N ALA B 181 -12.00 -10.16 -27.88
CA ALA B 181 -12.54 -8.90 -28.35
C ALA B 181 -11.48 -7.81 -28.32
N GLN B 182 -10.72 -7.74 -27.22
CA GLN B 182 -9.67 -6.74 -27.14
C GLN B 182 -8.60 -6.98 -28.20
N ALA B 183 -8.31 -8.25 -28.51
CA ALA B 183 -7.33 -8.56 -29.54
C ALA B 183 -7.72 -7.94 -30.88
N ILE B 184 -9.01 -8.02 -31.23
CA ILE B 184 -9.49 -7.35 -32.43
C ILE B 184 -9.29 -5.85 -32.30
N ARG B 185 -9.69 -5.29 -31.16
CA ARG B 185 -9.56 -3.86 -30.98
C ARG B 185 -8.09 -3.45 -30.98
N LEU B 186 -7.24 -4.28 -30.40
CA LEU B 186 -5.82 -3.98 -30.32
C LEU B 186 -5.19 -3.89 -31.71
N VAL B 187 -5.36 -4.94 -32.52
CA VAL B 187 -4.73 -4.95 -33.84
C VAL B 187 -5.38 -3.91 -34.76
N VAL B 188 -6.68 -3.71 -34.63
CA VAL B 188 -7.38 -2.87 -35.59
C VAL B 188 -7.33 -1.40 -35.22
N LYS B 189 -7.73 -1.06 -34.00
CA LYS B 189 -7.97 0.34 -33.63
C LYS B 189 -6.94 0.93 -32.68
N LEU B 190 -6.01 0.14 -32.14
CA LEU B 190 -5.00 0.66 -31.22
C LEU B 190 -3.59 0.59 -31.80
N LEU B 191 -3.17 -0.57 -32.27
CA LEU B 191 -1.90 -0.70 -32.96
C LEU B 191 -2.00 -0.34 -34.44
N ARG B 192 -3.22 -0.18 -34.95
CA ARG B 192 -3.50 0.21 -36.33
C ARG B 192 -2.66 -0.61 -37.31
N LEU B 193 -2.59 -1.93 -37.09
CA LEU B 193 -1.79 -2.79 -37.97
C LEU B 193 -2.39 -2.90 -39.38
N ASN B 194 -3.70 -2.70 -39.53
CA ASN B 194 -4.36 -2.72 -40.84
C ASN B 194 -4.06 -4.01 -41.59
N LEU B 195 -4.31 -5.14 -40.91
CA LEU B 195 -4.17 -6.45 -41.52
C LEU B 195 -5.40 -6.75 -42.37
N THR B 196 -5.25 -7.69 -43.29
CA THR B 196 -6.39 -8.11 -44.09
C THR B 196 -7.51 -8.60 -43.18
N TYR B 197 -8.76 -8.38 -43.62
CA TYR B 197 -9.89 -8.85 -42.83
C TYR B 197 -9.83 -10.36 -42.63
N THR B 198 -9.27 -11.09 -43.59
CA THR B 198 -9.18 -12.54 -43.48
C THR B 198 -8.31 -12.94 -42.30
N GLN B 199 -7.14 -12.31 -42.18
CA GLN B 199 -6.26 -12.60 -41.05
C GLN B 199 -6.88 -12.18 -39.73
N THR B 200 -7.52 -11.01 -39.70
CA THR B 200 -8.16 -10.57 -38.46
C THR B 200 -9.30 -11.49 -38.07
N ALA B 201 -9.99 -12.06 -39.07
CA ALA B 201 -11.14 -12.92 -38.81
C ALA B 201 -10.79 -14.15 -37.98
N GLY B 202 -9.53 -14.59 -38.01
CA GLY B 202 -9.14 -15.71 -37.18
C GLY B 202 -9.36 -15.46 -35.69
N LEU B 203 -9.31 -14.20 -35.27
CA LEU B 203 -9.47 -13.85 -33.87
C LEU B 203 -10.92 -13.98 -33.38
N LEU B 204 -11.88 -14.22 -34.27
CA LEU B 204 -13.27 -14.32 -33.86
C LEU B 204 -13.62 -15.73 -33.37
N LYS B 205 -12.94 -16.14 -32.29
CA LYS B 205 -13.23 -17.43 -31.69
C LYS B 205 -14.67 -17.47 -31.20
N TYR B 206 -15.13 -16.39 -30.60
CA TYR B 206 -16.52 -16.25 -30.20
C TYR B 206 -17.15 -15.20 -31.10
N VAL B 207 -18.44 -15.35 -31.37
CA VAL B 207 -19.12 -14.49 -32.31
C VAL B 207 -20.14 -13.56 -31.65
N ARG B 208 -20.57 -13.84 -30.43
CA ARG B 208 -21.56 -13.00 -29.79
C ARG B 208 -20.98 -11.61 -29.55
N PRO B 209 -21.79 -10.56 -29.64
CA PRO B 209 -21.35 -9.25 -29.17
C PRO B 209 -21.36 -9.19 -27.65
N ALA B 210 -20.52 -8.32 -27.11
CA ALA B 210 -20.52 -8.09 -25.67
C ALA B 210 -21.74 -7.30 -25.23
N TYR B 211 -22.38 -6.59 -26.16
CA TYR B 211 -23.64 -5.92 -25.84
C TYR B 211 -24.76 -6.92 -25.60
N GLU B 212 -24.78 -8.01 -26.38
CA GLU B 212 -25.75 -9.07 -26.15
C GLU B 212 -25.31 -9.93 -24.98
N PRO B 213 -26.24 -10.30 -24.09
CA PRO B 213 -25.88 -11.10 -22.91
C PRO B 213 -25.64 -12.57 -23.25
N LYS B 214 -25.14 -13.30 -22.24
CA LYS B 214 -24.78 -14.70 -22.40
C LYS B 214 -26.03 -15.57 -22.34
N PRO B 215 -26.14 -16.58 -23.22
CA PRO B 215 -27.31 -17.47 -23.26
C PRO B 215 -27.22 -18.58 -22.21
N ASN B 221 -27.22 -22.55 -29.93
CA ASN B 221 -26.40 -21.40 -30.32
C ASN B 221 -25.48 -20.97 -29.19
N HIS B 222 -25.41 -21.77 -28.13
CA HIS B 222 -24.73 -21.35 -26.91
C HIS B 222 -23.22 -21.30 -27.10
N TYR B 223 -22.64 -22.35 -27.69
CA TYR B 223 -21.18 -22.53 -27.61
C TYR B 223 -20.41 -21.52 -28.47
N LEU B 224 -20.96 -21.14 -29.62
CA LEU B 224 -20.32 -20.15 -30.49
C LEU B 224 -20.71 -18.72 -30.16
N ASN B 225 -21.54 -18.51 -29.12
CA ASN B 225 -21.94 -17.18 -28.66
C ASN B 225 -21.85 -17.08 -27.14
N LYS B 226 -21.08 -17.96 -26.50
CA LYS B 226 -20.99 -17.98 -25.04
C LYS B 226 -20.30 -16.73 -24.51
N LYS B 227 -19.07 -16.46 -24.99
CA LYS B 227 -18.18 -15.37 -24.63
C LYS B 227 -18.31 -14.23 -25.63
N PRO B 228 -18.07 -12.99 -25.19
CA PRO B 228 -18.08 -11.85 -26.12
C PRO B 228 -17.04 -12.00 -27.22
N GLY B 229 -17.45 -11.73 -28.46
CA GLY B 229 -16.55 -11.89 -29.58
C GLY B 229 -15.91 -10.58 -30.02
N PHE B 230 -16.63 -9.48 -29.85
CA PHE B 230 -16.08 -8.17 -30.17
C PHE B 230 -16.79 -7.13 -29.33
N TYR B 231 -16.20 -5.93 -29.28
CA TYR B 231 -16.76 -4.81 -28.56
C TYR B 231 -17.66 -3.96 -29.44
N LEU B 232 -18.45 -3.11 -28.77
CA LEU B 232 -19.31 -2.17 -29.49
C LEU B 232 -18.49 -1.21 -30.33
N SER B 233 -17.30 -0.86 -29.85
CA SER B 233 -16.43 0.07 -30.58
C SER B 233 -15.99 -0.50 -31.91
N GLU B 234 -15.99 -1.83 -32.04
CA GLU B 234 -15.60 -2.50 -33.27
C GLU B 234 -16.80 -3.04 -34.04
N GLU B 235 -18.02 -2.63 -33.68
CA GLU B 235 -19.20 -3.09 -34.39
C GLU B 235 -19.12 -2.71 -35.87
N ALA B 236 -18.76 -1.46 -36.14
CA ALA B 236 -18.64 -1.01 -37.52
C ALA B 236 -17.57 -1.80 -38.27
N PHE B 237 -16.46 -2.13 -37.59
CA PHE B 237 -15.43 -2.93 -38.24
C PHE B 237 -15.90 -4.36 -38.50
N VAL B 238 -16.65 -4.94 -37.57
CA VAL B 238 -17.21 -6.27 -37.79
C VAL B 238 -18.19 -6.27 -38.94
N ASP B 239 -18.99 -5.20 -39.07
CA ASP B 239 -19.90 -5.08 -40.22
C ASP B 239 -19.11 -5.12 -41.52
N GLU B 240 -18.01 -4.36 -41.58
CA GLU B 240 -17.15 -4.37 -42.76
C GLU B 240 -16.45 -5.72 -42.93
N LEU B 241 -16.06 -6.36 -41.83
CA LEU B 241 -15.40 -7.67 -41.94
C LEU B 241 -16.36 -8.73 -42.44
N ARG B 242 -17.60 -8.75 -41.92
CA ARG B 242 -18.57 -9.74 -42.36
C ARG B 242 -18.91 -9.57 -43.83
N GLN B 243 -19.01 -8.31 -44.29
CA GLN B 243 -19.30 -8.07 -45.70
C GLN B 243 -18.11 -8.41 -46.57
N VAL B 244 -16.93 -7.86 -46.25
CA VAL B 244 -15.75 -8.03 -47.09
C VAL B 244 -15.32 -9.48 -47.18
N LEU B 245 -15.29 -10.19 -46.05
CA LEU B 245 -14.83 -11.58 -46.07
C LEU B 245 -15.92 -12.58 -46.45
N GLY B 246 -17.17 -12.16 -46.52
CA GLY B 246 -18.23 -13.06 -46.95
C GLY B 246 -18.67 -14.04 -45.89
N MET B 247 -19.46 -13.57 -44.93
CA MET B 247 -19.99 -14.41 -43.87
C MET B 247 -21.31 -13.82 -43.39
N ARG B 248 -22.05 -14.60 -42.61
CA ARG B 248 -23.30 -14.11 -42.06
C ARG B 248 -23.09 -13.57 -40.65
N PRO B 249 -23.90 -12.61 -40.21
CA PRO B 249 -23.73 -12.10 -38.84
C PRO B 249 -24.00 -13.19 -37.82
N GLY B 250 -23.20 -13.20 -36.77
CA GLY B 250 -23.34 -14.22 -35.75
C GLY B 250 -22.64 -15.52 -36.05
N THR B 251 -21.75 -15.55 -37.04
CA THR B 251 -21.03 -16.74 -37.46
C THR B 251 -19.54 -16.57 -37.21
N ARG B 252 -18.82 -17.70 -37.31
CA ARG B 252 -17.39 -17.74 -37.06
C ARG B 252 -16.61 -17.58 -38.37
N HIS B 253 -15.52 -18.34 -38.51
CA HIS B 253 -14.70 -18.32 -39.71
C HIS B 253 -13.92 -19.63 -39.74
N PRO B 254 -13.63 -20.19 -40.92
CA PRO B 254 -12.95 -21.50 -40.97
C PRO B 254 -11.64 -21.57 -40.22
N VAL B 255 -10.85 -20.48 -40.22
CA VAL B 255 -9.56 -20.47 -39.56
C VAL B 255 -9.71 -20.64 -38.06
N ALA B 256 -10.77 -20.06 -37.49
CA ALA B 256 -10.95 -20.07 -36.04
C ALA B 256 -11.11 -21.49 -35.51
N TYR B 257 -11.80 -22.35 -36.26
CA TYR B 257 -11.94 -23.73 -35.80
C TYR B 257 -10.59 -24.41 -35.69
N ILE B 258 -9.71 -24.17 -36.67
CA ILE B 258 -8.37 -24.75 -36.63
C ILE B 258 -7.58 -24.18 -35.46
N MET B 259 -7.65 -22.86 -35.26
CA MET B 259 -6.95 -22.24 -34.14
C MET B 259 -7.48 -22.72 -32.79
N GLU B 260 -8.81 -22.83 -32.64
CA GLU B 260 -9.36 -23.35 -31.38
C GLU B 260 -8.86 -24.76 -31.11
N ALA B 261 -8.84 -25.61 -32.12
CA ALA B 261 -8.32 -26.96 -31.95
C ALA B 261 -6.84 -26.94 -31.63
N ALA B 262 -6.10 -26.01 -32.24
CA ALA B 262 -4.68 -25.88 -31.93
C ALA B 262 -4.46 -25.55 -30.46
N ASP B 263 -5.17 -24.54 -29.94
CA ASP B 263 -5.00 -24.19 -28.53
C ASP B 263 -5.47 -25.33 -27.64
N ASP B 264 -6.53 -26.03 -28.02
CA ASP B 264 -6.99 -27.17 -27.23
C ASP B 264 -5.92 -28.25 -27.14
N ILE B 265 -5.25 -28.53 -28.25
CA ILE B 265 -4.26 -29.61 -28.30
C ILE B 265 -3.06 -29.27 -27.40
N SER B 266 -2.55 -28.04 -27.49
CA SER B 266 -1.41 -27.59 -26.72
C SER B 266 -1.83 -26.80 -25.48
N TYR B 267 -3.08 -26.97 -25.06
CA TYR B 267 -3.64 -26.21 -23.94
C TYR B 267 -2.78 -26.32 -22.68
N CYS B 268 -2.41 -27.54 -22.31
CA CYS B 268 -1.75 -27.79 -21.04
C CYS B 268 -0.51 -28.68 -21.12
N LEU B 269 -0.31 -29.44 -22.20
CA LEU B 269 0.85 -30.32 -22.27
C LEU B 269 2.13 -29.54 -22.02
N ALA B 270 2.19 -28.33 -22.53
CA ALA B 270 3.32 -27.46 -22.21
C ALA B 270 3.36 -27.16 -20.73
N ASP B 271 2.19 -26.82 -20.15
CA ASP B 271 2.16 -26.46 -18.74
C ASP B 271 2.52 -27.63 -17.84
N ILE B 272 2.09 -28.85 -18.21
CA ILE B 272 2.41 -30.01 -17.40
C ILE B 272 3.91 -30.27 -17.39
N GLU B 273 4.57 -30.13 -18.55
CA GLU B 273 6.02 -30.31 -18.58
C GLU B 273 6.71 -29.30 -17.66
N ASP B 274 6.27 -28.05 -17.68
CA ASP B 274 6.87 -27.07 -16.78
C ASP B 274 6.70 -27.46 -15.33
N SER B 275 5.57 -28.08 -15.00
CA SER B 275 5.33 -28.52 -13.63
C SER B 275 6.32 -29.60 -13.22
N VAL B 276 6.57 -30.58 -14.10
CA VAL B 276 7.53 -31.62 -13.75
C VAL B 276 8.92 -31.03 -13.55
N GLU B 277 9.34 -30.12 -14.45
CA GLU B 277 10.63 -29.46 -14.28
C GLU B 277 10.66 -28.60 -13.02
N LYS B 278 9.56 -27.91 -12.72
CA LYS B 278 9.51 -27.12 -11.50
C LYS B 278 9.50 -27.98 -10.25
N GLY B 279 9.24 -29.29 -10.37
CA GLY B 279 9.28 -30.18 -9.25
C GLY B 279 7.95 -30.51 -8.62
N ILE B 280 6.84 -30.10 -9.23
CA ILE B 280 5.53 -30.30 -8.61
C ILE B 280 5.19 -31.77 -8.53
N LEU B 281 5.49 -32.53 -9.57
CA LEU B 281 5.23 -33.96 -9.64
C LEU B 281 6.43 -34.64 -10.25
N ASP B 282 6.47 -35.96 -10.11
CA ASP B 282 7.50 -36.75 -10.76
C ASP B 282 6.93 -37.38 -12.02
N ILE B 283 7.84 -37.72 -12.93
CA ILE B 283 7.43 -38.33 -14.19
C ILE B 283 6.73 -39.65 -13.94
N ARG B 284 7.28 -40.47 -13.04
CA ARG B 284 6.64 -41.75 -12.72
C ARG B 284 5.28 -41.51 -12.06
N GLN B 285 5.20 -40.55 -11.15
CA GLN B 285 3.93 -40.24 -10.51
C GLN B 285 2.94 -39.62 -11.50
N LEU B 286 3.43 -38.79 -12.42
CA LEU B 286 2.56 -38.18 -13.43
C LEU B 286 1.92 -39.25 -14.32
N ALA B 287 2.67 -40.31 -14.63
CA ALA B 287 2.15 -41.35 -15.51
C ALA B 287 0.95 -42.05 -14.88
N ASP B 288 1.11 -42.58 -13.67
CA ASP B 288 -0.02 -43.16 -12.96
C ASP B 288 -1.09 -42.11 -12.66
N LEU B 289 -0.68 -40.86 -12.40
CA LEU B 289 -1.66 -39.79 -12.21
C LEU B 289 -2.48 -39.60 -13.48
N LEU B 290 -1.82 -39.64 -14.64
CA LEU B 290 -2.54 -39.56 -15.91
C LEU B 290 -3.52 -40.72 -16.05
N VAL B 291 -3.10 -41.93 -15.67
CA VAL B 291 -3.95 -43.10 -15.81
C VAL B 291 -5.18 -42.99 -14.92
N LYS B 292 -4.99 -42.64 -13.64
CA LYS B 292 -6.12 -42.56 -12.72
C LYS B 292 -7.10 -41.47 -13.13
N LYS B 293 -6.60 -40.31 -13.56
CA LYS B 293 -7.49 -39.23 -14.02
C LYS B 293 -8.12 -39.58 -15.35
N PHE B 294 -7.48 -40.44 -16.15
CA PHE B 294 -8.05 -40.89 -17.41
C PHE B 294 -9.29 -41.76 -17.22
N ALA B 295 -9.41 -42.43 -16.06
CA ALA B 295 -10.51 -43.38 -15.86
C ALA B 295 -11.87 -42.72 -16.01
N VAL B 296 -11.97 -41.43 -15.70
CA VAL B 296 -13.25 -40.73 -15.86
C VAL B 296 -13.69 -40.72 -17.31
N HIS B 297 -12.74 -40.50 -18.23
CA HIS B 297 -13.10 -40.39 -19.64
C HIS B 297 -13.29 -41.75 -20.31
N HIS B 298 -12.28 -42.60 -20.29
CA HIS B 298 -12.38 -43.91 -20.91
C HIS B 298 -11.43 -44.88 -20.20
N SER B 299 -11.32 -46.08 -20.75
CA SER B 299 -10.43 -47.12 -20.25
C SER B 299 -9.08 -47.04 -20.97
N PRO B 300 -7.97 -47.11 -20.25
CA PRO B 300 -6.66 -46.97 -20.91
C PRO B 300 -6.36 -48.09 -21.89
N ASP B 301 -6.89 -49.30 -21.64
CA ASP B 301 -6.57 -50.48 -22.43
C ASP B 301 -7.17 -50.44 -23.84
N ALA B 302 -8.00 -49.44 -24.13
CA ALA B 302 -8.57 -49.28 -25.45
C ALA B 302 -7.53 -48.77 -26.46
N PRO B 303 -7.56 -49.24 -27.70
CA PRO B 303 -6.60 -48.77 -28.70
C PRO B 303 -6.91 -47.33 -29.14
N ILE B 304 -5.84 -46.62 -29.51
CA ILE B 304 -5.91 -45.20 -29.86
C ILE B 304 -6.01 -45.07 -31.38
N PRO B 305 -6.93 -44.26 -31.90
CA PRO B 305 -7.04 -44.10 -33.37
C PRO B 305 -5.87 -43.31 -33.95
N GLY B 306 -5.39 -43.74 -35.10
CA GLY B 306 -4.39 -43.01 -35.85
C GLY B 306 -2.95 -43.45 -35.66
N ASP B 307 -2.68 -44.35 -34.72
CA ASP B 307 -1.33 -44.84 -34.50
C ASP B 307 -1.07 -46.09 -35.33
N ALA B 308 0.02 -46.06 -36.11
CA ALA B 308 0.37 -47.21 -36.95
C ALA B 308 0.68 -48.44 -36.10
N ASP B 309 1.30 -48.24 -34.93
CA ASP B 309 1.67 -49.33 -34.05
C ASP B 309 0.55 -49.78 -33.11
N ASN B 310 -0.65 -49.23 -33.27
CA ASN B 310 -1.83 -49.65 -32.52
C ASN B 310 -1.58 -49.58 -31.01
N MET B 311 -1.05 -48.46 -30.56
CA MET B 311 -0.75 -48.27 -29.15
C MET B 311 -1.98 -47.78 -28.40
N SER B 312 -2.14 -48.27 -27.17
CA SER B 312 -3.19 -47.79 -26.29
C SER B 312 -2.66 -46.62 -25.46
N PHE B 313 -3.56 -45.93 -24.76
CA PHE B 313 -3.12 -44.80 -23.95
C PHE B 313 -2.16 -45.26 -22.85
N GLN B 314 -2.49 -46.35 -22.16
CA GLN B 314 -1.58 -46.86 -21.14
C GLN B 314 -0.30 -47.39 -21.78
N ARG B 315 -0.42 -48.02 -22.96
CA ARG B 315 0.77 -48.47 -23.68
C ARG B 315 1.60 -47.28 -24.14
N MET B 316 0.95 -46.19 -24.56
CA MET B 316 1.68 -44.98 -24.93
C MET B 316 2.39 -44.40 -23.71
N VAL B 317 1.67 -44.29 -22.59
CA VAL B 317 2.28 -43.79 -21.36
C VAL B 317 3.39 -44.73 -20.90
N ASP B 318 3.14 -46.04 -20.95
CA ASP B 318 4.19 -47.00 -20.60
C ASP B 318 5.35 -46.92 -21.58
N TYR B 319 5.05 -46.70 -22.87
CA TYR B 319 6.09 -46.52 -23.87
C TYR B 319 6.91 -45.26 -23.58
N SER B 320 6.23 -44.17 -23.22
CA SER B 320 6.95 -42.93 -22.93
C SER B 320 7.85 -43.07 -21.72
N LEU B 321 7.34 -43.68 -20.64
CA LEU B 321 8.18 -43.87 -19.46
C LEU B 321 9.32 -44.85 -19.71
N GLU B 322 9.09 -45.87 -20.54
CA GLU B 322 10.17 -46.82 -20.84
C GLU B 322 11.31 -46.16 -21.60
N LYS B 323 10.99 -45.25 -22.54
CA LYS B 323 12.03 -44.57 -23.30
C LYS B 323 12.88 -43.67 -22.41
N ALA B 324 12.27 -42.97 -21.46
CA ALA B 324 13.06 -42.24 -20.46
C ALA B 324 13.77 -43.21 -19.53
N GLU B 325 14.93 -42.76 -19.03
CA GLU B 325 15.82 -43.58 -18.20
C GLU B 325 16.42 -44.73 -19.02
N GLU B 327 16.83 -41.76 -22.72
CA GLU B 327 17.82 -40.68 -22.76
C GLU B 327 18.46 -40.44 -21.40
N PRO B 328 19.79 -40.38 -21.36
CA PRO B 328 20.53 -40.25 -20.09
C PRO B 328 20.93 -38.83 -19.75
N ILE B 329 20.61 -37.86 -20.60
CA ILE B 329 20.92 -36.45 -20.36
C ILE B 329 19.68 -35.70 -19.94
N ASN B 330 18.57 -35.94 -20.65
CA ASN B 330 17.34 -35.21 -20.49
C ASN B 330 16.22 -36.22 -20.23
N LYS B 331 16.20 -36.80 -19.03
CA LYS B 331 15.19 -37.80 -18.70
C LYS B 331 13.78 -37.21 -18.71
N VAL B 332 13.61 -36.01 -18.15
CA VAL B 332 12.30 -35.35 -18.19
C VAL B 332 11.95 -34.97 -19.63
N SER B 333 12.89 -34.34 -20.32
CA SER B 333 12.66 -33.86 -21.68
C SER B 333 12.28 -35.00 -22.62
N GLU B 334 12.95 -36.15 -22.51
CA GLU B 334 12.64 -37.26 -23.42
C GLU B 334 11.20 -37.75 -23.23
N PHE B 335 10.73 -37.81 -21.98
CA PHE B 335 9.37 -38.25 -21.70
C PHE B 335 8.35 -37.46 -22.51
N PHE B 336 8.41 -36.13 -22.43
CA PHE B 336 7.42 -35.33 -23.14
C PHE B 336 7.67 -35.32 -24.64
N ILE B 337 8.91 -35.54 -25.07
CA ILE B 337 9.21 -35.71 -26.49
C ILE B 337 8.58 -37.01 -27.01
N ARG B 338 8.88 -38.14 -26.35
CA ARG B 338 8.33 -39.43 -26.77
C ARG B 338 6.81 -39.42 -26.67
N LEU B 339 6.27 -38.79 -25.62
CA LEU B 339 4.83 -38.67 -25.49
C LEU B 339 4.23 -37.79 -26.60
N ARG B 340 4.98 -36.79 -27.06
CA ARG B 340 4.43 -35.88 -28.07
C ARG B 340 4.35 -36.57 -29.43
N VAL B 341 5.43 -37.24 -29.85
CA VAL B 341 5.42 -37.93 -31.14
C VAL B 341 4.27 -38.93 -31.21
N LYS B 342 4.09 -39.72 -30.14
CA LYS B 342 3.07 -40.76 -30.16
C LYS B 342 1.66 -40.17 -30.05
N MET B 343 1.46 -39.18 -29.18
CA MET B 343 0.10 -38.71 -28.88
C MET B 343 -0.31 -37.44 -29.61
N ILE B 344 0.62 -36.59 -30.03
CA ILE B 344 0.18 -35.42 -30.79
C ILE B 344 -0.34 -35.84 -32.15
N HIS B 345 0.23 -36.89 -32.74
CA HIS B 345 -0.20 -37.35 -34.07
C HIS B 345 -1.68 -37.72 -34.11
N PRO B 346 -2.23 -38.50 -33.19
CA PRO B 346 -3.67 -38.79 -33.25
C PRO B 346 -4.53 -37.56 -33.06
N LEU B 347 -4.12 -36.66 -32.16
CA LEU B 347 -4.86 -35.42 -31.95
C LEU B 347 -4.89 -34.58 -33.22
N VAL B 348 -3.74 -34.37 -33.85
CA VAL B 348 -3.71 -33.63 -35.10
C VAL B 348 -4.52 -34.34 -36.18
N GLN B 349 -4.36 -35.68 -36.27
CA GLN B 349 -5.14 -36.44 -37.25
C GLN B 349 -6.63 -36.34 -36.98
N HIS B 350 -7.03 -36.43 -35.70
CA HIS B 350 -8.43 -36.31 -35.33
C HIS B 350 -9.01 -34.98 -35.77
N ALA B 351 -8.30 -33.88 -35.49
CA ALA B 351 -8.81 -32.56 -35.82
C ALA B 351 -9.01 -32.39 -37.32
N ALA B 352 -8.10 -32.93 -38.12
CA ALA B 352 -8.22 -32.82 -39.57
C ALA B 352 -9.46 -33.55 -40.09
N GLN B 353 -9.70 -34.77 -39.61
CA GLN B 353 -10.90 -35.50 -40.01
C GLN B 353 -12.16 -34.73 -39.61
N GLN B 354 -12.15 -34.11 -38.43
CA GLN B 354 -13.30 -33.34 -37.96
C GLN B 354 -13.59 -32.15 -38.86
N PHE B 355 -12.53 -31.46 -39.31
CA PHE B 355 -12.71 -30.32 -40.21
C PHE B 355 -13.35 -30.78 -41.52
N ILE B 356 -12.86 -31.90 -42.07
CA ILE B 356 -13.38 -32.40 -43.34
C ILE B 356 -14.78 -32.97 -43.18
N ASP B 357 -15.06 -33.62 -42.05
CA ASP B 357 -16.38 -34.17 -41.80
C ASP B 357 -17.45 -33.08 -41.79
N ASN B 358 -17.12 -31.91 -41.24
CA ASN B 358 -18.04 -30.79 -41.14
C ASN B 358 -17.67 -29.65 -42.08
N LEU B 359 -17.06 -29.97 -43.22
CA LEU B 359 -16.62 -28.95 -44.18
C LEU B 359 -17.74 -27.96 -44.50
N GLU B 360 -18.94 -28.48 -44.80
CA GLU B 360 -20.08 -27.61 -45.11
C GLU B 360 -20.49 -26.77 -43.92
N ALA B 361 -20.58 -27.39 -42.74
CA ALA B 361 -20.96 -26.65 -41.53
C ALA B 361 -19.93 -25.57 -41.18
N VAL B 362 -18.64 -25.86 -41.40
CA VAL B 362 -17.59 -24.90 -41.08
C VAL B 362 -17.62 -23.71 -42.04
N HIS B 363 -17.70 -23.98 -43.34
CA HIS B 363 -17.73 -22.90 -44.34
C HIS B 363 -18.88 -21.94 -44.12
N ALA B 364 -20.04 -22.45 -43.70
CA ALA B 364 -21.13 -21.56 -43.32
C ALA B 364 -20.79 -20.75 -42.07
N GLY B 365 -20.01 -21.32 -41.17
CA GLY B 365 -19.78 -20.72 -39.87
C GLY B 365 -20.78 -21.12 -38.81
N THR B 366 -21.48 -22.23 -39.01
CA THR B 366 -22.57 -22.64 -38.15
C THR B 366 -22.25 -23.82 -37.23
N LEU B 367 -21.04 -24.37 -37.29
CA LEU B 367 -20.67 -25.46 -36.39
C LEU B 367 -20.57 -24.96 -34.96
N GLY B 368 -21.32 -25.57 -34.06
CA GLY B 368 -21.45 -25.06 -32.70
C GLY B 368 -20.66 -25.78 -31.63
N ARG B 369 -19.56 -26.45 -31.99
CA ARG B 369 -18.71 -27.05 -30.99
C ARG B 369 -17.26 -26.97 -31.46
N ALA B 370 -16.33 -27.14 -30.52
CA ALA B 370 -14.94 -27.22 -30.93
C ALA B 370 -14.65 -28.57 -31.58
N LEU B 371 -13.76 -28.56 -32.58
CA LEU B 371 -13.45 -29.77 -33.33
C LEU B 371 -13.02 -30.92 -32.42
N MET B 372 -12.29 -30.59 -31.36
CA MET B 372 -11.81 -31.63 -30.45
C MET B 372 -12.96 -32.24 -29.67
N GLU B 373 -13.95 -31.43 -29.29
CA GLU B 373 -14.97 -31.82 -28.31
C GLU B 373 -16.04 -32.68 -28.99
N ASP B 374 -15.92 -34.01 -28.86
CA ASP B 374 -16.94 -34.91 -29.38
C ASP B 374 -17.09 -36.22 -28.60
N GLY B 375 -16.43 -36.40 -27.47
CA GLY B 375 -16.58 -37.61 -26.70
C GLY B 375 -15.82 -38.83 -27.19
N SER B 376 -14.90 -38.67 -28.13
CA SER B 376 -14.22 -39.83 -28.69
C SER B 376 -13.04 -40.23 -27.82
N LEU B 377 -12.33 -41.29 -28.22
CA LEU B 377 -11.12 -41.69 -27.49
C LEU B 377 -10.04 -40.62 -27.60
N PRO B 378 -9.70 -40.08 -28.78
CA PRO B 378 -8.75 -38.97 -28.83
C PRO B 378 -9.26 -37.70 -28.16
N HIS B 379 -10.57 -37.53 -28.08
CA HIS B 379 -11.13 -36.44 -27.27
C HIS B 379 -10.69 -36.55 -25.83
N ALA B 380 -10.64 -37.77 -25.29
CA ALA B 380 -10.21 -37.96 -23.91
C ALA B 380 -8.78 -37.49 -23.70
N ILE B 381 -7.96 -37.53 -24.74
CA ILE B 381 -6.58 -37.05 -24.65
C ILE B 381 -6.56 -35.59 -24.23
N VAL B 382 -7.31 -34.75 -24.94
CA VAL B 382 -7.29 -33.31 -24.67
C VAL B 382 -7.79 -33.03 -23.27
N GLN B 383 -8.88 -33.68 -22.87
CA GLN B 383 -9.47 -33.39 -21.57
C GLN B 383 -8.67 -34.00 -20.42
N THR B 384 -8.02 -35.15 -20.64
CA THR B 384 -7.19 -35.74 -19.59
C THR B 384 -6.07 -34.79 -19.20
N PHE B 385 -5.49 -34.12 -20.20
CA PHE B 385 -4.49 -33.10 -19.91
C PHE B 385 -5.10 -31.95 -19.14
N LYS B 386 -6.30 -31.51 -19.53
CA LYS B 386 -7.00 -30.47 -18.79
C LYS B 386 -7.29 -30.91 -17.36
N ASP B 387 -7.75 -32.14 -17.20
CA ASP B 387 -8.11 -32.63 -15.87
C ASP B 387 -6.88 -32.74 -14.97
N VAL B 388 -5.78 -33.29 -15.49
CA VAL B 388 -4.58 -33.43 -14.67
C VAL B 388 -4.05 -32.07 -14.22
N ALA B 389 -4.09 -31.07 -15.10
CA ALA B 389 -3.53 -29.77 -14.75
C ALA B 389 -4.30 -29.12 -13.60
N MET B 390 -5.65 -29.16 -13.64
CA MET B 390 -6.43 -28.52 -12.60
C MET B 390 -6.18 -29.12 -11.22
N GLU B 391 -5.92 -30.43 -11.14
CA GLU B 391 -5.69 -31.02 -9.83
C GLU B 391 -4.32 -30.66 -9.28
N TRP B 392 -3.30 -30.55 -10.14
CA TRP B 392 -1.93 -30.49 -9.65
C TRP B 392 -1.14 -29.25 -10.08
N VAL B 393 -1.55 -28.53 -11.11
CA VAL B 393 -0.73 -27.45 -11.64
C VAL B 393 -1.31 -26.10 -11.22
N PHE B 394 -2.55 -25.81 -11.65
CA PHE B 394 -3.14 -24.50 -11.38
C PHE B 394 -3.46 -24.29 -9.91
N CYS B 395 -3.67 -25.35 -9.14
CA CYS B 395 -3.93 -25.19 -7.71
C CYS B 395 -2.67 -24.86 -6.90
N HIS B 396 -1.50 -24.81 -7.54
CA HIS B 396 -0.25 -24.61 -6.82
C HIS B 396 -0.20 -23.21 -6.20
N PRO B 397 0.23 -23.09 -4.94
CA PRO B 397 0.18 -21.79 -4.26
C PRO B 397 0.91 -20.68 -5.00
N GLU B 398 1.99 -21.02 -5.70
CA GLU B 398 2.71 -20.00 -6.45
C GLU B 398 1.85 -19.41 -7.56
N VAL B 399 0.99 -20.21 -8.19
CA VAL B 399 0.11 -19.67 -9.24
C VAL B 399 -1.01 -18.83 -8.63
N GLU B 400 -1.66 -19.36 -7.60
CA GLU B 400 -2.79 -18.67 -6.98
C GLU B 400 -2.37 -17.42 -6.25
N THR B 401 -1.11 -17.36 -5.77
CA THR B 401 -0.60 -16.12 -5.22
C THR B 401 -0.49 -15.04 -6.30
N LEU B 402 0.00 -15.43 -7.48
CA LEU B 402 0.08 -14.47 -8.59
C LEU B 402 -1.29 -14.02 -9.07
N GLU B 403 -2.26 -14.95 -9.11
CA GLU B 403 -3.62 -14.56 -9.49
C GLU B 403 -4.18 -13.54 -8.52
N LEU B 404 -4.06 -13.80 -7.21
CA LEU B 404 -4.54 -12.86 -6.21
C LEU B 404 -3.77 -11.54 -6.27
N GLN B 405 -2.45 -11.59 -6.43
CA GLN B 405 -1.68 -10.36 -6.45
C GLN B 405 -2.03 -9.51 -7.67
N GLY B 406 -2.14 -10.14 -8.84
CA GLY B 406 -2.57 -9.41 -10.02
C GLY B 406 -3.97 -8.83 -9.88
N TYR B 407 -4.83 -9.48 -9.10
CA TYR B 407 -6.14 -8.92 -8.84
C TYR B 407 -6.03 -7.57 -8.16
N ARG B 408 -5.12 -7.43 -7.19
CA ARG B 408 -4.95 -6.14 -6.52
C ARG B 408 -4.39 -5.11 -7.48
N ILE B 409 -3.40 -5.50 -8.29
CA ILE B 409 -2.72 -4.55 -9.16
C ILE B 409 -3.70 -3.94 -10.16
N ILE B 410 -4.51 -4.78 -10.80
CA ILE B 410 -5.44 -4.26 -11.80
C ILE B 410 -6.46 -3.35 -11.13
N GLN B 411 -7.01 -3.76 -9.99
CA GLN B 411 -7.99 -2.92 -9.30
C GLN B 411 -7.38 -1.62 -8.81
N GLY B 412 -6.18 -1.69 -8.21
CA GLY B 412 -5.54 -0.48 -7.74
C GLY B 412 -5.27 0.48 -8.88
N LEU B 413 -4.85 -0.06 -10.01
CA LEU B 413 -4.61 0.78 -11.19
C LEU B 413 -5.90 1.46 -11.60
N LEU B 414 -6.99 0.72 -11.62
CA LEU B 414 -8.27 1.32 -11.97
C LEU B 414 -8.67 2.35 -10.92
N ASP B 415 -8.46 2.05 -9.64
CA ASP B 415 -8.74 3.03 -8.60
C ASP B 415 -7.84 4.25 -8.76
N PHE B 416 -6.59 4.03 -9.17
CA PHE B 416 -5.67 5.14 -9.34
C PHE B 416 -6.08 6.05 -10.49
N TYR B 417 -6.56 5.47 -11.60
CA TYR B 417 -6.95 6.25 -12.78
C TYR B 417 -8.43 6.56 -12.83
N ALA B 418 -9.19 6.17 -11.81
CA ALA B 418 -10.59 6.55 -11.76
C ALA B 418 -10.82 8.06 -11.72
N PRO B 419 -9.94 8.88 -11.11
CA PRO B 419 -10.13 10.34 -11.23
C PRO B 419 -10.35 10.83 -12.66
N LEU B 420 -9.77 10.17 -13.65
CA LEU B 420 -10.07 10.56 -15.03
C LEU B 420 -11.52 10.28 -15.38
N LEU B 421 -12.10 9.22 -14.82
CA LEU B 421 -13.50 8.89 -15.10
C LEU B 421 -14.50 9.85 -14.46
N ARG B 422 -14.16 10.44 -13.31
CA ARG B 422 -15.06 11.38 -12.66
C ARG B 422 -15.11 12.75 -13.34
N LEU B 423 -14.10 13.09 -14.12
CA LEU B 423 -14.09 14.37 -14.82
C LEU B 423 -15.26 14.45 -15.80
N PRO B 424 -15.87 15.63 -15.95
CA PRO B 424 -16.86 15.81 -17.01
C PRO B 424 -16.20 15.95 -18.37
N ALA B 425 -16.97 15.60 -19.41
CA ALA B 425 -16.41 15.36 -20.73
C ALA B 425 -15.62 16.56 -21.26
N GLU B 426 -16.03 17.77 -20.89
CA GLU B 426 -15.28 18.94 -21.35
C GLU B 426 -13.88 18.96 -20.75
N GLU B 427 -13.77 18.72 -19.45
CA GLU B 427 -12.46 18.71 -18.81
C GLU B 427 -11.56 17.62 -19.40
N PHE B 428 -12.10 16.40 -19.54
CA PHE B 428 -11.27 15.30 -20.02
C PHE B 428 -10.75 15.53 -21.43
N GLN B 429 -11.64 15.94 -22.34
CA GLN B 429 -11.21 16.14 -23.72
C GLN B 429 -10.12 17.20 -23.82
N ALA B 430 -10.17 18.23 -22.97
CA ALA B 430 -9.08 19.19 -22.93
C ALA B 430 -7.77 18.53 -22.53
N LEU B 431 -7.82 17.67 -21.50
CA LEU B 431 -6.62 16.95 -21.08
C LEU B 431 -6.12 16.03 -22.18
N ALA B 432 -7.04 15.29 -22.80
CA ALA B 432 -6.65 14.39 -23.89
C ALA B 432 -6.06 15.16 -25.05
N GLU B 433 -6.51 16.39 -25.28
CA GLU B 433 -5.97 17.23 -26.34
C GLU B 433 -4.68 17.94 -25.96
N GLY B 434 -4.28 17.88 -24.69
CA GLY B 434 -3.09 18.57 -24.25
C GLY B 434 -3.32 19.96 -23.70
N ARG B 435 -4.56 20.42 -23.64
CA ARG B 435 -4.87 21.72 -23.07
C ARG B 435 -4.61 21.74 -21.56
N GLN B 436 -4.32 22.92 -21.03
CA GLN B 436 -3.96 23.13 -19.63
C GLN B 436 -5.22 23.34 -18.80
N ALA B 437 -5.65 22.29 -18.10
CA ALA B 437 -6.80 22.41 -17.20
C ALA B 437 -6.33 22.86 -15.81
N ALA B 439 -7.18 21.67 -12.92
CA ALA B 439 -7.18 20.23 -12.74
C ALA B 439 -5.78 19.66 -12.92
N PRO B 440 -4.90 19.86 -11.92
CA PRO B 440 -3.49 19.49 -12.10
C PRO B 440 -3.18 18.03 -11.82
N HIS B 441 -3.83 17.43 -10.82
CA HIS B 441 -3.60 16.00 -10.57
C HIS B 441 -4.10 15.14 -11.71
N PRO B 442 -5.32 15.30 -12.21
CA PRO B 442 -5.74 14.47 -13.35
C PRO B 442 -4.85 14.66 -14.56
N GLN B 443 -4.30 15.87 -14.77
CA GLN B 443 -3.43 16.08 -15.92
C GLN B 443 -2.21 15.19 -15.84
N LEU B 444 -1.65 15.00 -14.64
CA LEU B 444 -0.54 14.07 -14.49
C LEU B 444 -0.96 12.65 -14.88
N LEU B 445 -2.17 12.25 -14.48
CA LEU B 445 -2.67 10.93 -14.84
C LEU B 445 -2.83 10.80 -16.36
N VAL B 446 -3.29 11.87 -17.00
CA VAL B 446 -3.47 11.81 -18.45
C VAL B 446 -2.12 11.65 -19.14
N ARG B 447 -1.10 12.38 -18.67
CA ARG B 447 0.23 12.35 -19.28
C ARG B 447 0.93 10.99 -19.15
N ARG B 448 0.48 10.12 -18.26
CA ARG B 448 1.02 8.78 -18.14
C ARG B 448 0.44 7.82 -19.17
N LEU B 449 -0.72 8.13 -19.73
CA LEU B 449 -1.37 7.22 -20.63
C LEU B 449 -0.61 7.16 -21.96
N PRO B 450 -0.56 5.99 -22.59
CA PRO B 450 0.08 5.89 -23.90
C PRO B 450 -0.56 6.83 -24.89
N SER B 451 0.25 7.35 -25.81
CA SER B 451 -0.28 8.24 -26.83
C SER B 451 -1.27 7.51 -27.72
N GLN B 452 -0.98 6.24 -28.06
CA GLN B 452 -1.89 5.48 -28.91
C GLN B 452 -3.28 5.44 -28.31
N GLN B 453 -3.36 5.24 -26.99
CA GLN B 453 -4.67 5.13 -26.35
C GLN B 453 -5.39 6.46 -26.29
N ILE B 454 -4.68 7.55 -26.02
CA ILE B 454 -5.32 8.86 -26.00
C ILE B 454 -5.83 9.22 -27.39
N LYS B 455 -4.98 9.03 -28.40
CA LYS B 455 -5.34 9.35 -29.77
C LYS B 455 -6.46 8.46 -30.28
N ALA B 456 -6.46 7.19 -29.90
CA ALA B 456 -7.58 6.32 -30.28
C ALA B 456 -8.87 6.84 -29.67
N TYR B 457 -8.78 7.37 -28.45
CA TYR B 457 -9.91 8.04 -27.85
C TYR B 457 -10.27 9.30 -28.63
N LEU B 458 -9.27 10.13 -28.93
CA LEU B 458 -9.54 11.36 -29.67
C LEU B 458 -10.14 11.09 -31.03
N GLU B 459 -9.62 10.07 -31.73
CA GLU B 459 -10.11 9.76 -33.07
C GLU B 459 -11.55 9.26 -33.04
N ALA B 460 -11.88 8.42 -32.05
CA ALA B 460 -13.25 7.95 -31.93
C ALA B 460 -14.20 9.11 -31.68
N MET B 461 -13.77 10.07 -30.84
CA MET B 461 -14.63 11.20 -30.53
C MET B 461 -14.81 12.12 -31.74
N LYS B 462 -13.78 12.26 -32.57
CA LYS B 462 -13.94 13.03 -33.79
C LYS B 462 -15.03 12.43 -34.68
N GLY B 463 -15.19 11.11 -34.65
CA GLY B 463 -16.20 10.46 -35.48
C GLY B 463 -17.62 10.73 -35.03
N VAL B 464 -17.84 10.82 -33.72
CA VAL B 464 -19.17 11.02 -33.17
C VAL B 464 -19.32 12.41 -32.58
N ALA B 465 -18.45 13.35 -32.96
CA ALA B 465 -18.46 14.68 -32.36
C ALA B 465 -19.77 15.43 -32.60
N GLU B 466 -20.51 15.07 -33.65
CA GLU B 466 -21.77 15.74 -33.94
C GLU B 466 -22.99 14.86 -33.66
N ASP B 467 -22.79 13.68 -33.09
CA ASP B 467 -23.90 12.77 -32.79
C ASP B 467 -24.73 13.32 -31.63
N PRO B 468 -26.06 13.15 -31.66
CA PRO B 468 -26.88 13.57 -30.51
C PRO B 468 -26.58 12.78 -29.26
N LEU B 469 -26.06 11.57 -29.39
CA LEU B 469 -25.75 10.70 -28.26
C LEU B 469 -24.26 10.72 -27.94
N GLN B 470 -23.62 11.89 -28.06
CA GLN B 470 -22.18 11.97 -27.90
C GLN B 470 -21.77 11.75 -26.45
N ARG B 471 -22.55 12.27 -25.50
CA ARG B 471 -22.19 12.12 -24.09
C ARG B 471 -22.04 10.65 -23.71
N GLN B 472 -22.98 9.81 -24.15
CA GLN B 472 -22.86 8.37 -23.88
C GLN B 472 -21.64 7.75 -24.55
N TRP B 473 -21.36 8.14 -25.79
CA TRP B 473 -20.19 7.56 -26.47
C TRP B 473 -18.89 8.10 -25.89
N GLU B 474 -18.90 9.34 -25.42
CA GLU B 474 -17.68 9.88 -24.84
C GLU B 474 -17.25 9.05 -23.65
N PHE B 475 -18.14 8.88 -22.67
CA PHE B 475 -17.78 8.13 -21.49
C PHE B 475 -17.53 6.66 -21.82
N TYR B 476 -18.27 6.11 -22.78
CA TYR B 476 -18.03 4.74 -23.19
C TYR B 476 -16.60 4.59 -23.73
N HIS B 477 -16.19 5.52 -24.60
CA HIS B 477 -14.81 5.48 -25.10
C HIS B 477 -13.79 5.91 -24.05
N ARG B 478 -14.19 6.73 -23.07
CA ARG B 478 -13.26 7.02 -21.99
C ARG B 478 -12.92 5.76 -21.22
N CYS B 479 -13.93 5.01 -20.77
CA CYS B 479 -13.69 3.76 -20.09
C CYS B 479 -12.97 2.77 -20.98
N ARG B 480 -13.32 2.77 -22.27
CA ARG B 480 -12.63 1.90 -23.22
C ARG B 480 -11.14 2.23 -23.25
N MET B 481 -10.80 3.52 -23.23
CA MET B 481 -9.40 3.92 -23.20
C MET B 481 -8.72 3.42 -21.93
N LEU B 482 -9.39 3.57 -20.79
CA LEU B 482 -8.81 3.12 -19.53
C LEU B 482 -8.67 1.60 -19.49
N GLN B 483 -9.62 0.87 -20.11
CA GLN B 483 -9.50 -0.58 -20.20
C GLN B 483 -8.41 -1.04 -21.16
N ASP B 484 -8.16 -0.28 -22.25
CA ASP B 484 -7.06 -0.61 -23.14
C ASP B 484 -5.73 -0.51 -22.40
N PHE B 485 -5.61 0.49 -21.52
CA PHE B 485 -4.37 0.77 -20.82
C PHE B 485 -3.94 -0.41 -19.96
N VAL B 486 -4.84 -0.91 -19.13
CA VAL B 486 -4.50 -1.95 -18.16
C VAL B 486 -4.25 -3.29 -18.84
N SER B 487 -5.05 -3.64 -19.84
CA SER B 487 -4.85 -4.96 -20.45
C SER B 487 -3.62 -4.99 -21.34
N GLY B 488 -3.19 -3.84 -21.83
CA GLY B 488 -1.99 -3.83 -22.63
C GLY B 488 -0.70 -3.98 -21.85
N MET B 489 -0.76 -3.91 -20.53
CA MET B 489 0.44 -4.02 -19.71
C MET B 489 0.96 -5.45 -19.69
N THR B 490 2.28 -5.58 -19.55
CA THR B 490 2.85 -6.88 -19.19
C THR B 490 2.72 -7.06 -17.68
N ASP B 491 3.10 -8.25 -17.19
CA ASP B 491 3.06 -8.50 -15.75
C ASP B 491 3.83 -7.41 -15.01
N GLN B 492 5.12 -7.27 -15.35
CA GLN B 492 5.98 -6.31 -14.65
C GLN B 492 5.60 -4.88 -14.97
N HIS B 493 5.16 -4.62 -16.20
CA HIS B 493 4.69 -3.26 -16.51
C HIS B 493 3.52 -2.87 -15.61
N ALA B 494 2.59 -3.81 -15.37
CA ALA B 494 1.46 -3.52 -14.49
C ALA B 494 1.88 -3.36 -13.04
N GLN B 495 2.68 -4.30 -12.52
CA GLN B 495 3.12 -4.19 -11.13
C GLN B 495 3.94 -2.93 -10.92
N ASP B 496 4.77 -2.58 -11.89
CA ASP B 496 5.62 -1.40 -11.72
C ASP B 496 4.78 -0.15 -11.56
N GLU B 497 3.84 0.06 -12.48
CA GLU B 497 3.01 1.25 -12.43
C GLU B 497 2.22 1.30 -11.12
N TYR B 498 1.71 0.15 -10.69
CA TYR B 498 1.02 0.08 -9.39
C TYR B 498 1.93 0.52 -8.25
N ARG B 499 3.16 0.02 -8.21
CA ARG B 499 4.08 0.35 -7.13
C ARG B 499 4.44 1.82 -7.13
N ALA B 500 4.65 2.39 -8.32
CA ALA B 500 5.04 3.80 -8.41
C ALA B 500 3.93 4.71 -7.89
N LEU B 501 2.70 4.48 -8.36
CA LEU B 501 1.57 5.27 -7.89
C LEU B 501 1.36 5.07 -6.39
N SER B 502 1.66 3.89 -5.86
CA SER B 502 1.56 3.70 -4.43
C SER B 502 2.57 4.54 -3.66
N ALA B 503 3.67 4.92 -4.30
CA ALA B 503 4.73 5.71 -3.66
C ALA B 503 5.33 4.97 -2.46
N LEU B 504 5.34 3.64 -2.52
CA LEU B 504 5.96 2.83 -1.47
C LEU B 504 7.16 2.06 -2.01
N ILE C 17 -8.33 -30.52 41.82
CA ILE C 17 -7.45 -30.92 40.73
C ILE C 17 -7.83 -32.32 40.25
N SER C 18 -8.57 -32.40 39.15
CA SER C 18 -8.97 -33.67 38.58
C SER C 18 -7.98 -34.10 37.49
N ARG C 19 -8.18 -35.30 36.96
CA ARG C 19 -7.38 -35.84 35.87
C ARG C 19 -8.18 -36.06 34.59
N GLN C 20 -9.42 -35.57 34.54
CA GLN C 20 -10.28 -35.79 33.38
C GLN C 20 -9.87 -34.89 32.22
N ARG C 21 -9.75 -35.49 31.04
CA ARG C 21 -9.52 -34.82 29.79
C ARG C 21 -10.82 -34.73 28.97
N PRO C 22 -10.95 -33.76 28.08
CA PRO C 22 -12.19 -33.66 27.28
C PRO C 22 -12.46 -34.86 26.39
N HIS C 23 -11.43 -35.52 25.84
CA HIS C 23 -11.61 -36.76 25.09
C HIS C 23 -11.60 -37.99 25.99
N ASP C 24 -11.52 -37.80 27.32
CA ASP C 24 -11.68 -38.89 28.28
C ASP C 24 -13.16 -39.01 28.60
N ARG C 25 -13.79 -40.07 28.11
CA ARG C 25 -15.22 -40.27 28.31
C ARG C 25 -15.53 -41.07 29.58
N GLU C 26 -14.50 -41.57 30.26
CA GLU C 26 -14.70 -42.31 31.50
C GLU C 26 -15.30 -41.43 32.59
N ASP C 35 -5.26 -42.25 42.50
CA ASP C 35 -3.85 -42.57 42.56
C ASP C 35 -3.02 -41.37 42.11
N LEU C 36 -2.09 -40.93 42.94
CA LEU C 36 -1.27 -39.77 42.57
C LEU C 36 -0.41 -40.09 41.36
N GLN C 37 0.09 -41.33 41.26
CA GLN C 37 0.87 -41.70 40.09
C GLN C 37 0.03 -41.65 38.82
N ASP C 38 -1.25 -42.01 38.91
CA ASP C 38 -2.13 -41.91 37.75
C ASP C 38 -2.39 -40.45 37.38
N ILE C 39 -2.63 -39.59 38.36
CA ILE C 39 -2.82 -38.16 38.08
C ILE C 39 -1.53 -37.52 37.59
N VAL C 40 -0.41 -37.82 38.25
CA VAL C 40 0.87 -37.22 37.88
C VAL C 40 1.28 -37.68 36.49
N TYR C 41 0.98 -38.94 36.14
CA TYR C 41 1.31 -39.44 34.80
C TYR C 41 0.56 -38.67 33.73
N GLN C 42 -0.74 -38.45 33.93
CA GLN C 42 -1.53 -37.73 32.94
C GLN C 42 -1.04 -36.30 32.77
N LEU C 43 -0.66 -35.66 33.88
CA LEU C 43 -0.12 -34.30 33.81
C LEU C 43 1.21 -34.27 33.06
N GLU C 44 1.96 -35.37 33.09
CA GLU C 44 3.20 -35.45 32.32
C GLU C 44 2.92 -35.46 30.82
N SER C 45 1.82 -36.09 30.41
CA SER C 45 1.41 -36.03 29.01
C SER C 45 1.05 -34.61 28.60
N ASP C 46 0.44 -33.84 29.50
CA ASP C 46 0.14 -32.45 29.21
C ASP C 46 1.40 -31.66 28.92
N ARG C 47 2.49 -31.98 29.62
CA ARG C 47 3.76 -31.33 29.34
C ARG C 47 4.21 -31.59 27.92
N GLY C 48 4.23 -32.86 27.51
CA GLY C 48 4.63 -33.17 26.15
C GLY C 48 3.72 -32.57 25.11
N ARG C 49 2.41 -32.60 25.37
CA ARG C 49 1.46 -32.04 24.41
C ARG C 49 1.68 -30.54 24.24
N ILE C 50 1.94 -29.82 25.34
CA ILE C 50 2.11 -28.37 25.27
C ILE C 50 3.43 -28.02 24.63
N VAL C 51 4.52 -28.66 25.09
CA VAL C 51 5.85 -28.29 24.63
C VAL C 51 5.98 -28.53 23.14
N ASN C 52 5.39 -29.62 22.64
CA ASN C 52 5.48 -29.95 21.23
C ASN C 52 4.43 -29.25 20.37
N SER C 53 3.51 -28.51 20.97
CA SER C 53 2.43 -27.92 20.20
C SER C 53 2.94 -26.75 19.39
N ALA C 54 2.20 -26.41 18.33
CA ALA C 54 2.56 -25.24 17.56
C ALA C 54 2.29 -23.95 18.33
N ALA C 55 1.39 -23.98 19.33
CA ALA C 55 1.14 -22.77 20.12
C ALA C 55 2.42 -22.29 20.81
N VAL C 56 3.21 -23.22 21.34
CA VAL C 56 4.49 -22.86 21.93
C VAL C 56 5.48 -22.39 20.87
N ARG C 57 5.53 -23.07 19.72
CA ARG C 57 6.52 -22.72 18.71
C ARG C 57 6.35 -21.30 18.20
N ARG C 58 5.11 -20.84 18.08
CA ARG C 58 4.88 -19.48 17.58
C ARG C 58 5.43 -18.43 18.53
N LEU C 59 5.49 -18.73 19.82
CA LEU C 59 5.94 -17.74 20.80
C LEU C 59 7.38 -17.34 20.57
N GLN C 60 8.18 -18.18 19.90
CA GLN C 60 9.57 -17.85 19.62
C GLN C 60 9.67 -16.79 18.54
N GLN C 61 8.63 -16.65 17.71
CA GLN C 61 8.61 -15.72 16.59
C GLN C 61 7.66 -14.57 16.84
N LYS C 62 7.19 -14.39 18.07
CA LYS C 62 6.37 -13.26 18.44
C LYS C 62 7.20 -12.41 19.39
N THR C 63 7.35 -11.14 19.05
CA THR C 63 8.13 -10.22 19.86
C THR C 63 7.40 -9.89 21.16
N GLN C 64 8.18 -9.72 22.23
CA GLN C 64 7.64 -9.34 23.53
C GLN C 64 7.55 -7.82 23.66
N VAL C 65 8.68 -7.13 23.47
CA VAL C 65 8.74 -5.68 23.52
C VAL C 65 9.52 -5.14 22.32
N PHE C 66 10.81 -5.45 22.25
CA PHE C 66 11.65 -4.96 21.16
C PHE C 66 11.53 -5.87 19.95
N PRO C 67 11.25 -5.34 18.77
CA PRO C 67 10.96 -6.19 17.60
C PRO C 67 12.14 -7.10 17.26
N LEU C 68 11.82 -8.38 17.05
CA LEU C 68 12.83 -9.41 16.82
C LEU C 68 13.58 -9.20 15.51
N GLU C 69 12.93 -8.63 14.51
CA GLU C 69 13.56 -8.44 13.21
C GLU C 69 14.81 -7.57 13.34
N ARG C 70 14.79 -6.65 14.29
CA ARG C 70 15.86 -5.68 14.49
C ARG C 70 16.72 -5.93 15.73
N ASN C 71 16.37 -6.90 16.57
CA ASN C 71 17.13 -7.19 17.78
C ASN C 71 17.41 -8.68 17.89
N ALA C 72 18.67 -9.03 18.19
CA ALA C 72 19.07 -10.44 18.17
C ALA C 72 18.70 -11.15 19.46
N ALA C 73 19.40 -10.83 20.55
CA ALA C 73 19.26 -11.60 21.80
C ALA C 73 18.22 -11.01 22.72
N VAL C 74 17.13 -10.52 22.16
CA VAL C 74 16.07 -9.87 22.90
C VAL C 74 15.00 -10.89 23.24
N ARG C 75 14.33 -10.71 24.38
CA ARG C 75 13.32 -11.67 24.75
C ARG C 75 12.13 -11.61 23.80
N SER C 76 11.63 -12.79 23.47
CA SER C 76 10.42 -12.99 22.70
C SER C 76 9.32 -13.46 23.65
N ARG C 77 8.16 -13.80 23.08
CA ARG C 77 7.08 -14.33 23.92
C ARG C 77 7.50 -15.66 24.55
N LEU C 78 8.23 -16.49 23.80
CA LEU C 78 8.63 -17.80 24.30
C LEU C 78 9.67 -17.68 25.40
N THR C 79 10.69 -16.84 25.19
CA THR C 79 11.68 -16.67 26.24
C THR C 79 11.09 -16.00 27.48
N HIS C 80 10.13 -15.10 27.30
CA HIS C 80 9.41 -14.56 28.44
C HIS C 80 8.69 -15.67 29.18
N SER C 81 7.96 -16.51 28.44
CA SER C 81 7.21 -17.60 29.07
C SER C 81 8.14 -18.55 29.80
N LEU C 82 9.36 -18.76 29.29
CA LEU C 82 10.32 -19.64 29.96
C LEU C 82 10.77 -19.04 31.29
N GLU C 83 11.05 -17.74 31.31
CA GLU C 83 11.43 -17.08 32.55
C GLU C 83 10.30 -17.15 33.58
N VAL C 84 9.08 -16.83 33.14
CA VAL C 84 7.92 -16.91 34.02
C VAL C 84 7.73 -18.34 34.52
N GLN C 85 8.00 -19.31 33.66
CA GLN C 85 7.85 -20.72 34.06
C GLN C 85 8.71 -21.05 35.28
N GLN C 86 9.97 -20.61 35.28
CA GLN C 86 10.83 -20.92 36.42
C GLN C 86 10.38 -20.19 37.68
N THR C 87 10.01 -18.91 37.58
CA THR C 87 9.52 -18.20 38.75
C THR C 87 8.30 -18.89 39.34
N GLY C 88 7.41 -19.40 38.49
CA GLY C 88 6.27 -20.15 38.99
C GLY C 88 6.68 -21.41 39.73
N ARG C 89 7.69 -22.11 39.23
CA ARG C 89 8.24 -23.27 39.91
C ARG C 89 8.82 -22.88 41.26
N PHE C 90 9.60 -21.79 41.29
CA PHE C 90 10.23 -21.34 42.52
C PHE C 90 9.20 -21.04 43.60
N ILE C 91 8.01 -20.59 43.19
CA ILE C 91 6.95 -20.33 44.15
C ILE C 91 6.45 -21.64 44.76
N VAL C 92 6.13 -22.62 43.91
CA VAL C 92 5.63 -23.90 44.41
C VAL C 92 6.66 -24.52 45.36
N ARG C 93 7.94 -24.41 44.99
CA ARG C 93 9.01 -24.88 45.87
C ARG C 93 8.97 -24.13 47.20
N THR C 94 8.92 -22.80 47.13
CA THR C 94 8.81 -21.98 48.33
C THR C 94 7.47 -22.19 49.02
N LEU C 95 6.40 -22.40 48.27
CA LEU C 95 5.09 -22.62 48.86
C LEU C 95 5.12 -23.84 49.78
N PHE C 96 5.62 -24.96 49.28
CA PHE C 96 5.67 -26.17 50.07
C PHE C 96 6.69 -26.04 51.19
N ARG C 97 7.81 -25.37 50.92
CA ARG C 97 8.82 -25.13 51.96
C ARG C 97 8.25 -24.29 53.10
N GLN C 98 7.50 -23.23 52.79
CA GLN C 98 6.90 -22.42 53.84
C GLN C 98 5.81 -23.19 54.58
N LEU C 99 4.86 -23.78 53.83
CA LEU C 99 3.77 -24.50 54.48
C LEU C 99 4.30 -25.70 55.25
N GLY C 100 5.22 -26.45 54.66
CA GLY C 100 5.84 -27.58 55.32
C GLY C 100 4.84 -28.62 55.77
N PRO C 101 4.84 -28.92 57.07
CA PRO C 101 3.92 -29.95 57.60
C PRO C 101 2.46 -29.52 57.58
N ARG C 102 2.18 -28.21 57.55
CA ARG C 102 0.81 -27.71 57.55
C ARG C 102 0.06 -28.03 56.26
N ALA C 103 0.75 -28.55 55.24
CA ALA C 103 0.09 -28.86 53.97
C ALA C 103 -1.05 -29.84 54.13
N ALA C 104 -0.94 -30.78 55.08
CA ALA C 104 -2.00 -31.77 55.28
C ALA C 104 -3.30 -31.11 55.73
N GLU C 105 -3.21 -30.09 56.60
CA GLU C 105 -4.41 -29.42 57.09
C GLU C 105 -5.17 -28.77 55.94
N VAL C 106 -4.46 -28.16 55.00
CA VAL C 106 -5.10 -27.56 53.84
C VAL C 106 -5.52 -28.62 52.82
N GLY C 107 -4.86 -29.77 52.81
CA GLY C 107 -5.15 -30.83 51.85
C GLY C 107 -4.10 -31.08 50.78
N LEU C 108 -2.98 -30.38 50.81
CA LEU C 108 -1.93 -30.54 49.80
C LEU C 108 -1.05 -31.76 50.10
N ASP C 109 -1.69 -32.93 50.07
CA ASP C 109 -1.00 -34.21 50.28
C ASP C 109 -0.51 -34.77 48.95
N GLY C 110 0.80 -35.00 48.84
CA GLY C 110 1.33 -35.65 47.65
C GLY C 110 1.25 -34.86 46.36
N LEU C 111 1.15 -33.54 46.44
CA LEU C 111 0.93 -32.68 45.28
C LEU C 111 2.18 -31.90 44.86
N GLU C 112 3.37 -32.44 45.12
CA GLU C 112 4.59 -31.71 44.79
C GLU C 112 4.72 -31.50 43.28
N GLY C 113 4.66 -32.60 42.52
CA GLY C 113 4.80 -32.48 41.08
C GLY C 113 3.60 -31.83 40.42
N ALA C 114 2.39 -32.22 40.83
CA ALA C 114 1.18 -31.77 40.15
C ALA C 114 1.04 -30.26 40.21
N LEU C 115 1.18 -29.67 41.39
CA LEU C 115 1.09 -28.22 41.51
C LEU C 115 2.31 -27.53 40.90
N GLU C 116 3.48 -28.17 41.01
CA GLU C 116 4.65 -27.65 40.30
C GLU C 116 4.38 -27.66 38.79
N SER C 117 4.00 -28.82 38.25
CA SER C 117 3.78 -28.94 36.81
C SER C 117 2.60 -28.10 36.31
N LEU C 118 1.51 -28.04 37.09
CA LEU C 118 0.38 -27.21 36.69
C LEU C 118 0.80 -25.75 36.56
N VAL C 119 1.48 -25.23 37.57
CA VAL C 119 1.93 -23.85 37.51
C VAL C 119 2.95 -23.67 36.39
N GLU C 120 3.85 -24.65 36.24
CA GLU C 120 4.91 -24.54 35.24
C GLU C 120 4.35 -24.47 33.82
N MET C 121 3.45 -25.39 33.47
CA MET C 121 2.91 -25.37 32.12
C MET C 121 1.94 -24.22 31.91
N ALA C 122 1.20 -23.83 32.95
CA ALA C 122 0.30 -22.69 32.81
C ALA C 122 1.07 -21.42 32.52
N CYS C 123 2.24 -21.24 33.14
CA CYS C 123 3.08 -20.08 32.85
C CYS C 123 3.62 -20.14 31.44
N LEU C 124 4.02 -21.32 30.97
CA LEU C 124 4.57 -21.47 29.63
C LEU C 124 3.56 -21.07 28.58
N MET C 125 2.29 -21.39 28.79
CA MET C 125 1.23 -21.02 27.87
C MET C 125 0.41 -19.82 28.34
N HIS C 126 0.94 -18.99 29.24
CA HIS C 126 0.14 -17.88 29.74
C HIS C 126 -0.13 -16.82 28.69
N ASP C 127 0.60 -16.84 27.58
CA ASP C 127 0.56 -15.74 26.64
C ASP C 127 0.40 -16.20 25.19
N VAL C 128 0.01 -17.46 24.96
CA VAL C 128 -0.12 -17.98 23.60
C VAL C 128 -1.33 -17.39 22.88
N GLY C 129 -2.36 -16.97 23.62
CA GLY C 129 -3.59 -16.54 22.97
C GLY C 129 -3.45 -15.25 22.18
N ASN C 130 -2.83 -14.24 22.80
CA ASN C 130 -2.85 -12.88 22.27
C ASN C 130 -2.10 -12.78 20.93
N PRO C 131 -2.54 -11.89 20.05
CA PRO C 131 -2.02 -11.84 18.68
C PRO C 131 -0.64 -11.22 18.63
N PRO C 132 -0.05 -11.06 17.46
CA PRO C 132 1.25 -10.38 17.38
C PRO C 132 1.15 -8.91 17.77
N PHE C 133 2.31 -8.31 17.97
CA PHE C 133 2.44 -6.86 18.15
C PHE C 133 1.85 -6.37 19.47
N GLY C 134 2.27 -7.01 20.56
CA GLY C 134 1.85 -6.57 21.88
C GLY C 134 0.35 -6.56 22.02
N HIS C 135 -0.18 -5.54 22.68
CA HIS C 135 -1.62 -5.42 22.83
C HIS C 135 -2.27 -4.82 21.61
N PHE C 136 -1.49 -4.18 20.73
CA PHE C 136 -2.08 -3.52 19.58
C PHE C 136 -2.60 -4.50 18.54
N GLY C 137 -2.11 -5.74 18.52
CA GLY C 137 -2.78 -6.77 17.74
C GLY C 137 -4.18 -7.02 18.26
N GLU C 138 -4.33 -7.09 19.59
CA GLU C 138 -5.65 -7.18 20.20
C GLU C 138 -6.48 -5.94 19.90
N TYR C 139 -5.90 -4.75 20.13
CA TYR C 139 -6.64 -3.51 19.88
C TYR C 139 -7.10 -3.45 18.44
N ALA C 140 -6.24 -3.84 17.51
CA ALA C 140 -6.58 -3.80 16.10
C ALA C 140 -7.79 -4.68 15.79
N ILE C 141 -7.86 -5.86 16.42
CA ILE C 141 -8.96 -6.78 16.15
C ILE C 141 -10.26 -6.21 16.70
N ASN C 142 -10.27 -5.84 17.98
CA ASN C 142 -11.47 -5.27 18.59
C ASN C 142 -11.90 -4.02 17.85
N ASP C 143 -10.95 -3.16 17.53
CA ASP C 143 -11.27 -1.93 16.82
C ASP C 143 -11.89 -2.23 15.45
N TRP C 144 -11.40 -3.25 14.74
CA TRP C 144 -11.96 -3.57 13.43
C TRP C 144 -13.40 -4.06 13.55
N PHE C 145 -13.66 -4.97 14.49
CA PHE C 145 -15.02 -5.48 14.67
C PHE C 145 -15.94 -4.43 15.27
N GLU C 146 -15.45 -3.62 16.20
CA GLU C 146 -16.26 -2.52 16.73
C GLU C 146 -16.76 -1.63 15.61
N ARG C 147 -15.94 -1.44 14.59
CA ARG C 147 -16.25 -0.46 13.54
C ARG C 147 -17.16 -1.03 12.47
N ASN C 148 -16.84 -2.20 11.92
CA ASN C 148 -17.62 -2.68 10.79
C ASN C 148 -18.30 -4.05 10.98
N LEU C 149 -18.22 -4.67 12.16
CA LEU C 149 -18.97 -5.92 12.39
C LEU C 149 -20.48 -5.72 12.26
N ASP C 150 -21.02 -4.64 12.87
CA ASP C 150 -22.47 -4.49 12.95
C ASP C 150 -23.11 -4.50 11.57
N ALA C 151 -22.59 -3.68 10.65
CA ALA C 151 -23.12 -3.68 9.30
C ALA C 151 -22.91 -5.05 8.64
N LEU C 152 -21.77 -5.69 8.90
CA LEU C 152 -21.53 -7.02 8.34
C LEU C 152 -22.50 -8.04 8.92
N PHE C 153 -22.74 -7.99 10.23
CA PHE C 153 -23.67 -8.92 10.85
C PHE C 153 -25.11 -8.71 10.38
N GLU C 154 -25.49 -7.45 10.11
CA GLU C 154 -26.88 -7.18 9.70
C GLU C 154 -27.25 -7.92 8.42
N ARG C 155 -26.33 -8.01 7.47
CA ARG C 155 -26.62 -8.74 6.24
C ARG C 155 -26.81 -10.23 6.50
N ARG C 156 -26.13 -10.78 7.51
CA ARG C 156 -26.16 -12.21 7.71
C ARG C 156 -27.46 -12.68 8.38
N VAL C 157 -27.95 -11.94 9.36
CA VAL C 157 -29.21 -12.28 10.01
C VAL C 157 -30.09 -11.04 9.95
N PRO C 158 -31.01 -10.97 9.00
CA PRO C 158 -31.80 -9.74 8.80
C PRO C 158 -32.59 -9.38 10.04
N PRO C 159 -32.96 -8.11 10.20
CA PRO C 159 -33.71 -7.69 11.39
C PRO C 159 -35.03 -8.45 11.53
N GLY C 160 -35.32 -8.86 12.75
CA GLY C 160 -36.48 -9.70 13.02
C GLY C 160 -36.12 -11.11 13.41
N GLN C 161 -35.65 -11.91 12.44
CA GLN C 161 -35.22 -13.27 12.73
C GLN C 161 -34.01 -13.27 13.65
N GLY C 162 -33.97 -14.25 14.55
CA GLY C 162 -32.85 -14.47 15.43
C GLY C 162 -33.01 -13.85 16.80
N ASP C 163 -32.52 -14.55 17.81
CA ASP C 163 -32.60 -14.07 19.19
C ASP C 163 -31.77 -12.81 19.34
N GLY C 164 -32.44 -11.69 19.64
CA GLY C 164 -31.75 -10.42 19.76
C GLY C 164 -30.81 -10.38 20.96
N LEU C 165 -31.22 -10.99 22.07
CA LEU C 165 -30.33 -11.09 23.22
C LEU C 165 -29.09 -11.89 22.85
N LEU C 166 -29.27 -13.01 22.14
CA LEU C 166 -28.14 -13.79 21.66
C LEU C 166 -27.27 -12.98 20.72
N GLN C 167 -27.89 -12.15 19.86
CA GLN C 167 -27.17 -11.27 18.96
C GLN C 167 -26.35 -10.26 19.75
N GLN C 168 -27.01 -9.54 20.66
CA GLN C 168 -26.32 -8.56 21.49
C GLN C 168 -25.26 -9.23 22.36
N ARG C 169 -25.46 -10.49 22.73
CA ARG C 169 -24.41 -11.23 23.42
C ARG C 169 -23.28 -11.57 22.46
N MET C 170 -23.61 -11.94 21.22
CA MET C 170 -22.58 -12.24 20.22
C MET C 170 -21.80 -11.01 19.79
N LEU C 171 -22.46 -9.86 19.66
CA LEU C 171 -21.75 -8.67 19.20
C LEU C 171 -20.61 -8.29 20.13
N THR C 172 -20.91 -8.12 21.42
CA THR C 172 -19.83 -7.80 22.36
C THR C 172 -18.84 -8.96 22.48
N ASP C 173 -19.31 -10.19 22.27
CA ASP C 173 -18.38 -11.33 22.27
C ASP C 173 -17.31 -11.15 21.20
N LEU C 174 -17.75 -10.91 19.97
CA LEU C 174 -16.81 -10.69 18.88
C LEU C 174 -16.06 -9.38 19.04
N LYS C 175 -16.69 -8.37 19.65
CA LYS C 175 -16.04 -7.09 19.85
C LYS C 175 -15.04 -7.09 21.00
N HIS C 176 -15.14 -8.04 21.94
CA HIS C 176 -14.22 -8.14 23.07
C HIS C 176 -13.34 -9.38 22.91
N PHE C 177 -12.25 -9.22 22.17
CA PHE C 177 -11.24 -10.26 22.05
C PHE C 177 -10.26 -10.07 23.20
N GLU C 178 -9.90 -11.16 23.86
CA GLU C 178 -8.88 -11.15 24.89
C GLU C 178 -8.02 -12.37 24.67
N GLY C 179 -6.70 -12.19 24.85
CA GLY C 179 -5.78 -13.27 24.53
C GLY C 179 -6.06 -14.53 25.34
N ASN C 180 -6.29 -14.37 26.65
CA ASN C 180 -6.50 -15.53 27.50
C ASN C 180 -7.65 -16.38 27.01
N ALA C 181 -8.73 -15.74 26.56
CA ALA C 181 -9.86 -16.49 26.01
C ALA C 181 -9.46 -17.25 24.76
N GLN C 182 -8.72 -16.61 23.85
CA GLN C 182 -8.25 -17.31 22.65
C GLN C 182 -7.29 -18.44 23.00
N ALA C 183 -6.51 -18.27 24.07
CA ALA C 183 -5.66 -19.35 24.54
C ALA C 183 -6.49 -20.57 24.90
N ILE C 184 -7.64 -20.36 25.51
CA ILE C 184 -8.56 -21.47 25.79
C ILE C 184 -8.99 -22.11 24.48
N ARG C 185 -9.41 -21.28 23.52
CA ARG C 185 -9.92 -21.79 22.26
C ARG C 185 -8.83 -22.51 21.47
N LEU C 186 -7.61 -21.97 21.46
CA LEU C 186 -6.55 -22.52 20.63
C LEU C 186 -6.15 -23.92 21.08
N VAL C 187 -5.83 -24.10 22.36
CA VAL C 187 -5.40 -25.41 22.84
C VAL C 187 -6.56 -26.41 22.79
N VAL C 188 -7.78 -25.94 23.06
CA VAL C 188 -8.90 -26.87 23.19
C VAL C 188 -9.51 -27.19 21.83
N LYS C 189 -9.90 -26.16 21.09
CA LYS C 189 -10.71 -26.34 19.88
C LYS C 189 -9.95 -26.11 18.58
N LEU C 190 -8.70 -25.64 18.65
CA LEU C 190 -7.92 -25.39 17.45
C LEU C 190 -6.72 -26.33 17.30
N LEU C 191 -5.90 -26.44 18.34
CA LEU C 191 -4.81 -27.41 18.30
C LEU C 191 -5.24 -28.80 18.72
N ARG C 192 -6.44 -28.94 19.30
CA ARG C 192 -6.98 -30.22 19.73
C ARG C 192 -5.97 -31.00 20.57
N LEU C 193 -5.30 -30.29 21.49
CA LEU C 193 -4.31 -30.94 22.34
C LEU C 193 -4.96 -31.83 23.39
N ASN C 194 -6.21 -31.57 23.73
CA ASN C 194 -6.95 -32.38 24.72
C ASN C 194 -6.19 -32.46 26.04
N LEU C 195 -5.91 -31.28 26.59
CA LEU C 195 -5.26 -31.21 27.89
C LEU C 195 -6.28 -31.43 29.00
N THR C 196 -5.78 -31.83 30.17
CA THR C 196 -6.64 -31.98 31.33
C THR C 196 -7.32 -30.66 31.65
N TYR C 197 -8.55 -30.75 32.18
CA TYR C 197 -9.26 -29.53 32.56
C TYR C 197 -8.48 -28.73 33.59
N THR C 198 -7.71 -29.40 34.46
CA THR C 198 -6.97 -28.69 35.50
C THR C 198 -5.89 -27.81 34.90
N GLN C 199 -5.11 -28.31 33.94
CA GLN C 199 -4.08 -27.49 33.30
C GLN C 199 -4.69 -26.31 32.58
N THR C 200 -5.79 -26.54 31.86
CA THR C 200 -6.43 -25.43 31.15
C THR C 200 -6.94 -24.39 32.13
N ALA C 201 -7.35 -24.81 33.33
CA ALA C 201 -7.91 -23.88 34.32
C ALA C 201 -6.92 -22.79 34.69
N GLY C 202 -5.62 -23.03 34.51
CA GLY C 202 -4.64 -21.99 34.73
C GLY C 202 -4.83 -20.80 33.81
N LEU C 203 -5.39 -21.02 32.62
CA LEU C 203 -5.63 -19.95 31.66
C LEU C 203 -6.80 -19.05 32.05
N LEU C 204 -7.61 -19.43 33.04
CA LEU C 204 -8.74 -18.62 33.48
C LEU C 204 -8.30 -17.62 34.55
N LYS C 205 -7.39 -16.73 34.14
CA LYS C 205 -6.85 -15.73 35.05
C LYS C 205 -7.93 -14.76 35.53
N TYR C 206 -8.74 -14.27 34.61
CA TYR C 206 -9.83 -13.35 34.92
C TYR C 206 -11.18 -14.01 34.65
N VAL C 207 -12.19 -13.45 35.31
CA VAL C 207 -13.46 -14.14 35.54
C VAL C 207 -14.50 -13.81 34.48
N ARG C 208 -14.66 -12.53 34.15
CA ARG C 208 -15.81 -12.11 33.34
C ARG C 208 -15.82 -12.84 32.00
N PRO C 209 -16.99 -13.20 31.48
CA PRO C 209 -17.05 -13.75 30.12
C PRO C 209 -17.30 -12.65 29.09
N ALA C 210 -17.35 -12.99 27.81
CA ALA C 210 -17.32 -11.97 26.78
C ALA C 210 -18.71 -11.40 26.49
N TYR C 211 -19.77 -12.15 26.80
CA TYR C 211 -21.11 -11.60 26.62
C TYR C 211 -21.52 -10.70 27.78
N GLU C 212 -21.12 -11.02 29.01
CA GLU C 212 -21.43 -10.05 30.05
C GLU C 212 -20.32 -9.00 30.14
N PRO C 213 -20.66 -7.70 30.27
CA PRO C 213 -19.65 -6.63 30.34
C PRO C 213 -18.78 -6.72 31.60
N LYS C 226 -11.64 -7.38 34.07
CA LYS C 226 -12.47 -6.75 33.05
C LYS C 226 -12.42 -7.55 31.76
N LYS C 227 -11.22 -8.00 31.39
CA LYS C 227 -11.04 -8.79 30.19
C LYS C 227 -11.77 -10.13 30.34
N PRO C 228 -12.27 -10.68 29.23
CA PRO C 228 -12.97 -11.97 29.30
C PRO C 228 -12.03 -13.12 29.64
N GLY C 229 -12.52 -14.02 30.50
CA GLY C 229 -11.82 -15.27 30.73
C GLY C 229 -12.04 -16.29 29.64
N PHE C 230 -13.18 -16.22 28.96
CA PHE C 230 -13.48 -17.13 27.87
C PHE C 230 -14.43 -16.44 26.91
N TYR C 231 -14.51 -16.99 25.70
CA TYR C 231 -15.43 -16.50 24.69
C TYR C 231 -16.73 -17.30 24.77
N LEU C 232 -17.78 -16.76 24.12
CA LEU C 232 -19.06 -17.45 24.08
C LEU C 232 -18.96 -18.81 23.42
N SER C 233 -18.05 -18.97 22.46
CA SER C 233 -17.89 -20.24 21.76
C SER C 233 -17.38 -21.35 22.68
N GLU C 234 -16.71 -21.01 23.78
CA GLU C 234 -16.11 -21.99 24.67
C GLU C 234 -16.91 -22.22 25.94
N GLU C 235 -18.15 -21.73 26.00
CA GLU C 235 -18.99 -21.88 27.19
C GLU C 235 -19.17 -23.35 27.55
N ALA C 236 -19.46 -24.20 26.57
CA ALA C 236 -19.64 -25.62 26.85
C ALA C 236 -18.41 -26.24 27.47
N PHE C 237 -17.21 -25.85 27.00
CA PHE C 237 -15.97 -26.34 27.62
C PHE C 237 -15.80 -25.78 29.03
N VAL C 238 -16.12 -24.50 29.23
CA VAL C 238 -16.03 -23.90 30.55
C VAL C 238 -17.00 -24.58 31.50
N ASP C 239 -18.18 -24.96 31.01
CA ASP C 239 -19.15 -25.67 31.83
C ASP C 239 -18.57 -26.97 32.38
N GLU C 240 -17.89 -27.74 31.52
CA GLU C 240 -17.26 -28.97 31.97
C GLU C 240 -16.10 -28.69 32.93
N LEU C 241 -15.35 -27.60 32.69
CA LEU C 241 -14.21 -27.26 33.54
C LEU C 241 -14.63 -26.83 34.94
N ARG C 242 -15.67 -26.00 35.04
CA ARG C 242 -16.13 -25.52 36.35
C ARG C 242 -16.71 -26.66 37.19
N GLN C 243 -17.43 -27.59 36.56
CA GLN C 243 -17.97 -28.72 37.30
C GLN C 243 -16.86 -29.67 37.73
N VAL C 244 -16.03 -30.12 36.78
CA VAL C 244 -15.00 -31.10 37.09
C VAL C 244 -14.06 -30.57 38.17
N LEU C 245 -13.64 -29.31 38.02
CA LEU C 245 -12.75 -28.69 38.99
C LEU C 245 -13.57 -28.08 40.14
N ARG C 248 -16.82 -22.95 42.16
CA ARG C 248 -18.07 -22.32 41.71
C ARG C 248 -17.84 -21.59 40.40
N PRO C 249 -18.88 -21.44 39.59
CA PRO C 249 -18.74 -20.72 38.33
C PRO C 249 -18.39 -19.25 38.58
N GLY C 250 -17.51 -18.72 37.75
CA GLY C 250 -17.08 -17.35 37.88
C GLY C 250 -15.93 -17.11 38.84
N THR C 251 -15.22 -18.16 39.23
CA THR C 251 -14.12 -18.05 40.18
C THR C 251 -12.81 -18.42 39.50
N ARG C 252 -11.70 -18.02 40.12
CA ARG C 252 -10.37 -18.29 39.60
C ARG C 252 -9.76 -19.52 40.27
N HIS C 253 -9.11 -20.34 39.46
CA HIS C 253 -8.48 -21.56 39.96
C HIS C 253 -7.21 -21.22 40.76
N PRO C 254 -6.88 -22.02 41.76
CA PRO C 254 -5.67 -21.73 42.56
C PRO C 254 -4.40 -21.63 41.72
N VAL C 255 -4.32 -22.35 40.59
CA VAL C 255 -3.13 -22.31 39.76
C VAL C 255 -2.88 -20.91 39.21
N ALA C 256 -3.96 -20.20 38.84
CA ALA C 256 -3.83 -18.91 38.19
C ALA C 256 -3.19 -17.87 39.10
N TYR C 257 -3.52 -17.88 40.40
CA TYR C 257 -2.94 -16.89 41.32
C TYR C 257 -1.42 -16.99 41.35
N ILE C 258 -0.89 -18.22 41.38
CA ILE C 258 0.56 -18.40 41.34
C ILE C 258 1.10 -17.95 39.99
N MET C 259 0.43 -18.38 38.91
CA MET C 259 0.84 -17.96 37.57
C MET C 259 0.71 -16.46 37.40
N GLU C 260 -0.36 -15.87 37.93
CA GLU C 260 -0.51 -14.43 37.93
C GLU C 260 0.66 -13.78 38.68
N ALA C 261 1.03 -14.36 39.83
CA ALA C 261 2.17 -13.86 40.59
C ALA C 261 3.48 -14.12 39.86
N ALA C 262 3.58 -15.26 39.19
CA ALA C 262 4.76 -15.56 38.39
C ALA C 262 4.96 -14.52 37.29
N ASP C 263 3.89 -14.24 36.53
CA ASP C 263 3.99 -13.28 35.45
C ASP C 263 4.35 -11.89 35.96
N ASP C 264 3.81 -11.49 37.12
CA ASP C 264 4.13 -10.17 37.65
C ASP C 264 5.60 -10.02 38.00
N ILE C 265 6.21 -11.06 38.58
CA ILE C 265 7.59 -10.95 39.04
C ILE C 265 8.53 -10.72 37.87
N SER C 266 8.37 -11.50 36.80
CA SER C 266 9.20 -11.37 35.61
C SER C 266 8.52 -10.57 34.51
N TYR C 267 7.46 -9.83 34.85
CA TYR C 267 6.73 -9.05 33.86
C TYR C 267 7.65 -8.10 33.11
N CYS C 268 8.50 -7.38 33.84
CA CYS C 268 9.27 -6.26 33.28
C CYS C 268 10.76 -6.31 33.57
N LEU C 269 11.21 -7.05 34.59
CA LEU C 269 12.64 -7.05 34.90
C LEU C 269 13.45 -7.49 33.69
N ALA C 270 12.91 -8.46 32.95
CA ALA C 270 13.58 -8.94 31.74
C ALA C 270 13.71 -7.84 30.70
N ASP C 271 12.65 -7.08 30.47
CA ASP C 271 12.65 -6.06 29.43
C ASP C 271 13.66 -4.96 29.73
N ILE C 272 13.85 -4.63 31.01
CA ILE C 272 14.82 -3.59 31.38
C ILE C 272 16.22 -4.03 30.98
N GLU C 273 16.56 -5.31 31.19
CA GLU C 273 17.86 -5.80 30.76
C GLU C 273 18.03 -5.63 29.26
N ASP C 274 16.97 -5.89 28.49
CA ASP C 274 17.03 -5.68 27.06
C ASP C 274 17.27 -4.21 26.73
N SER C 275 16.72 -3.30 27.55
CA SER C 275 16.91 -1.87 27.34
C SER C 275 18.35 -1.46 27.58
N VAL C 276 18.96 -1.96 28.66
CA VAL C 276 20.37 -1.65 28.94
C VAL C 276 21.24 -2.17 27.80
N GLU C 277 20.96 -3.39 27.33
CA GLU C 277 21.69 -3.91 26.18
C GLU C 277 21.41 -3.10 24.93
N LYS C 278 20.15 -2.69 24.71
CA LYS C 278 19.83 -1.88 23.55
C LYS C 278 20.48 -0.50 23.62
N GLY C 279 20.96 -0.11 24.80
CA GLY C 279 21.60 1.17 24.99
C GLY C 279 20.70 2.24 25.54
N ILE C 280 19.46 1.90 25.88
CA ILE C 280 18.50 2.86 26.40
C ILE C 280 18.89 3.31 27.82
N LEU C 281 19.46 2.42 28.62
CA LEU C 281 19.86 2.77 29.97
C LEU C 281 21.27 2.27 30.26
N ASP C 282 21.90 2.89 31.26
CA ASP C 282 23.19 2.46 31.79
C ASP C 282 22.98 1.81 33.15
N ILE C 283 23.94 0.98 33.56
CA ILE C 283 23.81 0.29 34.85
C ILE C 283 23.72 1.28 35.99
N ARG C 284 24.59 2.29 35.99
CA ARG C 284 24.55 3.30 37.05
C ARG C 284 23.25 4.11 36.98
N GLN C 285 22.83 4.46 35.76
CA GLN C 285 21.60 5.24 35.59
C GLN C 285 20.36 4.46 35.99
N LEU C 286 20.33 3.16 35.71
CA LEU C 286 19.16 2.36 36.05
C LEU C 286 18.94 2.30 37.56
N ALA C 287 20.03 2.26 38.32
CA ALA C 287 19.90 2.16 39.77
C ALA C 287 19.16 3.36 40.35
N ASP C 288 19.61 4.56 40.00
CA ASP C 288 18.96 5.76 40.51
C ASP C 288 17.49 5.82 40.12
N LEU C 289 17.16 5.35 38.91
CA LEU C 289 15.76 5.28 38.51
C LEU C 289 14.99 4.29 39.38
N LEU C 290 15.58 3.13 39.64
CA LEU C 290 14.92 2.14 40.49
C LEU C 290 14.70 2.68 41.90
N VAL C 291 15.70 3.33 42.46
CA VAL C 291 15.57 3.89 43.80
C VAL C 291 14.54 5.03 43.79
N LYS C 292 14.65 5.94 42.82
CA LYS C 292 13.74 7.09 42.77
C LYS C 292 12.30 6.65 42.57
N LYS C 293 12.06 5.69 41.68
CA LYS C 293 10.68 5.24 41.45
C LYS C 293 10.18 4.41 42.62
N PHE C 294 11.07 3.71 43.34
CA PHE C 294 10.64 2.98 44.53
C PHE C 294 10.29 3.91 45.68
N ALA C 295 10.90 5.11 45.73
CA ALA C 295 10.68 6.03 46.84
C ALA C 295 9.23 6.49 46.93
N VAL C 296 8.53 6.62 45.79
CA VAL C 296 7.13 7.03 45.80
C VAL C 296 6.27 6.00 46.51
N HIS C 297 6.54 4.72 46.28
CA HIS C 297 5.71 3.65 46.83
C HIS C 297 6.04 3.40 48.30
N HIS C 298 7.33 3.28 48.63
CA HIS C 298 7.75 3.10 50.02
C HIS C 298 9.10 3.79 50.20
N SER C 299 9.64 3.68 51.41
CA SER C 299 10.92 4.32 51.64
C SER C 299 12.05 3.35 51.30
N PRO C 300 13.07 3.77 50.55
CA PRO C 300 14.09 2.82 50.10
C PRO C 300 14.89 2.21 51.25
N ASP C 301 15.13 2.96 52.33
CA ASP C 301 15.95 2.45 53.42
C ASP C 301 15.23 1.42 54.31
N ALA C 302 13.94 1.19 54.10
CA ALA C 302 13.25 0.19 54.90
C ALA C 302 13.69 -1.22 54.51
N PRO C 303 13.91 -2.12 55.46
CA PRO C 303 14.31 -3.49 55.11
C PRO C 303 13.14 -4.24 54.50
N ILE C 304 13.46 -5.14 53.58
CA ILE C 304 12.46 -5.88 52.82
C ILE C 304 12.24 -7.21 53.53
N PRO C 305 10.99 -7.62 53.75
CA PRO C 305 10.76 -8.89 54.46
C PRO C 305 11.21 -10.07 53.63
N GLY C 306 11.82 -11.05 54.30
CA GLY C 306 12.28 -12.25 53.65
C GLY C 306 13.76 -12.31 53.35
N ASP C 307 14.51 -11.22 53.58
CA ASP C 307 15.94 -11.21 53.36
C ASP C 307 16.65 -11.62 54.65
N ALA C 308 17.50 -12.65 54.56
CA ALA C 308 18.20 -13.13 55.73
C ALA C 308 19.13 -12.08 56.32
N ASP C 309 19.78 -11.30 55.45
CA ASP C 309 20.67 -10.24 55.89
C ASP C 309 19.94 -8.93 56.14
N ASN C 310 18.61 -8.93 56.06
CA ASN C 310 17.80 -7.75 56.32
C ASN C 310 18.23 -6.60 55.42
N MET C 311 18.34 -6.89 54.13
CA MET C 311 18.76 -5.90 53.15
C MET C 311 17.57 -5.05 52.70
N SER C 312 17.80 -3.76 52.53
CA SER C 312 16.81 -2.83 52.01
C SER C 312 16.98 -2.68 50.49
N PHE C 313 16.01 -1.99 49.87
CA PHE C 313 16.05 -1.80 48.43
C PHE C 313 17.30 -1.03 48.03
N GLN C 314 17.65 0.02 48.78
CA GLN C 314 18.88 0.76 48.51
C GLN C 314 20.12 -0.07 48.78
N ARG C 315 20.09 -0.90 49.84
CA ARG C 315 21.23 -1.77 50.12
C ARG C 315 21.38 -2.84 49.03
N MET C 316 20.26 -3.40 48.55
CA MET C 316 20.32 -4.40 47.48
C MET C 316 20.80 -3.80 46.17
N VAL C 317 20.22 -2.66 45.76
CA VAL C 317 20.61 -2.03 44.50
C VAL C 317 22.06 -1.57 44.57
N ASP C 318 22.46 -0.97 45.70
CA ASP C 318 23.87 -0.60 45.86
C ASP C 318 24.75 -1.85 45.86
N TYR C 319 24.24 -2.95 46.45
CA TYR C 319 24.94 -4.22 46.41
C TYR C 319 25.06 -4.76 44.99
N SER C 320 23.97 -4.72 44.23
CA SER C 320 24.04 -5.22 42.85
C SER C 320 24.93 -4.34 41.99
N LEU C 321 24.78 -3.01 42.09
CA LEU C 321 25.63 -2.12 41.31
C LEU C 321 27.08 -2.26 41.73
N GLU C 322 27.33 -2.53 43.02
CA GLU C 322 28.70 -2.74 43.47
C GLU C 322 29.30 -3.97 42.80
N LYS C 323 28.48 -5.00 42.56
CA LYS C 323 28.96 -6.17 41.84
C LYS C 323 29.34 -5.80 40.41
N ALA C 324 28.56 -4.92 39.79
CA ALA C 324 28.99 -4.31 38.55
C ALA C 324 30.17 -3.38 38.83
N GLU C 325 31.02 -3.21 37.83
CA GLU C 325 32.28 -2.47 37.96
C GLU C 325 33.28 -3.26 38.81
N ARG C 326 32.77 -4.20 39.61
CA ARG C 326 33.63 -5.23 40.17
C ARG C 326 33.79 -6.37 39.18
N GLU C 327 32.73 -6.70 38.44
CA GLU C 327 32.82 -7.69 37.37
C GLU C 327 33.52 -7.09 36.15
N PRO C 328 34.53 -7.72 35.60
CA PRO C 328 35.29 -7.13 34.48
C PRO C 328 34.98 -7.65 33.08
N ILE C 329 34.12 -8.66 32.91
CA ILE C 329 33.80 -9.20 31.60
C ILE C 329 32.39 -8.83 31.15
N ASN C 330 31.39 -9.09 32.00
CA ASN C 330 29.97 -8.88 31.67
C ASN C 330 29.30 -8.05 32.77
N LYS C 331 29.56 -6.75 32.80
CA LYS C 331 28.99 -5.90 33.86
C LYS C 331 27.47 -5.88 33.80
N VAL C 332 26.89 -5.81 32.60
CA VAL C 332 25.44 -5.79 32.49
C VAL C 332 24.84 -7.06 33.07
N SER C 333 25.40 -8.22 32.68
CA SER C 333 24.83 -9.49 33.13
C SER C 333 24.90 -9.61 34.65
N GLU C 334 26.04 -9.24 35.22
CA GLU C 334 26.23 -9.36 36.67
C GLU C 334 25.23 -8.51 37.44
N PHE C 335 24.93 -7.31 36.94
CA PHE C 335 23.96 -6.45 37.60
C PHE C 335 22.63 -7.17 37.79
N PHE C 336 22.05 -7.69 36.71
CA PHE C 336 20.72 -8.24 36.82
C PHE C 336 20.68 -9.60 37.50
N ILE C 337 21.76 -10.38 37.43
CA ILE C 337 21.79 -11.64 38.17
C ILE C 337 21.83 -11.36 39.67
N ARG C 338 22.74 -10.49 40.11
CA ARG C 338 22.77 -10.13 41.53
C ARG C 338 21.46 -9.53 41.96
N LEU C 339 20.89 -8.66 41.12
CA LEU C 339 19.59 -8.07 41.44
C LEU C 339 18.50 -9.13 41.44
N ARG C 340 18.58 -10.10 40.53
CA ARG C 340 17.62 -11.21 40.54
C ARG C 340 17.78 -12.04 41.80
N VAL C 341 19.01 -12.44 42.14
CA VAL C 341 19.23 -13.38 43.23
C VAL C 341 18.76 -12.79 44.55
N LYS C 342 19.13 -11.53 44.83
CA LYS C 342 18.79 -10.92 46.11
C LYS C 342 17.29 -10.61 46.18
N MET C 343 16.69 -10.19 45.07
CA MET C 343 15.33 -9.67 45.06
C MET C 343 14.27 -10.67 44.60
N ILE C 344 14.61 -11.69 43.81
CA ILE C 344 13.59 -12.64 43.37
C ILE C 344 13.12 -13.50 44.53
N HIS C 345 14.03 -13.87 45.43
CA HIS C 345 13.65 -14.74 46.55
C HIS C 345 12.59 -14.13 47.45
N PRO C 346 12.69 -12.86 47.88
CA PRO C 346 11.60 -12.31 48.71
C PRO C 346 10.27 -12.19 47.97
N LEU C 347 10.30 -11.84 46.68
CA LEU C 347 9.06 -11.79 45.92
C LEU C 347 8.39 -13.16 45.87
N VAL C 348 9.18 -14.20 45.60
CA VAL C 348 8.65 -15.56 45.60
C VAL C 348 8.11 -15.93 46.97
N GLN C 349 8.85 -15.58 48.04
CA GLN C 349 8.38 -15.86 49.38
C GLN C 349 7.08 -15.13 49.67
N HIS C 350 7.00 -13.86 49.28
CA HIS C 350 5.79 -13.07 49.50
C HIS C 350 4.61 -13.67 48.76
N ALA C 351 4.80 -14.01 47.48
CA ALA C 351 3.69 -14.54 46.69
C ALA C 351 3.19 -15.84 47.27
N ALA C 352 4.11 -16.69 47.73
CA ALA C 352 3.71 -17.93 48.40
C ALA C 352 3.01 -17.64 49.72
N GLN C 353 3.57 -16.71 50.51
CA GLN C 353 2.94 -16.37 51.78
C GLN C 353 1.52 -15.86 51.60
N GLN C 354 1.28 -15.00 50.62
CA GLN C 354 -0.07 -14.50 50.38
C GLN C 354 -1.01 -15.61 49.95
N PHE C 355 -0.50 -16.58 49.19
CA PHE C 355 -1.33 -17.72 48.84
C PHE C 355 -1.79 -18.48 50.07
N ILE C 356 -0.87 -18.77 50.98
CA ILE C 356 -1.26 -19.52 52.17
C ILE C 356 -2.09 -18.65 53.10
N ASP C 357 -1.80 -17.35 53.17
CA ASP C 357 -2.58 -16.46 54.04
C ASP C 357 -4.04 -16.45 53.63
N ASN C 358 -4.31 -16.48 52.33
CA ASN C 358 -5.66 -16.49 51.79
C ASN C 358 -6.01 -17.84 51.17
N LEU C 359 -5.39 -18.92 51.67
CA LEU C 359 -5.60 -20.26 51.12
C LEU C 359 -7.09 -20.59 51.00
N GLU C 360 -7.86 -20.32 52.05
CA GLU C 360 -9.30 -20.60 52.01
C GLU C 360 -9.98 -19.75 50.95
N ALA C 361 -9.66 -18.45 50.92
CA ALA C 361 -10.23 -17.58 49.89
C ALA C 361 -9.77 -18.00 48.51
N VAL C 362 -8.53 -18.46 48.37
CA VAL C 362 -8.03 -18.91 47.07
C VAL C 362 -8.71 -20.22 46.67
N HIS C 363 -8.74 -21.19 47.58
CA HIS C 363 -9.40 -22.47 47.29
C HIS C 363 -10.85 -22.25 46.89
N ALA C 364 -11.52 -21.27 47.50
CA ALA C 364 -12.84 -20.89 47.03
C ALA C 364 -12.78 -20.28 45.64
N GLY C 365 -11.70 -19.53 45.36
CA GLY C 365 -11.60 -18.80 44.11
C GLY C 365 -12.21 -17.43 44.12
N THR C 366 -12.46 -16.83 45.29
CA THR C 366 -13.19 -15.58 45.39
C THR C 366 -12.28 -14.39 45.69
N LEU C 367 -10.98 -14.60 45.80
CA LEU C 367 -10.06 -13.48 46.03
C LEU C 367 -10.02 -12.60 44.78
N GLY C 368 -10.30 -11.31 44.96
CA GLY C 368 -10.45 -10.40 43.84
C GLY C 368 -9.27 -9.48 43.58
N ARG C 369 -8.08 -9.90 43.99
CA ARG C 369 -6.85 -9.17 43.72
C ARG C 369 -5.74 -10.16 43.43
N ALA C 370 -4.69 -9.66 42.78
CA ALA C 370 -3.52 -10.50 42.55
C ALA C 370 -2.75 -10.68 43.84
N LEU C 371 -2.10 -11.85 43.98
CA LEU C 371 -1.39 -12.19 45.20
C LEU C 371 -0.39 -11.11 45.60
N MET C 372 0.25 -10.48 44.61
CA MET C 372 1.27 -9.48 44.91
C MET C 372 0.69 -8.18 45.46
N GLU C 373 -0.43 -7.72 44.91
CA GLU C 373 -0.88 -6.33 45.10
C GLU C 373 -1.57 -6.20 46.46
N ASP C 374 -0.85 -5.65 47.45
CA ASP C 374 -1.45 -5.41 48.75
C ASP C 374 -0.90 -4.17 49.46
N GLY C 375 -0.11 -3.34 48.79
CA GLY C 375 0.47 -2.17 49.44
C GLY C 375 1.69 -2.45 50.29
N SER C 376 2.24 -3.66 50.21
CA SER C 376 3.37 -4.07 51.03
C SER C 376 4.69 -3.61 50.41
N LEU C 377 5.80 -3.97 51.05
CA LEU C 377 7.12 -3.64 50.50
C LEU C 377 7.40 -4.36 49.19
N PRO C 378 7.19 -5.68 49.06
CA PRO C 378 7.44 -6.32 47.76
C PRO C 378 6.53 -5.82 46.66
N HIS C 379 5.32 -5.35 46.98
CA HIS C 379 4.49 -4.71 45.96
C HIS C 379 5.20 -3.51 45.36
N ALA C 380 5.90 -2.73 46.19
CA ALA C 380 6.66 -1.58 45.69
C ALA C 380 7.78 -2.01 44.76
N ILE C 381 8.38 -3.17 45.00
CA ILE C 381 9.39 -3.72 44.11
C ILE C 381 8.79 -4.01 42.73
N VAL C 382 7.68 -4.74 42.69
CA VAL C 382 7.06 -5.08 41.42
C VAL C 382 6.64 -3.83 40.66
N GLN C 383 6.03 -2.88 41.37
CA GLN C 383 5.58 -1.67 40.72
C GLN C 383 6.75 -0.77 40.33
N THR C 384 7.84 -0.79 41.10
CA THR C 384 9.02 -0.02 40.72
C THR C 384 9.59 -0.51 39.39
N PHE C 385 9.60 -1.82 39.18
CA PHE C 385 10.01 -2.38 37.89
C PHE C 385 9.04 -1.99 36.79
N LYS C 386 7.74 -2.11 37.05
CA LYS C 386 6.73 -1.71 36.06
C LYS C 386 6.82 -0.22 35.74
N ASP C 387 6.97 0.62 36.77
CA ASP C 387 7.03 2.06 36.55
C ASP C 387 8.26 2.46 35.74
N VAL C 388 9.42 1.89 36.07
CA VAL C 388 10.63 2.16 35.30
C VAL C 388 10.43 1.73 33.85
N ALA C 389 9.73 0.61 33.64
CA ALA C 389 9.52 0.10 32.29
C ALA C 389 8.62 1.03 31.48
N MET C 390 7.51 1.47 32.08
CA MET C 390 6.59 2.38 31.40
C MET C 390 7.27 3.70 31.03
N GLU C 391 8.19 4.16 31.88
CA GLU C 391 8.84 5.45 31.67
C GLU C 391 9.87 5.39 30.54
N TRP C 392 10.59 4.28 30.39
CA TRP C 392 11.75 4.24 29.50
C TRP C 392 11.73 3.15 28.43
N VAL C 393 10.93 2.08 28.60
CA VAL C 393 11.02 0.89 27.73
C VAL C 393 9.85 0.82 26.75
N PHE C 394 8.61 0.75 27.27
CA PHE C 394 7.44 0.54 26.41
C PHE C 394 7.14 1.75 25.53
N CYS C 395 7.54 2.93 25.99
CA CYS C 395 7.39 4.19 25.25
C CYS C 395 8.48 4.40 24.21
N HIS C 396 9.43 3.46 24.05
CA HIS C 396 10.54 3.66 23.12
C HIS C 396 10.05 3.70 21.68
N PRO C 397 10.57 4.63 20.86
CA PRO C 397 10.05 4.78 19.48
C PRO C 397 10.12 3.51 18.65
N GLU C 398 11.16 2.70 18.85
CA GLU C 398 11.22 1.42 18.12
C GLU C 398 10.06 0.53 18.51
N VAL C 399 9.66 0.56 19.78
CA VAL C 399 8.57 -0.28 20.25
C VAL C 399 7.23 0.24 19.72
N GLU C 400 7.01 1.56 19.84
CA GLU C 400 5.74 2.16 19.42
C GLU C 400 5.53 2.14 17.91
N THR C 401 6.62 2.16 17.12
CA THR C 401 6.46 1.96 15.69
C THR C 401 5.93 0.57 15.40
N LEU C 402 6.47 -0.43 16.08
CA LEU C 402 6.01 -1.80 15.88
C LEU C 402 4.57 -1.96 16.30
N GLU C 403 4.18 -1.33 17.41
CA GLU C 403 2.78 -1.37 17.81
C GLU C 403 1.92 -0.70 16.75
N LEU C 404 2.34 0.47 16.28
CA LEU C 404 1.60 1.16 15.24
C LEU C 404 1.55 0.34 13.97
N GLN C 405 2.69 -0.22 13.58
CA GLN C 405 2.76 -1.03 12.36
C GLN C 405 1.90 -2.27 12.48
N GLY C 406 1.97 -2.95 13.64
CA GLY C 406 1.12 -4.11 13.85
C GLY C 406 -0.36 -3.81 13.84
N TYR C 407 -0.75 -2.62 14.29
CA TYR C 407 -2.14 -2.20 14.17
C TYR C 407 -2.56 -2.16 12.71
N ARG C 408 -1.72 -1.58 11.85
CA ARG C 408 -2.07 -1.45 10.44
C ARG C 408 -2.12 -2.82 9.78
N ILE C 409 -1.15 -3.69 10.11
CA ILE C 409 -1.06 -5.01 9.47
C ILE C 409 -2.29 -5.85 9.78
N ILE C 410 -2.67 -5.91 11.07
CA ILE C 410 -3.80 -6.73 11.49
C ILE C 410 -5.11 -6.22 10.88
N GLN C 411 -5.31 -4.91 10.89
CA GLN C 411 -6.52 -4.35 10.32
C GLN C 411 -6.58 -4.57 8.81
N GLY C 412 -5.45 -4.35 8.13
CA GLY C 412 -5.42 -4.59 6.69
C GLY C 412 -5.72 -6.04 6.37
N LEU C 413 -5.17 -6.96 7.17
CA LEU C 413 -5.45 -8.38 6.99
C LEU C 413 -6.94 -8.67 7.15
N LEU C 414 -7.58 -8.06 8.14
CA LEU C 414 -9.02 -8.22 8.29
C LEU C 414 -9.76 -7.62 7.10
N ASP C 415 -9.33 -6.45 6.63
CA ASP C 415 -9.93 -5.87 5.44
C ASP C 415 -9.74 -6.77 4.23
N PHE C 416 -8.56 -7.42 4.12
CA PHE C 416 -8.27 -8.29 2.99
C PHE C 416 -9.17 -9.52 2.96
N TYR C 417 -9.49 -10.09 4.13
CA TYR C 417 -10.31 -11.29 4.18
C TYR C 417 -11.79 -11.00 4.46
N ALA C 418 -12.17 -9.73 4.53
CA ALA C 418 -13.59 -9.40 4.69
C ALA C 418 -14.48 -9.88 3.54
N PRO C 419 -14.02 -9.94 2.26
CA PRO C 419 -14.89 -10.51 1.22
C PRO C 419 -15.52 -11.83 1.60
N LEU C 420 -14.85 -12.65 2.42
CA LEU C 420 -15.45 -13.87 2.92
C LEU C 420 -16.63 -13.59 3.85
N LEU C 421 -16.56 -12.51 4.64
CA LEU C 421 -17.65 -12.17 5.54
C LEU C 421 -18.88 -11.66 4.78
N ARG C 422 -18.67 -11.01 3.62
CA ARG C 422 -19.77 -10.55 2.80
C ARG C 422 -20.48 -11.68 2.05
N LEU C 423 -19.82 -12.82 1.87
CA LEU C 423 -20.46 -13.97 1.23
C LEU C 423 -21.68 -14.42 2.03
N PRO C 424 -22.74 -14.86 1.37
CA PRO C 424 -23.87 -15.46 2.11
C PRO C 424 -23.53 -16.83 2.65
N ALA C 425 -24.22 -17.22 3.72
CA ALA C 425 -23.81 -18.38 4.51
C ALA C 425 -23.74 -19.64 3.67
N GLU C 426 -24.64 -19.80 2.71
CA GLU C 426 -24.61 -20.99 1.86
C GLU C 426 -23.37 -21.00 0.97
N GLU C 427 -23.02 -19.85 0.39
CA GLU C 427 -21.88 -19.73 -0.52
C GLU C 427 -20.56 -20.09 0.18
N PHE C 428 -20.36 -19.61 1.40
CA PHE C 428 -19.12 -19.90 2.12
C PHE C 428 -18.93 -21.39 2.32
N GLN C 429 -20.00 -22.08 2.71
CA GLN C 429 -19.88 -23.50 3.02
C GLN C 429 -19.32 -24.29 1.84
N ALA C 430 -19.70 -23.91 0.62
CA ALA C 430 -19.16 -24.57 -0.56
C ALA C 430 -17.64 -24.40 -0.64
N LEU C 431 -17.17 -23.18 -0.42
CA LEU C 431 -15.74 -22.91 -0.47
C LEU C 431 -15.00 -23.65 0.62
N ALA C 432 -15.49 -23.58 1.86
CA ALA C 432 -14.84 -24.25 2.98
C ALA C 432 -14.82 -25.77 2.81
N GLU C 433 -15.84 -26.32 2.16
CA GLU C 433 -15.86 -27.76 1.90
C GLU C 433 -14.99 -28.15 0.72
N GLY C 434 -14.47 -27.19 -0.03
CA GLY C 434 -13.70 -27.47 -1.20
C GLY C 434 -14.51 -27.55 -2.48
N ARG C 435 -15.82 -27.35 -2.40
CA ARG C 435 -16.67 -27.36 -3.58
C ARG C 435 -16.36 -26.17 -4.47
N GLN C 436 -16.64 -26.33 -5.76
CA GLN C 436 -16.33 -25.30 -6.74
C GLN C 436 -17.46 -24.28 -6.75
N ALA C 437 -17.27 -23.19 -6.02
CA ALA C 437 -18.23 -22.10 -6.01
C ALA C 437 -17.92 -21.11 -7.12
N ALA C 438 -18.93 -20.35 -7.52
CA ALA C 438 -18.79 -19.44 -8.65
C ALA C 438 -17.67 -18.43 -8.42
N ALA C 439 -17.65 -17.82 -7.26
CA ALA C 439 -16.70 -16.74 -6.96
C ALA C 439 -15.26 -17.24 -6.96
N PRO C 440 -14.39 -16.75 -7.86
CA PRO C 440 -13.00 -17.20 -7.88
C PRO C 440 -12.12 -16.44 -6.90
N HIS C 441 -12.41 -15.15 -6.71
CA HIS C 441 -11.63 -14.35 -5.77
C HIS C 441 -11.84 -14.81 -4.33
N PRO C 442 -13.08 -14.96 -3.83
CA PRO C 442 -13.23 -15.56 -2.50
C PRO C 442 -12.67 -16.96 -2.42
N GLN C 443 -12.73 -17.72 -3.53
CA GLN C 443 -12.16 -19.06 -3.53
C GLN C 443 -10.67 -19.02 -3.24
N LEU C 444 -9.95 -18.11 -3.89
CA LEU C 444 -8.53 -17.96 -3.62
C LEU C 444 -8.28 -17.58 -2.17
N LEU C 445 -9.12 -16.69 -1.63
CA LEU C 445 -8.97 -16.29 -0.23
C LEU C 445 -9.19 -17.48 0.70
N VAL C 446 -10.17 -18.33 0.39
CA VAL C 446 -10.41 -19.48 1.25
C VAL C 446 -9.25 -20.48 1.17
N ARG C 447 -8.72 -20.71 -0.04
CA ARG C 447 -7.62 -21.67 -0.20
C ARG C 447 -6.35 -21.26 0.52
N ARG C 448 -6.21 -19.98 0.91
CA ARG C 448 -5.08 -19.54 1.72
C ARG C 448 -5.24 -19.81 3.21
N LEU C 449 -6.47 -20.02 3.67
CA LEU C 449 -6.70 -20.20 5.09
C LEU C 449 -6.17 -21.56 5.56
N PRO C 450 -5.68 -21.64 6.81
CA PRO C 450 -5.21 -22.92 7.33
C PRO C 450 -6.31 -23.95 7.32
N SER C 451 -5.91 -25.21 7.09
CA SER C 451 -6.89 -26.29 7.12
C SER C 451 -7.52 -26.42 8.50
N GLN C 452 -6.70 -26.30 9.56
CA GLN C 452 -7.21 -26.47 10.92
C GLN C 452 -8.35 -25.51 11.22
N GLN C 453 -8.19 -24.24 10.85
CA GLN C 453 -9.21 -23.26 11.18
C GLN C 453 -10.46 -23.47 10.35
N ILE C 454 -10.31 -23.85 9.09
CA ILE C 454 -11.46 -24.14 8.24
C ILE C 454 -12.18 -25.39 8.76
N LYS C 455 -11.43 -26.45 9.07
CA LYS C 455 -12.06 -27.66 9.57
C LYS C 455 -12.72 -27.42 10.93
N ALA C 456 -12.09 -26.60 11.78
CA ALA C 456 -12.70 -26.25 13.07
C ALA C 456 -14.01 -25.50 12.85
N TYR C 457 -14.07 -24.66 11.82
CA TYR C 457 -15.32 -24.00 11.48
C TYR C 457 -16.35 -25.02 11.01
N LEU C 458 -15.94 -25.93 10.11
CA LEU C 458 -16.87 -26.93 9.61
C LEU C 458 -17.43 -27.77 10.74
N GLU C 459 -16.58 -28.13 11.71
CA GLU C 459 -17.04 -28.95 12.83
C GLU C 459 -17.99 -28.16 13.71
N ALA C 460 -17.76 -26.85 13.88
CA ALA C 460 -18.66 -26.03 14.67
C ALA C 460 -20.06 -26.01 14.07
N MET C 461 -20.16 -25.94 12.74
CA MET C 461 -21.47 -25.96 12.10
C MET C 461 -22.14 -27.32 12.20
N LYS C 462 -21.35 -28.40 12.25
CA LYS C 462 -21.92 -29.73 12.43
C LYS C 462 -22.72 -29.86 13.73
N GLY C 463 -22.33 -29.13 14.77
CA GLY C 463 -23.08 -29.19 16.02
C GLY C 463 -24.45 -28.56 15.91
N VAL C 464 -24.55 -27.46 15.16
CA VAL C 464 -25.82 -26.75 14.97
C VAL C 464 -26.26 -26.85 13.51
N ALA C 465 -26.27 -28.08 12.97
CA ALA C 465 -26.51 -28.27 11.55
C ALA C 465 -27.94 -27.89 11.15
N GLU C 466 -28.93 -28.58 11.68
CA GLU C 466 -30.32 -28.17 11.47
C GLU C 466 -30.86 -27.44 12.69
N ASP C 467 -30.08 -26.48 13.15
CA ASP C 467 -30.45 -25.66 14.29
C ASP C 467 -31.53 -24.67 13.89
N PRO C 468 -32.44 -24.29 14.81
CA PRO C 468 -33.43 -23.27 14.43
C PRO C 468 -32.84 -21.91 14.14
N LEU C 469 -31.82 -21.48 14.89
CA LEU C 469 -31.15 -20.21 14.64
C LEU C 469 -29.72 -20.40 14.16
N GLN C 470 -29.54 -21.16 13.07
CA GLN C 470 -28.21 -21.49 12.59
C GLN C 470 -27.54 -20.32 11.84
N ARG C 471 -28.33 -19.43 11.23
CA ARG C 471 -27.72 -18.31 10.50
C ARG C 471 -26.96 -17.39 11.43
N GLN C 472 -27.52 -17.12 12.62
CA GLN C 472 -26.82 -16.30 13.62
C GLN C 472 -25.52 -16.97 14.06
N TRP C 473 -25.54 -18.30 14.22
CA TRP C 473 -24.35 -19.03 14.64
C TRP C 473 -23.35 -19.20 13.50
N GLU C 474 -23.83 -19.35 12.26
CA GLU C 474 -22.91 -19.57 11.15
C GLU C 474 -21.96 -18.39 11.00
N PHE C 475 -22.52 -17.18 10.89
CA PHE C 475 -21.69 -16.00 10.74
C PHE C 475 -20.86 -15.77 11.99
N TYR C 476 -21.38 -16.15 13.15
CA TYR C 476 -20.61 -16.02 14.39
C TYR C 476 -19.33 -16.83 14.32
N HIS C 477 -19.43 -18.08 13.86
CA HIS C 477 -18.24 -18.91 13.70
C HIS C 477 -17.41 -18.49 12.51
N ARG C 478 -18.03 -17.86 11.52
CA ARG C 478 -17.29 -17.25 10.42
C ARG C 478 -16.34 -16.17 10.94
N CYS C 479 -16.86 -15.22 11.72
CA CYS C 479 -16.02 -14.21 12.32
C CYS C 479 -15.02 -14.83 13.28
N ARG C 480 -15.47 -15.84 14.03
CA ARG C 480 -14.60 -16.52 14.99
C ARG C 480 -13.38 -17.12 14.29
N MET C 481 -13.60 -17.73 13.11
CA MET C 481 -12.52 -18.32 12.34
C MET C 481 -11.49 -17.29 11.91
N LEU C 482 -11.96 -16.11 11.46
CA LEU C 482 -11.06 -15.06 11.02
C LEU C 482 -10.21 -14.53 12.17
N GLN C 483 -10.78 -14.48 13.38
CA GLN C 483 -9.97 -14.05 14.52
C GLN C 483 -8.93 -15.09 14.87
N ASP C 484 -9.23 -16.38 14.66
CA ASP C 484 -8.23 -17.42 14.88
C ASP C 484 -7.07 -17.27 13.92
N PHE C 485 -7.39 -16.93 12.66
CA PHE C 485 -6.38 -16.83 11.61
C PHE C 485 -5.37 -15.76 11.92
N VAL C 486 -5.84 -14.54 12.20
CA VAL C 486 -4.96 -13.41 12.40
C VAL C 486 -4.21 -13.52 13.72
N SER C 487 -4.86 -14.00 14.78
CA SER C 487 -4.17 -14.10 16.06
C SER C 487 -3.21 -15.27 16.09
N GLY C 488 -3.42 -16.27 15.23
CA GLY C 488 -2.49 -17.38 15.14
C GLY C 488 -1.22 -17.07 14.39
N MET C 489 -1.14 -15.93 13.73
CA MET C 489 0.05 -15.58 12.97
C MET C 489 1.18 -15.14 13.89
N THR C 490 2.40 -15.37 13.44
CA THR C 490 3.57 -14.70 14.00
C THR C 490 3.71 -13.30 13.41
N ASP C 491 4.65 -12.52 13.94
CA ASP C 491 4.90 -11.18 13.41
C ASP C 491 5.17 -11.23 11.92
N GLN C 492 6.17 -12.01 11.51
CA GLN C 492 6.53 -12.03 10.11
C GLN C 492 5.46 -12.70 9.26
N HIS C 493 4.79 -13.72 9.81
CA HIS C 493 3.70 -14.33 9.06
C HIS C 493 2.64 -13.30 8.72
N ALA C 494 2.32 -12.42 9.67
CA ALA C 494 1.36 -11.36 9.44
C ALA C 494 1.90 -10.34 8.45
N GLN C 495 3.11 -9.84 8.70
CA GLN C 495 3.70 -8.84 7.81
C GLN C 495 3.84 -9.40 6.40
N ASP C 496 4.23 -10.67 6.29
CA ASP C 496 4.38 -11.27 4.97
C ASP C 496 3.03 -11.36 4.28
N GLU C 497 2.02 -11.91 4.96
CA GLU C 497 0.71 -12.07 4.35
C GLU C 497 0.09 -10.72 4.00
N TYR C 498 0.27 -9.73 4.88
CA TYR C 498 -0.17 -8.38 4.55
C TYR C 498 0.55 -7.87 3.32
N ARG C 499 1.87 -8.05 3.27
CA ARG C 499 2.65 -7.56 2.15
C ARG C 499 2.30 -8.31 0.87
N ALA C 500 2.09 -9.63 0.97
CA ALA C 500 1.80 -10.42 -0.22
C ALA C 500 0.49 -10.01 -0.87
N LEU C 501 -0.58 -9.95 -0.06
CA LEU C 501 -1.88 -9.55 -0.60
C LEU C 501 -1.88 -8.13 -1.12
N SER C 502 -1.08 -7.25 -0.50
CA SER C 502 -0.95 -5.89 -1.01
C SER C 502 -0.31 -5.84 -2.37
N ALA C 503 0.48 -6.88 -2.72
CA ALA C 503 1.21 -6.96 -3.99
C ALA C 503 2.23 -5.84 -4.12
N LEU C 504 2.80 -5.40 -2.99
CA LEU C 504 3.87 -4.41 -3.05
C LEU C 504 5.18 -4.97 -2.47
#